data_6HIC
# 
_entry.id   6HIC 
# 
_audit_conform.dict_name       mmcif_pdbx.dic 
_audit_conform.dict_version    5.383 
_audit_conform.dict_location   http://mmcif.pdb.org/dictionaries/ascii/mmcif_pdbx.dic 
# 
loop_
_database_2.database_id 
_database_2.database_code 
_database_2.pdbx_database_accession 
_database_2.pdbx_DOI 
PDB   6HIC         pdb_00006hic 10.2210/pdb6hic/pdb 
WWPDB D_1200011699 ?            ?                   
# 
loop_
_pdbx_audit_revision_history.ordinal 
_pdbx_audit_revision_history.data_content_type 
_pdbx_audit_revision_history.major_revision 
_pdbx_audit_revision_history.minor_revision 
_pdbx_audit_revision_history.revision_date 
1 'Structure model' 1 0 2019-02-20 
2 'Structure model' 1 1 2020-11-04 
3 'Structure model' 1 2 2024-01-17 
# 
_pdbx_audit_revision_details.ordinal             1 
_pdbx_audit_revision_details.revision_ordinal    1 
_pdbx_audit_revision_details.data_content_type   'Structure model' 
_pdbx_audit_revision_details.provider            repository 
_pdbx_audit_revision_details.type                'Initial release' 
_pdbx_audit_revision_details.description         ? 
_pdbx_audit_revision_details.details             ? 
# 
loop_
_pdbx_audit_revision_group.ordinal 
_pdbx_audit_revision_group.revision_ordinal 
_pdbx_audit_revision_group.data_content_type 
_pdbx_audit_revision_group.group 
1 2 'Structure model' 'Database references'    
2 3 'Structure model' 'Data collection'        
3 3 'Structure model' 'Database references'    
4 3 'Structure model' 'Refinement description' 
# 
loop_
_pdbx_audit_revision_category.ordinal 
_pdbx_audit_revision_category.revision_ordinal 
_pdbx_audit_revision_category.data_content_type 
_pdbx_audit_revision_category.category 
1 2 'Structure model' citation                      
2 2 'Structure model' citation_author               
3 3 'Structure model' chem_comp_atom                
4 3 'Structure model' chem_comp_bond                
5 3 'Structure model' database_2                    
6 3 'Structure model' pdbx_initial_refinement_model 
# 
loop_
_pdbx_audit_revision_item.ordinal 
_pdbx_audit_revision_item.revision_ordinal 
_pdbx_audit_revision_item.data_content_type 
_pdbx_audit_revision_item.item 
1  2 'Structure model' '_citation.country'                   
2  2 'Structure model' '_citation.journal_abbrev'            
3  2 'Structure model' '_citation.journal_id_CSD'            
4  2 'Structure model' '_citation.journal_id_ISSN'           
5  2 'Structure model' '_citation.journal_volume'            
6  2 'Structure model' '_citation.page_first'                
7  2 'Structure model' '_citation.page_last'                 
8  2 'Structure model' '_citation.pdbx_database_id_DOI'      
9  2 'Structure model' '_citation.pdbx_database_id_PubMed'   
10 2 'Structure model' '_citation.title'                     
11 2 'Structure model' '_citation.year'                      
12 3 'Structure model' '_database_2.pdbx_DOI'                
13 3 'Structure model' '_database_2.pdbx_database_accession' 
# 
_pdbx_database_status.status_code                     REL 
_pdbx_database_status.status_code_sf                  REL 
_pdbx_database_status.status_code_mr                  ? 
_pdbx_database_status.entry_id                        6HIC 
_pdbx_database_status.recvd_initial_deposition_date   2018-08-29 
_pdbx_database_status.SG_entry                        N 
_pdbx_database_status.deposit_site                    PDBE 
_pdbx_database_status.process_site                    PDBE 
_pdbx_database_status.status_code_cs                  ? 
_pdbx_database_status.methods_development_category    ? 
_pdbx_database_status.pdb_format_compatible           Y 
_pdbx_database_status.status_code_nmr_data            ? 
# 
loop_
_audit_author.name 
_audit_author.pdbx_ordinal 
_audit_author.identifier_ORCID 
'Sledz, P.'    1 ? 
'Caflisch, A.' 2 ? 
# 
_citation.abstract                  ? 
_citation.abstract_id_CAS           ? 
_citation.book_id_ISBN              ? 
_citation.book_publisher            ? 
_citation.book_publisher_city       ? 
_citation.book_title                ? 
_citation.coordinate_linkage        ? 
_citation.country                   US 
_citation.database_id_Medline       ? 
_citation.details                   ? 
_citation.id                        primary 
_citation.journal_abbrev            'Acs Med.Chem.Lett.' 
_citation.journal_id_ASTM           ? 
_citation.journal_id_CSD            ? 
_citation.journal_id_ISSN           1948-5875 
_citation.journal_full              ? 
_citation.journal_issue             ? 
_citation.journal_volume            11 
_citation.language                  ? 
_citation.page_first                1573 
_citation.page_last                 1580 
_citation.title                     'Hitting a Moving Target: Simulation and Crystallography Study of ATAD2 Bromodomain Blockers.' 
_citation.year                      2020 
_citation.database_id_CSD           ? 
_citation.pdbx_database_id_DOI      10.1021/acsmedchemlett.0c00080 
_citation.pdbx_database_id_PubMed   32832026 
_citation.unpublished_flag          ? 
# 
loop_
_citation_author.citation_id 
_citation_author.name 
_citation_author.ordinal 
_citation_author.identifier_ORCID 
primary 'Dolbois, A.'        1  ? 
primary 'Batiste, L.'        2  ? 
primary 'Wiedmer, L.'        3  ? 
primary 'Dong, J.'           4  ? 
primary 'Brutsch, M.'        5  ? 
primary 'Huang, D.'          6  ? 
primary 'Deerain, N.M.'      7  ? 
primary 'Spiliotopoulos, D.' 8  ? 
primary 'Cheng-Sanchez, I.'  9  ? 
primary 'Laul, E.'           10 ? 
primary 'Nevado, C.'         11 ? 
primary 'Sledz, P.'          12 ? 
primary 'Caflisch, A.'       13 ? 
# 
loop_
_entity.id 
_entity.type 
_entity.src_method 
_entity.pdbx_description 
_entity.formula_weight 
_entity.pdbx_number_of_molecules 
_entity.pdbx_ec 
_entity.pdbx_mutation 
_entity.pdbx_fragment 
_entity.details 
1 polymer     man 'ATPase family AAA domain-containing protein 2' 15453.514 1   ? ? ? ? 
2 non-polymer syn 
'(2~{R})-~{N}-[4-ethanoyl-5-[4-(2-oxidanylidenepyrrolidin-1-yl)phenyl]-1,3-thiazol-2-yl]piperazine-2-carboxamide' 413.493   2   ? 
? ? ? 
3 non-polymer syn 'SULFATE ION' 96.063    1   ? ? ? ? 
4 water       nat water 18.015    168 ? ? ? ? 
# 
_entity_name_com.entity_id   1 
_entity_name_com.name        'Bromodomain of ATAD2' 
# 
_entity_poly.entity_id                      1 
_entity_poly.type                           'polypeptide(L)' 
_entity_poly.nstd_linkage                   no 
_entity_poly.nstd_monomer                   no 
_entity_poly.pdbx_seq_one_letter_code       
;SMQEEDTFRELRIFLRNVTHRLAIDKRFRVFTKPVDPDEVPDYVTVIKQPMDLSSVISKIDLHKYLTVKDYLRDIDLICS
NALEYNPDRDPGDRLIRHRACALRDTAYAIIKEELDEDFEQLCEEIQESR
;
_entity_poly.pdbx_seq_one_letter_code_can   
;SMQEEDTFRELRIFLRNVTHRLAIDKRFRVFTKPVDPDEVPDYVTVIKQPMDLSSVISKIDLHKYLTVKDYLRDIDLICS
NALEYNPDRDPGDRLIRHRACALRDTAYAIIKEELDEDFEQLCEEIQESR
;
_entity_poly.pdbx_strand_id                 A 
_entity_poly.pdbx_target_identifier         ? 
# 
loop_
_pdbx_entity_nonpoly.entity_id 
_pdbx_entity_nonpoly.name 
_pdbx_entity_nonpoly.comp_id 
2 '(2~{R})-~{N}-[4-ethanoyl-5-[4-(2-oxidanylidenepyrrolidin-1-yl)phenyl]-1,3-thiazol-2-yl]piperazine-2-carboxamide' G7H 
3 'SULFATE ION'                                                                                                     SO4 
4 water                                                                                                             HOH 
# 
loop_
_entity_poly_seq.entity_id 
_entity_poly_seq.num 
_entity_poly_seq.mon_id 
_entity_poly_seq.hetero 
1 1   SER n 
1 2   MET n 
1 3   GLN n 
1 4   GLU n 
1 5   GLU n 
1 6   ASP n 
1 7   THR n 
1 8   PHE n 
1 9   ARG n 
1 10  GLU n 
1 11  LEU n 
1 12  ARG n 
1 13  ILE n 
1 14  PHE n 
1 15  LEU n 
1 16  ARG n 
1 17  ASN n 
1 18  VAL n 
1 19  THR n 
1 20  HIS n 
1 21  ARG n 
1 22  LEU n 
1 23  ALA n 
1 24  ILE n 
1 25  ASP n 
1 26  LYS n 
1 27  ARG n 
1 28  PHE n 
1 29  ARG n 
1 30  VAL n 
1 31  PHE n 
1 32  THR n 
1 33  LYS n 
1 34  PRO n 
1 35  VAL n 
1 36  ASP n 
1 37  PRO n 
1 38  ASP n 
1 39  GLU n 
1 40  VAL n 
1 41  PRO n 
1 42  ASP n 
1 43  TYR n 
1 44  VAL n 
1 45  THR n 
1 46  VAL n 
1 47  ILE n 
1 48  LYS n 
1 49  GLN n 
1 50  PRO n 
1 51  MET n 
1 52  ASP n 
1 53  LEU n 
1 54  SER n 
1 55  SER n 
1 56  VAL n 
1 57  ILE n 
1 58  SER n 
1 59  LYS n 
1 60  ILE n 
1 61  ASP n 
1 62  LEU n 
1 63  HIS n 
1 64  LYS n 
1 65  TYR n 
1 66  LEU n 
1 67  THR n 
1 68  VAL n 
1 69  LYS n 
1 70  ASP n 
1 71  TYR n 
1 72  LEU n 
1 73  ARG n 
1 74  ASP n 
1 75  ILE n 
1 76  ASP n 
1 77  LEU n 
1 78  ILE n 
1 79  CYS n 
1 80  SER n 
1 81  ASN n 
1 82  ALA n 
1 83  LEU n 
1 84  GLU n 
1 85  TYR n 
1 86  ASN n 
1 87  PRO n 
1 88  ASP n 
1 89  ARG n 
1 90  ASP n 
1 91  PRO n 
1 92  GLY n 
1 93  ASP n 
1 94  ARG n 
1 95  LEU n 
1 96  ILE n 
1 97  ARG n 
1 98  HIS n 
1 99  ARG n 
1 100 ALA n 
1 101 CYS n 
1 102 ALA n 
1 103 LEU n 
1 104 ARG n 
1 105 ASP n 
1 106 THR n 
1 107 ALA n 
1 108 TYR n 
1 109 ALA n 
1 110 ILE n 
1 111 ILE n 
1 112 LYS n 
1 113 GLU n 
1 114 GLU n 
1 115 LEU n 
1 116 ASP n 
1 117 GLU n 
1 118 ASP n 
1 119 PHE n 
1 120 GLU n 
1 121 GLN n 
1 122 LEU n 
1 123 CYS n 
1 124 GLU n 
1 125 GLU n 
1 126 ILE n 
1 127 GLN n 
1 128 GLU n 
1 129 SER n 
1 130 ARG n 
# 
_entity_src_gen.entity_id                          1 
_entity_src_gen.pdbx_src_id                        1 
_entity_src_gen.pdbx_alt_source_flag               sample 
_entity_src_gen.pdbx_seq_type                      ? 
_entity_src_gen.pdbx_beg_seq_num                   ? 
_entity_src_gen.pdbx_end_seq_num                   ? 
_entity_src_gen.gene_src_common_name               Human 
_entity_src_gen.gene_src_genus                     ? 
_entity_src_gen.pdbx_gene_src_gene                 ? 
_entity_src_gen.gene_src_species                   ? 
_entity_src_gen.gene_src_strain                    ? 
_entity_src_gen.gene_src_tissue                    ? 
_entity_src_gen.gene_src_tissue_fraction           ? 
_entity_src_gen.gene_src_details                   ? 
_entity_src_gen.pdbx_gene_src_fragment             ? 
_entity_src_gen.pdbx_gene_src_scientific_name      'Homo sapiens' 
_entity_src_gen.pdbx_gene_src_ncbi_taxonomy_id     9606 
_entity_src_gen.pdbx_gene_src_variant              ? 
_entity_src_gen.pdbx_gene_src_cell_line            ? 
_entity_src_gen.pdbx_gene_src_atcc                 ? 
_entity_src_gen.pdbx_gene_src_organ                ? 
_entity_src_gen.pdbx_gene_src_organelle            ? 
_entity_src_gen.pdbx_gene_src_cell                 ? 
_entity_src_gen.pdbx_gene_src_cellular_location    ? 
_entity_src_gen.host_org_common_name               ? 
_entity_src_gen.pdbx_host_org_scientific_name      'Escherichia coli' 
_entity_src_gen.pdbx_host_org_ncbi_taxonomy_id     562 
_entity_src_gen.host_org_genus                     ? 
_entity_src_gen.pdbx_host_org_gene                 ? 
_entity_src_gen.pdbx_host_org_organ                ? 
_entity_src_gen.host_org_species                   ? 
_entity_src_gen.pdbx_host_org_tissue               ? 
_entity_src_gen.pdbx_host_org_tissue_fraction      ? 
_entity_src_gen.pdbx_host_org_strain               ? 
_entity_src_gen.pdbx_host_org_variant              ? 
_entity_src_gen.pdbx_host_org_cell_line            ? 
_entity_src_gen.pdbx_host_org_atcc                 ? 
_entity_src_gen.pdbx_host_org_culture_collection   ? 
_entity_src_gen.pdbx_host_org_cell                 ? 
_entity_src_gen.pdbx_host_org_organelle            ? 
_entity_src_gen.pdbx_host_org_cellular_location    ? 
_entity_src_gen.pdbx_host_org_vector_type          ? 
_entity_src_gen.pdbx_host_org_vector               ? 
_entity_src_gen.host_org_details                   ? 
_entity_src_gen.expression_system_id               ? 
_entity_src_gen.plasmid_name                       ? 
_entity_src_gen.plasmid_details                    ? 
_entity_src_gen.pdbx_description                   ? 
# 
loop_
_chem_comp.id 
_chem_comp.type 
_chem_comp.mon_nstd_flag 
_chem_comp.name 
_chem_comp.pdbx_synonyms 
_chem_comp.formula 
_chem_comp.formula_weight 
ALA 'L-peptide linking' y ALANINE ? 'C3 H7 N O2'      89.093  
ARG 'L-peptide linking' y ARGININE ? 'C6 H15 N4 O2 1'  175.209 
ASN 'L-peptide linking' y ASPARAGINE ? 'C4 H8 N2 O3'     132.118 
ASP 'L-peptide linking' y 'ASPARTIC ACID' ? 'C4 H7 N O4'      133.103 
CYS 'L-peptide linking' y CYSTEINE ? 'C3 H7 N O2 S'    121.158 
G7H non-polymer         . 
'(2~{R})-~{N}-[4-ethanoyl-5-[4-(2-oxidanylidenepyrrolidin-1-yl)phenyl]-1,3-thiazol-2-yl]piperazine-2-carboxamide' ? 
'C20 H23 N5 O3 S' 413.493 
GLN 'L-peptide linking' y GLUTAMINE ? 'C5 H10 N2 O3'    146.144 
GLU 'L-peptide linking' y 'GLUTAMIC ACID' ? 'C5 H9 N O4'      147.129 
GLY 'peptide linking'   y GLYCINE ? 'C2 H5 N O2'      75.067  
HIS 'L-peptide linking' y HISTIDINE ? 'C6 H10 N3 O2 1'  156.162 
HOH non-polymer         . WATER ? 'H2 O'            18.015  
ILE 'L-peptide linking' y ISOLEUCINE ? 'C6 H13 N O2'     131.173 
LEU 'L-peptide linking' y LEUCINE ? 'C6 H13 N O2'     131.173 
LYS 'L-peptide linking' y LYSINE ? 'C6 H15 N2 O2 1'  147.195 
MET 'L-peptide linking' y METHIONINE ? 'C5 H11 N O2 S'   149.211 
PHE 'L-peptide linking' y PHENYLALANINE ? 'C9 H11 N O2'     165.189 
PRO 'L-peptide linking' y PROLINE ? 'C5 H9 N O2'      115.130 
SER 'L-peptide linking' y SERINE ? 'C3 H7 N O3'      105.093 
SO4 non-polymer         . 'SULFATE ION' ? 'O4 S -2'         96.063  
THR 'L-peptide linking' y THREONINE ? 'C4 H9 N O3'      119.119 
TYR 'L-peptide linking' y TYROSINE ? 'C9 H11 N O3'     181.189 
VAL 'L-peptide linking' y VALINE ? 'C5 H11 N O2'     117.146 
# 
loop_
_pdbx_poly_seq_scheme.asym_id 
_pdbx_poly_seq_scheme.entity_id 
_pdbx_poly_seq_scheme.seq_id 
_pdbx_poly_seq_scheme.mon_id 
_pdbx_poly_seq_scheme.ndb_seq_num 
_pdbx_poly_seq_scheme.pdb_seq_num 
_pdbx_poly_seq_scheme.auth_seq_num 
_pdbx_poly_seq_scheme.pdb_mon_id 
_pdbx_poly_seq_scheme.auth_mon_id 
_pdbx_poly_seq_scheme.pdb_strand_id 
_pdbx_poly_seq_scheme.pdb_ins_code 
_pdbx_poly_seq_scheme.hetero 
A 1 1   SER 1   979  979  SER SER A . n 
A 1 2   MET 2   980  980  MET MET A . n 
A 1 3   GLN 3   981  981  GLN GLN A . n 
A 1 4   GLU 4   982  982  GLU GLU A . n 
A 1 5   GLU 5   983  983  GLU GLU A . n 
A 1 6   ASP 6   984  984  ASP ASP A . n 
A 1 7   THR 7   985  985  THR THR A . n 
A 1 8   PHE 8   986  986  PHE PHE A . n 
A 1 9   ARG 9   987  987  ARG ARG A . n 
A 1 10  GLU 10  988  988  GLU GLU A . n 
A 1 11  LEU 11  989  989  LEU LEU A . n 
A 1 12  ARG 12  990  990  ARG ARG A . n 
A 1 13  ILE 13  991  991  ILE ILE A . n 
A 1 14  PHE 14  992  992  PHE PHE A . n 
A 1 15  LEU 15  993  993  LEU LEU A . n 
A 1 16  ARG 16  994  994  ARG ARG A . n 
A 1 17  ASN 17  995  995  ASN ASN A . n 
A 1 18  VAL 18  996  996  VAL VAL A . n 
A 1 19  THR 19  997  997  THR THR A . n 
A 1 20  HIS 20  998  998  HIS HIS A . n 
A 1 21  ARG 21  999  999  ARG ARG A . n 
A 1 22  LEU 22  1000 1000 LEU LEU A . n 
A 1 23  ALA 23  1001 1001 ALA ALA A . n 
A 1 24  ILE 24  1002 1002 ILE ILE A . n 
A 1 25  ASP 25  1003 1003 ASP ASP A . n 
A 1 26  LYS 26  1004 1004 LYS LYS A . n 
A 1 27  ARG 27  1005 1005 ARG ARG A . n 
A 1 28  PHE 28  1006 1006 PHE PHE A . n 
A 1 29  ARG 29  1007 1007 ARG ARG A . n 
A 1 30  VAL 30  1008 1008 VAL VAL A . n 
A 1 31  PHE 31  1009 1009 PHE PHE A . n 
A 1 32  THR 32  1010 1010 THR THR A . n 
A 1 33  LYS 33  1011 1011 LYS LYS A . n 
A 1 34  PRO 34  1012 1012 PRO PRO A . n 
A 1 35  VAL 35  1013 1013 VAL VAL A . n 
A 1 36  ASP 36  1014 1014 ASP ASP A . n 
A 1 37  PRO 37  1015 1015 PRO PRO A . n 
A 1 38  ASP 38  1016 1016 ASP ASP A . n 
A 1 39  GLU 39  1017 1017 GLU GLU A . n 
A 1 40  VAL 40  1018 1018 VAL VAL A . n 
A 1 41  PRO 41  1019 1019 PRO PRO A . n 
A 1 42  ASP 42  1020 1020 ASP ASP A . n 
A 1 43  TYR 43  1021 1021 TYR TYR A . n 
A 1 44  VAL 44  1022 1022 VAL VAL A . n 
A 1 45  THR 45  1023 1023 THR THR A . n 
A 1 46  VAL 46  1024 1024 VAL VAL A . n 
A 1 47  ILE 47  1025 1025 ILE ILE A . n 
A 1 48  LYS 48  1026 1026 LYS LYS A . n 
A 1 49  GLN 49  1027 1027 GLN GLN A . n 
A 1 50  PRO 50  1028 1028 PRO PRO A . n 
A 1 51  MET 51  1029 1029 MET MET A . n 
A 1 52  ASP 52  1030 1030 ASP ASP A . n 
A 1 53  LEU 53  1031 1031 LEU LEU A . n 
A 1 54  SER 54  1032 1032 SER SER A . n 
A 1 55  SER 55  1033 1033 SER SER A . n 
A 1 56  VAL 56  1034 1034 VAL VAL A . n 
A 1 57  ILE 57  1035 1035 ILE ILE A . n 
A 1 58  SER 58  1036 1036 SER SER A . n 
A 1 59  LYS 59  1037 1037 LYS LYS A . n 
A 1 60  ILE 60  1038 1038 ILE ILE A . n 
A 1 61  ASP 61  1039 1039 ASP ASP A . n 
A 1 62  LEU 62  1040 1040 LEU LEU A . n 
A 1 63  HIS 63  1041 1041 HIS HIS A . n 
A 1 64  LYS 64  1042 1042 LYS LYS A . n 
A 1 65  TYR 65  1043 1043 TYR TYR A . n 
A 1 66  LEU 66  1044 1044 LEU LEU A . n 
A 1 67  THR 67  1045 1045 THR THR A . n 
A 1 68  VAL 68  1046 1046 VAL VAL A . n 
A 1 69  LYS 69  1047 1047 LYS LYS A . n 
A 1 70  ASP 70  1048 1048 ASP ASP A . n 
A 1 71  TYR 71  1049 1049 TYR TYR A . n 
A 1 72  LEU 72  1050 1050 LEU LEU A . n 
A 1 73  ARG 73  1051 1051 ARG ARG A . n 
A 1 74  ASP 74  1052 1052 ASP ASP A . n 
A 1 75  ILE 75  1053 1053 ILE ILE A . n 
A 1 76  ASP 76  1054 1054 ASP ASP A . n 
A 1 77  LEU 77  1055 1055 LEU LEU A . n 
A 1 78  ILE 78  1056 1056 ILE ILE A . n 
A 1 79  CYS 79  1057 1057 CYS CYS A . n 
A 1 80  SER 80  1058 1058 SER SER A . n 
A 1 81  ASN 81  1059 1059 ASN ASN A . n 
A 1 82  ALA 82  1060 1060 ALA ALA A . n 
A 1 83  LEU 83  1061 1061 LEU LEU A . n 
A 1 84  GLU 84  1062 1062 GLU GLU A . n 
A 1 85  TYR 85  1063 1063 TYR TYR A . n 
A 1 86  ASN 86  1064 1064 ASN ASN A . n 
A 1 87  PRO 87  1065 1065 PRO PRO A . n 
A 1 88  ASP 88  1066 1066 ASP ASP A . n 
A 1 89  ARG 89  1067 1067 ARG ARG A . n 
A 1 90  ASP 90  1068 1068 ASP ASP A . n 
A 1 91  PRO 91  1069 1069 PRO PRO A . n 
A 1 92  GLY 92  1070 1070 GLY GLY A . n 
A 1 93  ASP 93  1071 1071 ASP ASP A . n 
A 1 94  ARG 94  1072 1072 ARG ARG A . n 
A 1 95  LEU 95  1073 1073 LEU LEU A . n 
A 1 96  ILE 96  1074 1074 ILE ILE A . n 
A 1 97  ARG 97  1075 1075 ARG ARG A . n 
A 1 98  HIS 98  1076 1076 HIS HIS A . n 
A 1 99  ARG 99  1077 1077 ARG ARG A . n 
A 1 100 ALA 100 1078 1078 ALA ALA A . n 
A 1 101 CYS 101 1079 1079 CYS CYS A . n 
A 1 102 ALA 102 1080 1080 ALA ALA A . n 
A 1 103 LEU 103 1081 1081 LEU LEU A . n 
A 1 104 ARG 104 1082 1082 ARG ARG A . n 
A 1 105 ASP 105 1083 1083 ASP ASP A . n 
A 1 106 THR 106 1084 1084 THR THR A . n 
A 1 107 ALA 107 1085 1085 ALA ALA A . n 
A 1 108 TYR 108 1086 1086 TYR TYR A . n 
A 1 109 ALA 109 1087 1087 ALA ALA A . n 
A 1 110 ILE 110 1088 1088 ILE ILE A . n 
A 1 111 ILE 111 1089 1089 ILE ILE A . n 
A 1 112 LYS 112 1090 1090 LYS LYS A . n 
A 1 113 GLU 113 1091 1091 GLU GLU A . n 
A 1 114 GLU 114 1092 1092 GLU GLU A . n 
A 1 115 LEU 115 1093 1093 LEU LEU A . n 
A 1 116 ASP 116 1094 1094 ASP ASP A . n 
A 1 117 GLU 117 1095 1095 GLU GLU A . n 
A 1 118 ASP 118 1096 1096 ASP ASP A . n 
A 1 119 PHE 119 1097 1097 PHE PHE A . n 
A 1 120 GLU 120 1098 1098 GLU GLU A . n 
A 1 121 GLN 121 1099 1099 GLN GLN A . n 
A 1 122 LEU 122 1100 1100 LEU LEU A . n 
A 1 123 CYS 123 1101 1101 CYS CYS A . n 
A 1 124 GLU 124 1102 1102 GLU GLU A . n 
A 1 125 GLU 125 1103 1103 GLU GLU A . n 
A 1 126 ILE 126 1104 1104 ILE ILE A . n 
A 1 127 GLN 127 1105 1105 GLN GLN A . n 
A 1 128 GLU 128 1106 1106 GLU GLU A . n 
A 1 129 SER 129 1107 1107 SER SER A . n 
A 1 130 ARG 130 1108 1108 ARG ARG A . n 
# 
loop_
_pdbx_nonpoly_scheme.asym_id 
_pdbx_nonpoly_scheme.entity_id 
_pdbx_nonpoly_scheme.mon_id 
_pdbx_nonpoly_scheme.ndb_seq_num 
_pdbx_nonpoly_scheme.pdb_seq_num 
_pdbx_nonpoly_scheme.auth_seq_num 
_pdbx_nonpoly_scheme.pdb_mon_id 
_pdbx_nonpoly_scheme.auth_mon_id 
_pdbx_nonpoly_scheme.pdb_strand_id 
_pdbx_nonpoly_scheme.pdb_ins_code 
B 2 G7H 1   1201 1   G7H DRG A . 
C 2 G7H 1   1202 2   G7H DRG A . 
D 3 SO4 1   1203 1   SO4 SO4 A . 
E 4 HOH 1   1301 91  HOH HOH A . 
E 4 HOH 2   1302 5   HOH HOH A . 
E 4 HOH 3   1303 119 HOH HOH A . 
E 4 HOH 4   1304 94  HOH HOH A . 
E 4 HOH 5   1305 103 HOH HOH A . 
E 4 HOH 6   1306 99  HOH HOH A . 
E 4 HOH 7   1307 142 HOH HOH A . 
E 4 HOH 8   1308 123 HOH HOH A . 
E 4 HOH 9   1309 41  HOH HOH A . 
E 4 HOH 10  1310 93  HOH HOH A . 
E 4 HOH 11  1311 29  HOH HOH A . 
E 4 HOH 12  1312 23  HOH HOH A . 
E 4 HOH 13  1313 13  HOH HOH A . 
E 4 HOH 14  1314 127 HOH HOH A . 
E 4 HOH 15  1315 12  HOH HOH A . 
E 4 HOH 16  1316 92  HOH HOH A . 
E 4 HOH 17  1317 147 HOH HOH A . 
E 4 HOH 18  1318 57  HOH HOH A . 
E 4 HOH 19  1319 87  HOH HOH A . 
E 4 HOH 20  1320 6   HOH HOH A . 
E 4 HOH 21  1321 34  HOH HOH A . 
E 4 HOH 22  1322 89  HOH HOH A . 
E 4 HOH 23  1323 100 HOH HOH A . 
E 4 HOH 24  1324 80  HOH HOH A . 
E 4 HOH 25  1325 10  HOH HOH A . 
E 4 HOH 26  1326 108 HOH HOH A . 
E 4 HOH 27  1327 156 HOH HOH A . 
E 4 HOH 28  1328 106 HOH HOH A . 
E 4 HOH 29  1329 66  HOH HOH A . 
E 4 HOH 30  1330 95  HOH HOH A . 
E 4 HOH 31  1331 63  HOH HOH A . 
E 4 HOH 32  1332 27  HOH HOH A . 
E 4 HOH 33  1333 72  HOH HOH A . 
E 4 HOH 34  1334 145 HOH HOH A . 
E 4 HOH 35  1335 43  HOH HOH A . 
E 4 HOH 36  1336 1   HOH HOH A . 
E 4 HOH 37  1337 102 HOH HOH A . 
E 4 HOH 38  1338 71  HOH HOH A . 
E 4 HOH 39  1339 160 HOH HOH A . 
E 4 HOH 40  1340 60  HOH HOH A . 
E 4 HOH 41  1341 17  HOH HOH A . 
E 4 HOH 42  1342 152 HOH HOH A . 
E 4 HOH 43  1343 124 HOH HOH A . 
E 4 HOH 44  1344 105 HOH HOH A . 
E 4 HOH 45  1345 98  HOH HOH A . 
E 4 HOH 46  1346 143 HOH HOH A . 
E 4 HOH 47  1347 30  HOH HOH A . 
E 4 HOH 48  1348 16  HOH HOH A . 
E 4 HOH 49  1349 37  HOH HOH A . 
E 4 HOH 50  1350 62  HOH HOH A . 
E 4 HOH 51  1351 81  HOH HOH A . 
E 4 HOH 52  1352 9   HOH HOH A . 
E 4 HOH 53  1353 28  HOH HOH A . 
E 4 HOH 54  1354 131 HOH HOH A . 
E 4 HOH 55  1355 135 HOH HOH A . 
E 4 HOH 56  1356 20  HOH HOH A . 
E 4 HOH 57  1357 55  HOH HOH A . 
E 4 HOH 58  1358 47  HOH HOH A . 
E 4 HOH 59  1359 44  HOH HOH A . 
E 4 HOH 60  1360 68  HOH HOH A . 
E 4 HOH 61  1361 22  HOH HOH A . 
E 4 HOH 62  1362 26  HOH HOH A . 
E 4 HOH 63  1363 38  HOH HOH A . 
E 4 HOH 64  1364 31  HOH HOH A . 
E 4 HOH 65  1365 162 HOH HOH A . 
E 4 HOH 66  1366 130 HOH HOH A . 
E 4 HOH 67  1367 14  HOH HOH A . 
E 4 HOH 68  1368 45  HOH HOH A . 
E 4 HOH 69  1369 115 HOH HOH A . 
E 4 HOH 70  1370 33  HOH HOH A . 
E 4 HOH 71  1371 88  HOH HOH A . 
E 4 HOH 72  1372 24  HOH HOH A . 
E 4 HOH 73  1373 146 HOH HOH A . 
E 4 HOH 74  1374 163 HOH HOH A . 
E 4 HOH 75  1375 67  HOH HOH A . 
E 4 HOH 76  1376 21  HOH HOH A . 
E 4 HOH 77  1377 35  HOH HOH A . 
E 4 HOH 78  1378 61  HOH HOH A . 
E 4 HOH 79  1379 18  HOH HOH A . 
E 4 HOH 80  1380 7   HOH HOH A . 
E 4 HOH 81  1381 79  HOH HOH A . 
E 4 HOH 82  1382 59  HOH HOH A . 
E 4 HOH 83  1383 77  HOH HOH A . 
E 4 HOH 84  1384 54  HOH HOH A . 
E 4 HOH 85  1385 120 HOH HOH A . 
E 4 HOH 86  1386 11  HOH HOH A . 
E 4 HOH 87  1387 8   HOH HOH A . 
E 4 HOH 88  1388 42  HOH HOH A . 
E 4 HOH 89  1389 36  HOH HOH A . 
E 4 HOH 90  1390 19  HOH HOH A . 
E 4 HOH 91  1391 113 HOH HOH A . 
E 4 HOH 92  1392 64  HOH HOH A . 
E 4 HOH 93  1393 3   HOH HOH A . 
E 4 HOH 94  1394 58  HOH HOH A . 
E 4 HOH 95  1395 15  HOH HOH A . 
E 4 HOH 96  1396 144 HOH HOH A . 
E 4 HOH 97  1397 140 HOH HOH A . 
E 4 HOH 98  1398 50  HOH HOH A . 
E 4 HOH 99  1399 114 HOH HOH A . 
E 4 HOH 100 1400 4   HOH HOH A . 
E 4 HOH 101 1401 2   HOH HOH A . 
E 4 HOH 102 1402 25  HOH HOH A . 
E 4 HOH 103 1403 82  HOH HOH A . 
E 4 HOH 104 1404 52  HOH HOH A . 
E 4 HOH 105 1405 139 HOH HOH A . 
E 4 HOH 106 1406 151 HOH HOH A . 
E 4 HOH 107 1407 109 HOH HOH A . 
E 4 HOH 108 1408 96  HOH HOH A . 
E 4 HOH 109 1409 157 HOH HOH A . 
E 4 HOH 110 1410 104 HOH HOH A . 
E 4 HOH 111 1411 46  HOH HOH A . 
E 4 HOH 112 1412 168 HOH HOH A . 
E 4 HOH 113 1413 164 HOH HOH A . 
E 4 HOH 114 1414 40  HOH HOH A . 
E 4 HOH 115 1415 155 HOH HOH A . 
E 4 HOH 116 1416 126 HOH HOH A . 
E 4 HOH 117 1417 75  HOH HOH A . 
E 4 HOH 118 1418 128 HOH HOH A . 
E 4 HOH 119 1419 121 HOH HOH A . 
E 4 HOH 120 1420 137 HOH HOH A . 
E 4 HOH 121 1421 116 HOH HOH A . 
E 4 HOH 122 1422 32  HOH HOH A . 
E 4 HOH 123 1423 48  HOH HOH A . 
E 4 HOH 124 1424 125 HOH HOH A . 
E 4 HOH 125 1425 65  HOH HOH A . 
E 4 HOH 126 1426 39  HOH HOH A . 
E 4 HOH 127 1427 53  HOH HOH A . 
E 4 HOH 128 1428 148 HOH HOH A . 
E 4 HOH 129 1429 90  HOH HOH A . 
E 4 HOH 130 1430 84  HOH HOH A . 
E 4 HOH 131 1431 78  HOH HOH A . 
E 4 HOH 132 1432 166 HOH HOH A . 
E 4 HOH 133 1433 101 HOH HOH A . 
E 4 HOH 134 1434 97  HOH HOH A . 
E 4 HOH 135 1435 51  HOH HOH A . 
E 4 HOH 136 1436 159 HOH HOH A . 
E 4 HOH 137 1437 161 HOH HOH A . 
E 4 HOH 138 1438 132 HOH HOH A . 
E 4 HOH 139 1439 49  HOH HOH A . 
E 4 HOH 140 1440 73  HOH HOH A . 
E 4 HOH 141 1441 112 HOH HOH A . 
E 4 HOH 142 1442 167 HOH HOH A . 
E 4 HOH 143 1443 134 HOH HOH A . 
E 4 HOH 144 1444 117 HOH HOH A . 
E 4 HOH 145 1445 83  HOH HOH A . 
E 4 HOH 146 1446 153 HOH HOH A . 
E 4 HOH 147 1447 56  HOH HOH A . 
E 4 HOH 148 1448 111 HOH HOH A . 
E 4 HOH 149 1449 69  HOH HOH A . 
E 4 HOH 150 1450 70  HOH HOH A . 
E 4 HOH 151 1451 107 HOH HOH A . 
E 4 HOH 152 1452 85  HOH HOH A . 
E 4 HOH 153 1453 122 HOH HOH A . 
E 4 HOH 154 1454 110 HOH HOH A . 
E 4 HOH 155 1455 136 HOH HOH A . 
E 4 HOH 156 1456 165 HOH HOH A . 
E 4 HOH 157 1457 86  HOH HOH A . 
E 4 HOH 158 1458 129 HOH HOH A . 
E 4 HOH 159 1459 118 HOH HOH A . 
E 4 HOH 160 1460 149 HOH HOH A . 
E 4 HOH 161 1461 150 HOH HOH A . 
E 4 HOH 162 1462 76  HOH HOH A . 
E 4 HOH 163 1463 74  HOH HOH A . 
E 4 HOH 164 1464 158 HOH HOH A . 
E 4 HOH 165 1465 141 HOH HOH A . 
E 4 HOH 166 1466 133 HOH HOH A . 
E 4 HOH 167 1467 138 HOH HOH A . 
E 4 HOH 168 1468 154 HOH HOH A . 
# 
loop_
_pdbx_unobs_or_zero_occ_atoms.id 
_pdbx_unobs_or_zero_occ_atoms.PDB_model_num 
_pdbx_unobs_or_zero_occ_atoms.polymer_flag 
_pdbx_unobs_or_zero_occ_atoms.occupancy_flag 
_pdbx_unobs_or_zero_occ_atoms.auth_asym_id 
_pdbx_unobs_or_zero_occ_atoms.auth_comp_id 
_pdbx_unobs_or_zero_occ_atoms.auth_seq_id 
_pdbx_unobs_or_zero_occ_atoms.PDB_ins_code 
_pdbx_unobs_or_zero_occ_atoms.auth_atom_id 
_pdbx_unobs_or_zero_occ_atoms.label_alt_id 
_pdbx_unobs_or_zero_occ_atoms.label_asym_id 
_pdbx_unobs_or_zero_occ_atoms.label_comp_id 
_pdbx_unobs_or_zero_occ_atoms.label_seq_id 
_pdbx_unobs_or_zero_occ_atoms.label_atom_id 
1  1 Y 1 A MET 980  ? CG  ? A MET 2  CG  
2  1 Y 1 A MET 980  ? SD  ? A MET 2  SD  
3  1 Y 1 A MET 980  ? CE  ? A MET 2  CE  
4  1 Y 1 A GLN 981  ? CG  ? A GLN 3  CG  
5  1 Y 1 A GLN 981  ? CD  ? A GLN 3  CD  
6  1 Y 1 A GLN 981  ? OE1 ? A GLN 3  OE1 
7  1 Y 1 A GLN 981  ? NE2 ? A GLN 3  NE2 
8  1 Y 1 A LYS 1004 ? CG  ? A LYS 26 CG  
9  1 Y 1 A LYS 1004 ? CD  ? A LYS 26 CD  
10 1 Y 1 A LYS 1004 ? CE  ? A LYS 26 CE  
11 1 Y 1 A LYS 1004 ? NZ  ? A LYS 26 NZ  
12 1 Y 1 A GLU 1017 ? CG  ? A GLU 39 CG  
13 1 Y 1 A GLU 1017 ? CD  ? A GLU 39 CD  
14 1 Y 1 A GLU 1017 ? OE1 ? A GLU 39 OE1 
15 1 Y 1 A GLU 1017 ? OE2 ? A GLU 39 OE2 
16 1 Y 1 A ARG 1051 ? CG  ? A ARG 73 CG  
17 1 Y 1 A ARG 1051 ? CD  ? A ARG 73 CD  
18 1 Y 1 A ARG 1051 ? NE  ? A ARG 73 NE  
19 1 Y 1 A ARG 1051 ? CZ  ? A ARG 73 CZ  
20 1 Y 1 A ARG 1051 ? NH1 ? A ARG 73 NH1 
21 1 Y 1 A ARG 1051 ? NH2 ? A ARG 73 NH2 
22 1 N 1 A G7H 1202 ? N   ? C G7H 1  N   
23 1 N 1 A G7H 1202 ? CB  ? C G7H 1  CB  
24 1 N 1 A G7H 1202 ? CAJ ? C G7H 1  CAJ 
25 1 N 1 A G7H 1202 ? CAK ? C G7H 1  CAK 
26 1 N 1 A G7H 1202 ? NAP ? C G7H 1  NAP 
# 
loop_
_software.citation_id 
_software.classification 
_software.compiler_name 
_software.compiler_version 
_software.contact_author 
_software.contact_author_email 
_software.date 
_software.description 
_software.dependencies 
_software.hardware 
_software.language 
_software.location 
_software.mods 
_software.name 
_software.os 
_software.os_version 
_software.type 
_software.version 
_software.pdbx_ordinal 
? refinement       ? ? ? ? ? ? ? ? ? ? ? PHENIX ? ? ? '(1.14_3211: ???)' 1 
? 'data reduction' ? ? ? ? ? ? ? ? ? ? ? XDS    ? ? ? .                  2 
? 'data scaling'   ? ? ? ? ? ? ? ? ? ? ? XSCALE ? ? ? .                  3 
? phasing          ? ? ? ? ? ? ? ? ? ? ? PHASER ? ? ? .                  4 
# 
_cell.angle_alpha                  90.00 
_cell.angle_alpha_esd              ? 
_cell.angle_beta                   90.00 
_cell.angle_beta_esd               ? 
_cell.angle_gamma                  120.00 
_cell.angle_gamma_esd              ? 
_cell.entry_id                     6HIC 
_cell.details                      ? 
_cell.formula_units_Z              ? 
_cell.length_a                     79.852 
_cell.length_a_esd                 ? 
_cell.length_b                     79.852 
_cell.length_b_esd                 ? 
_cell.length_c                     138.123 
_cell.length_c_esd                 ? 
_cell.volume                       ? 
_cell.volume_esd                   ? 
_cell.Z_PDB                        12 
_cell.reciprocal_angle_alpha       ? 
_cell.reciprocal_angle_beta        ? 
_cell.reciprocal_angle_gamma       ? 
_cell.reciprocal_angle_alpha_esd   ? 
_cell.reciprocal_angle_beta_esd    ? 
_cell.reciprocal_angle_gamma_esd   ? 
_cell.reciprocal_length_a          ? 
_cell.reciprocal_length_b          ? 
_cell.reciprocal_length_c          ? 
_cell.reciprocal_length_a_esd      ? 
_cell.reciprocal_length_b_esd      ? 
_cell.reciprocal_length_c_esd      ? 
_cell.pdbx_unique_axis             ? 
# 
_symmetry.entry_id                         6HIC 
_symmetry.cell_setting                     ? 
_symmetry.Int_Tables_number                179 
_symmetry.space_group_name_Hall            ? 
_symmetry.space_group_name_H-M             'P 65 2 2' 
_symmetry.pdbx_full_space_group_name_H-M   ? 
# 
_exptl.absorpt_coefficient_mu     ? 
_exptl.absorpt_correction_T_max   ? 
_exptl.absorpt_correction_T_min   ? 
_exptl.absorpt_correction_type    ? 
_exptl.absorpt_process_details    ? 
_exptl.entry_id                   6HIC 
_exptl.crystals_number            1 
_exptl.details                    ? 
_exptl.method                     'X-RAY DIFFRACTION' 
_exptl.method_details             ? 
# 
_exptl_crystal.colour                      ? 
_exptl_crystal.density_diffrn              ? 
_exptl_crystal.density_Matthews            4.11 
_exptl_crystal.density_method              ? 
_exptl_crystal.density_percent_sol         70.09 
_exptl_crystal.description                 ? 
_exptl_crystal.F_000                       ? 
_exptl_crystal.id                          1 
_exptl_crystal.preparation                 ? 
_exptl_crystal.size_max                    ? 
_exptl_crystal.size_mid                    ? 
_exptl_crystal.size_min                    ? 
_exptl_crystal.size_rad                    ? 
_exptl_crystal.colour_lustre               ? 
_exptl_crystal.colour_modifier             ? 
_exptl_crystal.colour_primary              ? 
_exptl_crystal.density_meas                ? 
_exptl_crystal.density_meas_esd            ? 
_exptl_crystal.density_meas_gt             ? 
_exptl_crystal.density_meas_lt             ? 
_exptl_crystal.density_meas_temp           ? 
_exptl_crystal.density_meas_temp_esd       ? 
_exptl_crystal.density_meas_temp_gt        ? 
_exptl_crystal.density_meas_temp_lt        ? 
_exptl_crystal.pdbx_crystal_image_url      ? 
_exptl_crystal.pdbx_crystal_image_format   ? 
_exptl_crystal.pdbx_mosaicity              ? 
_exptl_crystal.pdbx_mosaicity_esd          ? 
# 
_exptl_crystal_grow.apparatus       ? 
_exptl_crystal_grow.atmosphere      ? 
_exptl_crystal_grow.crystal_id      1 
_exptl_crystal_grow.details         ? 
_exptl_crystal_grow.method          'VAPOR DIFFUSION, HANGING DROP' 
_exptl_crystal_grow.method_ref      ? 
_exptl_crystal_grow.pH              5.5 
_exptl_crystal_grow.pressure        ? 
_exptl_crystal_grow.pressure_esd    ? 
_exptl_crystal_grow.seeding         ? 
_exptl_crystal_grow.seeding_ref     ? 
_exptl_crystal_grow.temp            277 
_exptl_crystal_grow.temp_details    ? 
_exptl_crystal_grow.temp_esd        ? 
_exptl_crystal_grow.time            ? 
_exptl_crystal_grow.pdbx_details    '2M (NH4)2SO4, 0.1M Bis-Tris pH 5.5' 
_exptl_crystal_grow.pdbx_pH_range   ? 
# 
_diffrn.ambient_environment              ? 
_diffrn.ambient_temp                     100 
_diffrn.ambient_temp_details             ? 
_diffrn.ambient_temp_esd                 ? 
_diffrn.crystal_id                       1 
_diffrn.crystal_support                  ? 
_diffrn.crystal_treatment                ? 
_diffrn.details                          ? 
_diffrn.id                               1 
_diffrn.ambient_pressure                 ? 
_diffrn.ambient_pressure_esd             ? 
_diffrn.ambient_pressure_gt              ? 
_diffrn.ambient_pressure_lt              ? 
_diffrn.ambient_temp_gt                  ? 
_diffrn.ambient_temp_lt                  ? 
_diffrn.pdbx_serial_crystal_experiment   ? 
# 
_diffrn_detector.details                      ? 
_diffrn_detector.detector                     PIXEL 
_diffrn_detector.diffrn_id                    1 
_diffrn_detector.type                         'DECTRIS EIGER X 16M' 
_diffrn_detector.area_resol_mean              ? 
_diffrn_detector.dtime                        ? 
_diffrn_detector.pdbx_frames_total            ? 
_diffrn_detector.pdbx_collection_time_total   ? 
_diffrn_detector.pdbx_collection_date         2017-12-03 
_diffrn_detector.pdbx_frequency               ? 
# 
_diffrn_radiation.collimation                      ? 
_diffrn_radiation.diffrn_id                        1 
_diffrn_radiation.filter_edge                      ? 
_diffrn_radiation.inhomogeneity                    ? 
_diffrn_radiation.monochromator                    ? 
_diffrn_radiation.polarisn_norm                    ? 
_diffrn_radiation.polarisn_ratio                   ? 
_diffrn_radiation.probe                            ? 
_diffrn_radiation.type                             ? 
_diffrn_radiation.xray_symbol                      ? 
_diffrn_radiation.wavelength_id                    1 
_diffrn_radiation.pdbx_monochromatic_or_laue_m_l   M 
_diffrn_radiation.pdbx_wavelength_list             ? 
_diffrn_radiation.pdbx_wavelength                  ? 
_diffrn_radiation.pdbx_diffrn_protocol             'SINGLE WAVELENGTH' 
_diffrn_radiation.pdbx_analyzer                    ? 
_diffrn_radiation.pdbx_scattering_type             x-ray 
# 
_diffrn_radiation_wavelength.id           1 
_diffrn_radiation_wavelength.wavelength   0.999987 
_diffrn_radiation_wavelength.wt           1.0 
# 
_diffrn_source.current                     ? 
_diffrn_source.details                     ? 
_diffrn_source.diffrn_id                   1 
_diffrn_source.power                       ? 
_diffrn_source.size                        ? 
_diffrn_source.source                      SYNCHROTRON 
_diffrn_source.target                      ? 
_diffrn_source.type                        'SLS BEAMLINE X06SA' 
_diffrn_source.voltage                     ? 
_diffrn_source.take-off_angle              ? 
_diffrn_source.pdbx_wavelength_list        0.999987 
_diffrn_source.pdbx_wavelength             ? 
_diffrn_source.pdbx_synchrotron_beamline   X06SA 
_diffrn_source.pdbx_synchrotron_site       SLS 
# 
_reflns.B_iso_Wilson_estimate            ? 
_reflns.entry_id                         6HIC 
_reflns.data_reduction_details           ? 
_reflns.data_reduction_method            ? 
_reflns.d_resolution_high                1.768 
_reflns.d_resolution_low                 39.926 
_reflns.details                          ? 
_reflns.limit_h_max                      ? 
_reflns.limit_h_min                      ? 
_reflns.limit_k_max                      ? 
_reflns.limit_k_min                      ? 
_reflns.limit_l_max                      ? 
_reflns.limit_l_min                      ? 
_reflns.number_all                       ? 
_reflns.number_obs                       48152 
_reflns.observed_criterion               ? 
_reflns.observed_criterion_F_max         ? 
_reflns.observed_criterion_F_min         ? 
_reflns.observed_criterion_I_max         ? 
_reflns.observed_criterion_I_min         ? 
_reflns.observed_criterion_sigma_F       ? 
_reflns.observed_criterion_sigma_I       ? 
_reflns.percent_possible_obs             99.6 
_reflns.R_free_details                   ? 
_reflns.Rmerge_F_all                     ? 
_reflns.Rmerge_F_obs                     ? 
_reflns.Friedel_coverage                 ? 
_reflns.number_gt                        ? 
_reflns.threshold_expression             ? 
_reflns.pdbx_redundancy                  6.03 
_reflns.pdbx_Rmerge_I_obs                ? 
_reflns.pdbx_Rmerge_I_all                ? 
_reflns.pdbx_Rsym_value                  ? 
_reflns.pdbx_netI_over_av_sigmaI         ? 
_reflns.pdbx_netI_over_sigmaI            16.02 
_reflns.pdbx_res_netI_over_av_sigmaI_2   ? 
_reflns.pdbx_res_netI_over_sigmaI_2      ? 
_reflns.pdbx_chi_squared                 ? 
_reflns.pdbx_scaling_rejects             ? 
_reflns.pdbx_d_res_high_opt              ? 
_reflns.pdbx_d_res_low_opt               ? 
_reflns.pdbx_d_res_opt_method            ? 
_reflns.phase_calculation_details        ? 
_reflns.pdbx_Rrim_I_all                  0.0071 
_reflns.pdbx_Rpim_I_all                  ? 
_reflns.pdbx_d_opt                       ? 
_reflns.pdbx_number_measured_all         ? 
_reflns.pdbx_diffrn_id                   1 
_reflns.pdbx_ordinal                     1 
_reflns.pdbx_CC_half                     0.999 
_reflns.pdbx_R_split                     ? 
# 
_reflns_shell.d_res_high                  1.77 
_reflns_shell.d_res_low                   1.87 
_reflns_shell.meanI_over_sigI_all         ? 
_reflns_shell.meanI_over_sigI_obs         ? 
_reflns_shell.number_measured_all         ? 
_reflns_shell.number_measured_obs         ? 
_reflns_shell.number_possible             ? 
_reflns_shell.number_unique_all           ? 
_reflns_shell.number_unique_obs           7608 
_reflns_shell.percent_possible_all        97.6 
_reflns_shell.percent_possible_obs        ? 
_reflns_shell.Rmerge_F_all                ? 
_reflns_shell.Rmerge_F_obs                ? 
_reflns_shell.Rmerge_I_all                ? 
_reflns_shell.Rmerge_I_obs                ? 
_reflns_shell.meanI_over_sigI_gt          ? 
_reflns_shell.meanI_over_uI_all           ? 
_reflns_shell.meanI_over_uI_gt            ? 
_reflns_shell.number_measured_gt          ? 
_reflns_shell.number_unique_gt            ? 
_reflns_shell.percent_possible_gt         ? 
_reflns_shell.Rmerge_F_gt                 ? 
_reflns_shell.Rmerge_I_gt                 ? 
_reflns_shell.pdbx_redundancy             2.84 
_reflns_shell.pdbx_Rsym_value             ? 
_reflns_shell.pdbx_chi_squared            ? 
_reflns_shell.pdbx_netI_over_sigmaI_all   ? 
_reflns_shell.pdbx_netI_over_sigmaI_obs   ? 
_reflns_shell.pdbx_Rrim_I_all             1.39 
_reflns_shell.pdbx_Rpim_I_all             ? 
_reflns_shell.pdbx_rejects                ? 
_reflns_shell.pdbx_ordinal                1 
_reflns_shell.pdbx_diffrn_id              1 
_reflns_shell.pdbx_CC_half                0.533 
_reflns_shell.pdbx_R_split                ? 
# 
_refine.aniso_B[1][1]                            ? 
_refine.aniso_B[1][2]                            ? 
_refine.aniso_B[1][3]                            ? 
_refine.aniso_B[2][2]                            ? 
_refine.aniso_B[2][3]                            ? 
_refine.aniso_B[3][3]                            ? 
_refine.B_iso_max                                ? 
_refine.B_iso_mean                               ? 
_refine.B_iso_min                                ? 
_refine.correlation_coeff_Fo_to_Fc               ? 
_refine.correlation_coeff_Fo_to_Fc_free          ? 
_refine.details                                  ? 
_refine.diff_density_max                         ? 
_refine.diff_density_max_esd                     ? 
_refine.diff_density_min                         ? 
_refine.diff_density_min_esd                     ? 
_refine.diff_density_rms                         ? 
_refine.diff_density_rms_esd                     ? 
_refine.entry_id                                 6HIC 
_refine.pdbx_refine_id                           'X-RAY DIFFRACTION' 
_refine.ls_abs_structure_details                 ? 
_refine.ls_abs_structure_Flack                   ? 
_refine.ls_abs_structure_Flack_esd               ? 
_refine.ls_abs_structure_Rogers                  ? 
_refine.ls_abs_structure_Rogers_esd              ? 
_refine.ls_d_res_high                            1.768 
_refine.ls_d_res_low                             39.926 
_refine.ls_extinction_coef                       ? 
_refine.ls_extinction_coef_esd                   ? 
_refine.ls_extinction_expression                 ? 
_refine.ls_extinction_method                     ? 
_refine.ls_goodness_of_fit_all                   ? 
_refine.ls_goodness_of_fit_all_esd               ? 
_refine.ls_goodness_of_fit_obs                   ? 
_refine.ls_goodness_of_fit_obs_esd               ? 
_refine.ls_hydrogen_treatment                    ? 
_refine.ls_matrix_type                           ? 
_refine.ls_number_constraints                    ? 
_refine.ls_number_parameters                     ? 
_refine.ls_number_reflns_all                     ? 
_refine.ls_number_reflns_obs                     47996 
_refine.ls_number_reflns_R_free                  2409 
_refine.ls_number_reflns_R_work                  ? 
_refine.ls_number_restraints                     ? 
_refine.ls_percent_reflns_obs                    99.48 
_refine.ls_percent_reflns_R_free                 5.02 
_refine.ls_R_factor_all                          ? 
_refine.ls_R_factor_obs                          0.2030 
_refine.ls_R_factor_R_free                       0.2248 
_refine.ls_R_factor_R_free_error                 ? 
_refine.ls_R_factor_R_free_error_details         ? 
_refine.ls_R_factor_R_work                       0.2019 
_refine.ls_R_Fsqd_factor_obs                     ? 
_refine.ls_R_I_factor_obs                        ? 
_refine.ls_redundancy_reflns_all                 ? 
_refine.ls_redundancy_reflns_obs                 ? 
_refine.ls_restrained_S_all                      ? 
_refine.ls_restrained_S_obs                      ? 
_refine.ls_shift_over_esd_max                    ? 
_refine.ls_shift_over_esd_mean                   ? 
_refine.ls_structure_factor_coef                 ? 
_refine.ls_weighting_details                     ? 
_refine.ls_weighting_scheme                      ? 
_refine.ls_wR_factor_all                         ? 
_refine.ls_wR_factor_obs                         ? 
_refine.ls_wR_factor_R_free                      ? 
_refine.ls_wR_factor_R_work                      ? 
_refine.occupancy_max                            ? 
_refine.occupancy_min                            ? 
_refine.solvent_model_details                    ? 
_refine.solvent_model_param_bsol                 ? 
_refine.solvent_model_param_ksol                 ? 
_refine.ls_R_factor_gt                           ? 
_refine.ls_goodness_of_fit_gt                    ? 
_refine.ls_goodness_of_fit_ref                   ? 
_refine.ls_shift_over_su_max                     ? 
_refine.ls_shift_over_su_max_lt                  ? 
_refine.ls_shift_over_su_mean                    ? 
_refine.ls_shift_over_su_mean_lt                 ? 
_refine.pdbx_ls_sigma_I                          ? 
_refine.pdbx_ls_sigma_F                          1.29 
_refine.pdbx_ls_sigma_Fsqd                       ? 
_refine.pdbx_data_cutoff_high_absF               ? 
_refine.pdbx_data_cutoff_high_rms_absF           ? 
_refine.pdbx_data_cutoff_low_absF                ? 
_refine.pdbx_isotropic_thermal_model             ? 
_refine.pdbx_ls_cross_valid_method               'FREE R-VALUE' 
_refine.pdbx_method_to_determine_struct          'MOLECULAR REPLACEMENT' 
_refine.pdbx_starting_model                      5f36 
_refine.pdbx_stereochemistry_target_values       ? 
_refine.pdbx_R_Free_selection_details            ? 
_refine.pdbx_stereochem_target_val_spec_case     ? 
_refine.pdbx_overall_ESU_R                       ? 
_refine.pdbx_overall_ESU_R_Free                  ? 
_refine.pdbx_solvent_vdw_probe_radii             1.11 
_refine.pdbx_solvent_ion_probe_radii             ? 
_refine.pdbx_solvent_shrinkage_radii             0.90 
_refine.pdbx_real_space_R                        ? 
_refine.pdbx_density_correlation                 ? 
_refine.pdbx_pd_number_of_powder_patterns        ? 
_refine.pdbx_pd_number_of_points                 ? 
_refine.pdbx_pd_meas_number_of_points            ? 
_refine.pdbx_pd_proc_ls_prof_R_factor            ? 
_refine.pdbx_pd_proc_ls_prof_wR_factor           ? 
_refine.pdbx_pd_Marquardt_correlation_coeff      ? 
_refine.pdbx_pd_Fsqrd_R_factor                   ? 
_refine.pdbx_pd_ls_matrix_band_width             ? 
_refine.pdbx_overall_phase_error                 23.69 
_refine.pdbx_overall_SU_R_free_Cruickshank_DPI   ? 
_refine.pdbx_overall_SU_R_free_Blow_DPI          ? 
_refine.pdbx_overall_SU_R_Blow_DPI               ? 
_refine.pdbx_TLS_residual_ADP_flag               ? 
_refine.pdbx_diffrn_id                           1 
_refine.overall_SU_B                             ? 
_refine.overall_SU_ML                            0.31 
_refine.overall_SU_R_Cruickshank_DPI             ? 
_refine.overall_SU_R_free                        ? 
_refine.overall_FOM_free_R_set                   ? 
_refine.overall_FOM_work_R_set                   ? 
_refine.pdbx_average_fsc_overall                 ? 
_refine.pdbx_average_fsc_work                    ? 
_refine.pdbx_average_fsc_free                    ? 
# 
_refine_hist.pdbx_refine_id                   'X-RAY DIFFRACTION' 
_refine_hist.cycle_id                         LAST 
_refine_hist.pdbx_number_atoms_protein        1063 
_refine_hist.pdbx_number_atoms_nucleic_acid   0 
_refine_hist.pdbx_number_atoms_ligand         58 
_refine_hist.number_atoms_solvent             168 
_refine_hist.number_atoms_total               1289 
_refine_hist.d_res_high                       1.768 
_refine_hist.d_res_low                        39.926 
# 
loop_
_refine_ls_restr.pdbx_refine_id 
_refine_ls_restr.criterion 
_refine_ls_restr.dev_ideal 
_refine_ls_restr.dev_ideal_target 
_refine_ls_restr.number 
_refine_ls_restr.rejects 
_refine_ls_restr.type 
_refine_ls_restr.weight 
_refine_ls_restr.pdbx_restraint_function 
'X-RAY DIFFRACTION' ? 0.008 ? 1145 ? f_bond_d           ? ? 
'X-RAY DIFFRACTION' ? 1.303 ? 1556 ? f_angle_d          ? ? 
'X-RAY DIFFRACTION' ? 9.796 ? 1011 ? f_dihedral_angle_d ? ? 
'X-RAY DIFFRACTION' ? 0.047 ? 169  ? f_chiral_restr     ? ? 
'X-RAY DIFFRACTION' ? 0.005 ? 204  ? f_plane_restr      ? ? 
# 
loop_
_refine_ls_shell.pdbx_refine_id 
_refine_ls_shell.d_res_high 
_refine_ls_shell.d_res_low 
_refine_ls_shell.number_reflns_all 
_refine_ls_shell.number_reflns_obs 
_refine_ls_shell.number_reflns_R_free 
_refine_ls_shell.number_reflns_R_work 
_refine_ls_shell.percent_reflns_obs 
_refine_ls_shell.percent_reflns_R_free 
_refine_ls_shell.R_factor_all 
_refine_ls_shell.R_factor_obs 
_refine_ls_shell.R_factor_R_free 
_refine_ls_shell.R_factor_R_free_error 
_refine_ls_shell.R_factor_R_work 
_refine_ls_shell.redundancy_reflns_all 
_refine_ls_shell.redundancy_reflns_obs 
_refine_ls_shell.wR_factor_all 
_refine_ls_shell.wR_factor_obs 
_refine_ls_shell.wR_factor_R_free 
_refine_ls_shell.wR_factor_R_work 
_refine_ls_shell.pdbx_total_number_of_bins_used 
_refine_ls_shell.pdbx_phase_error 
_refine_ls_shell.pdbx_fsc_work 
_refine_ls_shell.pdbx_fsc_free 
'X-RAY DIFFRACTION' 1.7675 1.8036  . . 134 2499 93.00  . . . 0.4687 . 0.4579 . . . . . . . . . . 
'X-RAY DIFFRACTION' 1.8036 1.8428  . . 150 2679 100.00 . . . 0.4816 . 0.4189 . . . . . . . . . . 
'X-RAY DIFFRACTION' 1.8428 1.8857  . . 136 2689 100.00 . . . 0.4176 . 0.3822 . . . . . . . . . . 
'X-RAY DIFFRACTION' 1.8857 1.9328  . . 139 2699 100.00 . . . 0.2951 . 0.3560 . . . . . . . . . . 
'X-RAY DIFFRACTION' 1.9328 1.9851  . . 141 2675 100.00 . . . 0.3451 . 0.3213 . . . . . . . . . . 
'X-RAY DIFFRACTION' 1.9851 2.0435  . . 137 2697 100.00 . . . 0.2883 . 0.2737 . . . . . . . . . . 
'X-RAY DIFFRACTION' 2.0435 2.1095  . . 144 2688 100.00 . . . 0.2456 . 0.2305 . . . . . . . . . . 
'X-RAY DIFFRACTION' 2.1095 2.1849  . . 144 2686 100.00 . . . 0.2709 . 0.2111 . . . . . . . . . . 
'X-RAY DIFFRACTION' 2.1849 2.2723  . . 144 2721 100.00 . . . 0.2226 . 0.2113 . . . . . . . . . . 
'X-RAY DIFFRACTION' 2.2723 2.3757  . . 141 2700 100.00 . . . 0.2186 . 0.1956 . . . . . . . . . . 
'X-RAY DIFFRACTION' 2.3757 2.5010  . . 147 2673 100.00 . . . 0.1819 . 0.1812 . . . . . . . . . . 
'X-RAY DIFFRACTION' 2.5010 2.6576  . . 139 2716 100.00 . . . 0.1944 . 0.1943 . . . . . . . . . . 
'X-RAY DIFFRACTION' 2.6576 2.8628  . . 144 2675 100.00 . . . 0.2771 . 0.1990 . . . . . . . . . . 
'X-RAY DIFFRACTION' 2.8628 3.1508  . . 138 2702 100.00 . . . 0.2296 . 0.2002 . . . . . . . . . . 
'X-RAY DIFFRACTION' 3.1508 3.6064  . . 140 2694 100.00 . . . 0.2011 . 0.1854 . . . . . . . . . . 
'X-RAY DIFFRACTION' 3.6064 4.5427  . . 143 2691 100.00 . . . 0.1766 . 0.1615 . . . . . . . . . . 
'X-RAY DIFFRACTION' 4.5427 39.9362 . . 148 2703 100.00 . . . 0.2065 . 0.1809 . . . . . . . . . . 
# 
_struct.entry_id                     6HIC 
_struct.title                        'The ATAD2 bromodomain in complex with compound 15' 
_struct.pdbx_model_details           ? 
_struct.pdbx_formula_weight          ? 
_struct.pdbx_formula_weight_method   ? 
_struct.pdbx_model_type_details      ? 
_struct.pdbx_CASP_flag               N 
# 
_struct_keywords.entry_id        6HIC 
_struct_keywords.text            'Bromodomain, ATAD2, inhibitor, complex, CYTOSOLIC PROTEIN' 
_struct_keywords.pdbx_keywords   'CYTOSOLIC PROTEIN' 
# 
loop_
_struct_asym.id 
_struct_asym.pdbx_blank_PDB_chainid_flag 
_struct_asym.pdbx_modified 
_struct_asym.entity_id 
_struct_asym.details 
A N N 1 ? 
B N N 2 ? 
C N N 2 ? 
D N N 3 ? 
E N N 4 ? 
# 
_struct_ref.entity_id                  1 
_struct_ref.pdbx_db_accession          Q6PL18 
_struct_ref.pdbx_db_isoform            ? 
_struct_ref.pdbx_seq_one_letter_code   
;QEEDTFRELRIFLRNVTHRLAIDKRFRVFTKPVDPDEVPDYVTVIKQPMDLSSVISKIDLHKYLTVKDYLRDIDLICSNA
LEYNPDRDPGDRLIRHRACALRDTAYAIIKEELDEDFEQLCEEIQESR
;
_struct_ref.id                         1 
_struct_ref.pdbx_align_begin           981 
_struct_ref.db_name                    UNP 
_struct_ref.db_code                    ATAD2_HUMAN 
# 
_struct_ref_seq.align_id                      1 
_struct_ref_seq.ref_id                        1 
_struct_ref_seq.pdbx_PDB_id_code              6HIC 
_struct_ref_seq.pdbx_strand_id                A 
_struct_ref_seq.seq_align_beg                 3 
_struct_ref_seq.pdbx_seq_align_beg_ins_code   ? 
_struct_ref_seq.seq_align_end                 130 
_struct_ref_seq.pdbx_seq_align_end_ins_code   ? 
_struct_ref_seq.pdbx_db_accession             Q6PL18 
_struct_ref_seq.db_align_beg                  981 
_struct_ref_seq.pdbx_db_align_beg_ins_code    ? 
_struct_ref_seq.db_align_end                  1108 
_struct_ref_seq.pdbx_db_align_end_ins_code    ? 
_struct_ref_seq.pdbx_auth_seq_align_beg       981 
_struct_ref_seq.pdbx_auth_seq_align_end       1108 
# 
loop_
_struct_ref_seq_dif.align_id 
_struct_ref_seq_dif.pdbx_pdb_id_code 
_struct_ref_seq_dif.mon_id 
_struct_ref_seq_dif.pdbx_pdb_strand_id 
_struct_ref_seq_dif.seq_num 
_struct_ref_seq_dif.pdbx_pdb_ins_code 
_struct_ref_seq_dif.pdbx_seq_db_name 
_struct_ref_seq_dif.pdbx_seq_db_accession_code 
_struct_ref_seq_dif.db_mon_id 
_struct_ref_seq_dif.pdbx_seq_db_seq_num 
_struct_ref_seq_dif.details 
_struct_ref_seq_dif.pdbx_auth_seq_num 
_struct_ref_seq_dif.pdbx_ordinal 
1 6HDN SER A 1 ? UNP Q6PL18 ? ? 'expression tag' 979 1 
1 6HDN MET A 2 ? UNP Q6PL18 ? ? 'expression tag' 980 2 
# 
_pdbx_struct_assembly.id                   1 
_pdbx_struct_assembly.details              author_and_software_defined_assembly 
_pdbx_struct_assembly.method_details       PISA 
_pdbx_struct_assembly.oligomeric_details   monomeric 
_pdbx_struct_assembly.oligomeric_count     1 
# 
loop_
_pdbx_struct_assembly_prop.biol_id 
_pdbx_struct_assembly_prop.type 
_pdbx_struct_assembly_prop.value 
_pdbx_struct_assembly_prop.details 
1 'ABSA (A^2)' 180  ? 
1 MORE         -13  ? 
1 'SSA (A^2)'  7810 ? 
# 
_pdbx_struct_assembly_gen.assembly_id       1 
_pdbx_struct_assembly_gen.oper_expression   1 
_pdbx_struct_assembly_gen.asym_id_list      A,B,C,D,E 
# 
_pdbx_struct_assembly_auth_evidence.id                     1 
_pdbx_struct_assembly_auth_evidence.assembly_id            1 
_pdbx_struct_assembly_auth_evidence.experimental_support   'gel filtration' 
_pdbx_struct_assembly_auth_evidence.details                ? 
# 
_pdbx_struct_oper_list.id                   1 
_pdbx_struct_oper_list.type                 'identity operation' 
_pdbx_struct_oper_list.name                 1_555 
_pdbx_struct_oper_list.symmetry_operation   x,y,z 
_pdbx_struct_oper_list.matrix[1][1]         1.0000000000 
_pdbx_struct_oper_list.matrix[1][2]         0.0000000000 
_pdbx_struct_oper_list.matrix[1][3]         0.0000000000 
_pdbx_struct_oper_list.vector[1]            0.0000000000 
_pdbx_struct_oper_list.matrix[2][1]         0.0000000000 
_pdbx_struct_oper_list.matrix[2][2]         1.0000000000 
_pdbx_struct_oper_list.matrix[2][3]         0.0000000000 
_pdbx_struct_oper_list.vector[2]            0.0000000000 
_pdbx_struct_oper_list.matrix[3][1]         0.0000000000 
_pdbx_struct_oper_list.matrix[3][2]         0.0000000000 
_pdbx_struct_oper_list.matrix[3][3]         1.0000000000 
_pdbx_struct_oper_list.vector[3]            0.0000000000 
# 
loop_
_struct_conf.conf_type_id 
_struct_conf.id 
_struct_conf.pdbx_PDB_helix_id 
_struct_conf.beg_label_comp_id 
_struct_conf.beg_label_asym_id 
_struct_conf.beg_label_seq_id 
_struct_conf.pdbx_beg_PDB_ins_code 
_struct_conf.end_label_comp_id 
_struct_conf.end_label_asym_id 
_struct_conf.end_label_seq_id 
_struct_conf.pdbx_end_PDB_ins_code 
_struct_conf.beg_auth_comp_id 
_struct_conf.beg_auth_asym_id 
_struct_conf.beg_auth_seq_id 
_struct_conf.end_auth_comp_id 
_struct_conf.end_auth_asym_id 
_struct_conf.end_auth_seq_id 
_struct_conf.pdbx_PDB_helix_class 
_struct_conf.details 
_struct_conf.pdbx_PDB_helix_length 
HELX_P HELX_P1 AA1 SER A 1   ? ILE A 24  ? SER A 979  ILE A 1002 1 ? 24 
HELX_P HELX_P2 AA2 ASP A 25  ? THR A 32  ? ASP A 1003 THR A 1010 5 ? 8  
HELX_P HELX_P3 AA3 ASP A 42  ? ILE A 47  ? ASP A 1020 ILE A 1025 1 ? 6  
HELX_P HELX_P4 AA4 ASP A 52  ? LEU A 62  ? ASP A 1030 LEU A 1040 1 ? 11 
HELX_P HELX_P5 AA5 THR A 67  ? ASN A 86  ? THR A 1045 ASN A 1064 1 ? 20 
HELX_P HELX_P6 AA6 ASP A 90  ? LEU A 115 ? ASP A 1068 LEU A 1093 1 ? 26 
HELX_P HELX_P7 AA7 ASP A 116 ? SER A 129 ? ASP A 1094 SER A 1107 1 ? 14 
# 
_struct_conf_type.id          HELX_P 
_struct_conf_type.criteria    ? 
_struct_conf_type.reference   ? 
# 
loop_
_struct_site.id 
_struct_site.pdbx_evidence_code 
_struct_site.pdbx_auth_asym_id 
_struct_site.pdbx_auth_comp_id 
_struct_site.pdbx_auth_seq_id 
_struct_site.pdbx_auth_ins_code 
_struct_site.pdbx_num_residues 
_struct_site.details 
AC1 Software A G7H 1201 ? 11 'binding site for residue G7H A 1201' 
AC2 Software A G7H 1202 ? 7  'binding site for residue G7H A 1202' 
AC3 Software A SO4 1203 ? 5  'binding site for residue SO4 A 1203' 
# 
loop_
_struct_site_gen.id 
_struct_site_gen.site_id 
_struct_site_gen.pdbx_num_res 
_struct_site_gen.label_comp_id 
_struct_site_gen.label_asym_id 
_struct_site_gen.label_seq_id 
_struct_site_gen.pdbx_auth_ins_code 
_struct_site_gen.auth_comp_id 
_struct_site_gen.auth_asym_id 
_struct_site_gen.auth_seq_id 
_struct_site_gen.label_atom_id 
_struct_site_gen.label_alt_id 
_struct_site_gen.symmetry 
_struct_site_gen.details 
1  AC1 11 VAL A 30 ? VAL A 1008 . ? 1_555 ? 
2  AC1 11 PRO A 34 ? PRO A 1012 . ? 1_555 ? 
3  AC1 11 VAL A 35 ? VAL A 1013 . ? 1_555 ? 
4  AC1 11 ASP A 36 ? ASP A 1014 . ? 1_555 ? 
5  AC1 11 TYR A 85 ? TYR A 1063 . ? 1_555 ? 
6  AC1 11 ASN A 86 ? ASN A 1064 . ? 1_555 ? 
7  AC1 11 ASP A 93 ? ASP A 1071 . ? 1_555 ? 
8  AC1 11 G7H C .  ? G7H A 1202 . ? 1_555 ? 
9  AC1 11 HOH E .  ? HOH A 1305 . ? 1_555 ? 
10 AC1 11 HOH E .  ? HOH A 1315 . ? 1_555 ? 
11 AC1 11 HOH E .  ? HOH A 1347 . ? 1_555 ? 
12 AC2 7  ARG A 29 ? ARG A 1007 . ? 1_555 ? 
13 AC2 7  VAL A 30 ? VAL A 1008 . ? 1_555 ? 
14 AC2 7  GLU A 39 ? GLU A 1017 . ? 1_555 ? 
15 AC2 7  ILE A 96 ? ILE A 1074 . ? 1_555 ? 
16 AC2 7  ARG A 99 ? ARG A 1077 . ? 1_555 ? 
17 AC2 7  G7H B .  ? G7H A 1201 . ? 1_555 ? 
18 AC2 7  HOH E .  ? HOH A 1308 . ? 1_555 ? 
19 AC3 5  ARG A 9  ? ARG A 987  . ? 1_555 ? 
20 AC3 5  ARG A 12 ? ARG A 990  . ? 1_555 ? 
21 AC3 5  ARG A 16 ? ARG A 994  . ? 1_555 ? 
22 AC3 5  ARG A 89 ? ARG A 1067 . ? 6_444 ? 
23 AC3 5  HOH E .  ? HOH A 1328 . ? 1_555 ? 
# 
loop_
_pdbx_validate_close_contact.id 
_pdbx_validate_close_contact.PDB_model_num 
_pdbx_validate_close_contact.auth_atom_id_1 
_pdbx_validate_close_contact.auth_asym_id_1 
_pdbx_validate_close_contact.auth_comp_id_1 
_pdbx_validate_close_contact.auth_seq_id_1 
_pdbx_validate_close_contact.PDB_ins_code_1 
_pdbx_validate_close_contact.label_alt_id_1 
_pdbx_validate_close_contact.auth_atom_id_2 
_pdbx_validate_close_contact.auth_asym_id_2 
_pdbx_validate_close_contact.auth_comp_id_2 
_pdbx_validate_close_contact.auth_seq_id_2 
_pdbx_validate_close_contact.PDB_ins_code_2 
_pdbx_validate_close_contact.label_alt_id_2 
_pdbx_validate_close_contact.dist 
1 1 O   A HOH 1419 ? ? O A HOH 1458 ? ? 1.80 
2 1 O   A HOH 1388 ? ? O A HOH 1405 ? ? 2.02 
3 1 NE2 A GLN 1027 ? ? O A HOH 1301 ? ? 2.09 
4 1 NH1 A ARG 1067 ? ? O A HOH 1302 ? ? 2.11 
5 1 O   A HOH 1340 ? ? O A HOH 1342 ? ? 2.15 
# 
loop_
_pdbx_struct_special_symmetry.id 
_pdbx_struct_special_symmetry.PDB_model_num 
_pdbx_struct_special_symmetry.auth_asym_id 
_pdbx_struct_special_symmetry.auth_comp_id 
_pdbx_struct_special_symmetry.auth_seq_id 
_pdbx_struct_special_symmetry.PDB_ins_code 
_pdbx_struct_special_symmetry.label_asym_id 
_pdbx_struct_special_symmetry.label_comp_id 
_pdbx_struct_special_symmetry.label_seq_id 
1 1 A HOH 1365 ? E HOH . 
2 1 A HOH 1467 ? E HOH . 
# 
loop_
_pdbx_distant_solvent_atoms.id 
_pdbx_distant_solvent_atoms.PDB_model_num 
_pdbx_distant_solvent_atoms.auth_atom_id 
_pdbx_distant_solvent_atoms.label_alt_id 
_pdbx_distant_solvent_atoms.auth_asym_id 
_pdbx_distant_solvent_atoms.auth_comp_id 
_pdbx_distant_solvent_atoms.auth_seq_id 
_pdbx_distant_solvent_atoms.PDB_ins_code 
_pdbx_distant_solvent_atoms.neighbor_macromolecule_distance 
_pdbx_distant_solvent_atoms.neighbor_ligand_distance 
1 1 O ? A HOH 1467 ? 6.01 . 
2 1 O ? A HOH 1468 ? 6.12 . 
# 
loop_
_chem_comp_atom.comp_id 
_chem_comp_atom.atom_id 
_chem_comp_atom.type_symbol 
_chem_comp_atom.pdbx_aromatic_flag 
_chem_comp_atom.pdbx_stereo_config 
_chem_comp_atom.pdbx_ordinal 
ALA N    N N N 1   
ALA CA   C N S 2   
ALA C    C N N 3   
ALA O    O N N 4   
ALA CB   C N N 5   
ALA OXT  O N N 6   
ALA H    H N N 7   
ALA H2   H N N 8   
ALA HA   H N N 9   
ALA HB1  H N N 10  
ALA HB2  H N N 11  
ALA HB3  H N N 12  
ALA HXT  H N N 13  
ARG N    N N N 14  
ARG CA   C N S 15  
ARG C    C N N 16  
ARG O    O N N 17  
ARG CB   C N N 18  
ARG CG   C N N 19  
ARG CD   C N N 20  
ARG NE   N N N 21  
ARG CZ   C N N 22  
ARG NH1  N N N 23  
ARG NH2  N N N 24  
ARG OXT  O N N 25  
ARG H    H N N 26  
ARG H2   H N N 27  
ARG HA   H N N 28  
ARG HB2  H N N 29  
ARG HB3  H N N 30  
ARG HG2  H N N 31  
ARG HG3  H N N 32  
ARG HD2  H N N 33  
ARG HD3  H N N 34  
ARG HE   H N N 35  
ARG HH11 H N N 36  
ARG HH12 H N N 37  
ARG HH21 H N N 38  
ARG HH22 H N N 39  
ARG HXT  H N N 40  
ASN N    N N N 41  
ASN CA   C N S 42  
ASN C    C N N 43  
ASN O    O N N 44  
ASN CB   C N N 45  
ASN CG   C N N 46  
ASN OD1  O N N 47  
ASN ND2  N N N 48  
ASN OXT  O N N 49  
ASN H    H N N 50  
ASN H2   H N N 51  
ASN HA   H N N 52  
ASN HB2  H N N 53  
ASN HB3  H N N 54  
ASN HD21 H N N 55  
ASN HD22 H N N 56  
ASN HXT  H N N 57  
ASP N    N N N 58  
ASP CA   C N S 59  
ASP C    C N N 60  
ASP O    O N N 61  
ASP CB   C N N 62  
ASP CG   C N N 63  
ASP OD1  O N N 64  
ASP OD2  O N N 65  
ASP OXT  O N N 66  
ASP H    H N N 67  
ASP H2   H N N 68  
ASP HA   H N N 69  
ASP HB2  H N N 70  
ASP HB3  H N N 71  
ASP HD2  H N N 72  
ASP HXT  H N N 73  
CYS N    N N N 74  
CYS CA   C N R 75  
CYS C    C N N 76  
CYS O    O N N 77  
CYS CB   C N N 78  
CYS SG   S N N 79  
CYS OXT  O N N 80  
CYS H    H N N 81  
CYS H2   H N N 82  
CYS HA   H N N 83  
CYS HB2  H N N 84  
CYS HB3  H N N 85  
CYS HG   H N N 86  
CYS HXT  H N N 87  
G7H N    N N N 88  
G7H CA   C N R 89  
G7H C    C N N 90  
G7H O    O N N 91  
G7H CB   C N N 92  
G7H CAA  C N N 93  
G7H CAE  C Y N 94  
G7H CAF  C Y N 95  
G7H CAG  C Y N 96  
G7H CAH  C Y N 97  
G7H CAI  C N N 98  
G7H CAJ  C N N 99  
G7H CAK  C N N 100 
G7H CAL  C N N 101 
G7H CAM  C N N 102 
G7H CAT  C N N 103 
G7H CAU  C N N 104 
G7H CAW  C Y N 105 
G7H CAX  C Y N 106 
G7H CAY  C Y N 107 
G7H CAZ  C Y N 108 
G7H CBA  C Y N 109 
G7H NAO  N Y N 110 
G7H NAP  N N N 111 
G7H NAR  N N N 112 
G7H NBC  N N N 113 
G7H OAB  O N N 114 
G7H OAC  O N N 115 
G7H SAS  S Y N 116 
G7H H1   H N N 117 
G7H H3   H N N 118 
G7H H4   H N N 119 
G7H H5   H N N 120 
G7H H6   H N N 121 
G7H H7   H N N 122 
G7H H8   H N N 123 
G7H H9   H N N 124 
G7H H10  H N N 125 
G7H H11  H N N 126 
G7H H12  H N N 127 
G7H H13  H N N 128 
G7H H14  H N N 129 
G7H H15  H N N 130 
G7H H16  H N N 131 
G7H H17  H N N 132 
G7H H18  H N N 133 
G7H H19  H N N 134 
G7H H20  H N N 135 
G7H H21  H N N 136 
G7H H22  H N N 137 
G7H H23  H N N 138 
G7H H25  H N N 139 
GLN N    N N N 140 
GLN CA   C N S 141 
GLN C    C N N 142 
GLN O    O N N 143 
GLN CB   C N N 144 
GLN CG   C N N 145 
GLN CD   C N N 146 
GLN OE1  O N N 147 
GLN NE2  N N N 148 
GLN OXT  O N N 149 
GLN H    H N N 150 
GLN H2   H N N 151 
GLN HA   H N N 152 
GLN HB2  H N N 153 
GLN HB3  H N N 154 
GLN HG2  H N N 155 
GLN HG3  H N N 156 
GLN HE21 H N N 157 
GLN HE22 H N N 158 
GLN HXT  H N N 159 
GLU N    N N N 160 
GLU CA   C N S 161 
GLU C    C N N 162 
GLU O    O N N 163 
GLU CB   C N N 164 
GLU CG   C N N 165 
GLU CD   C N N 166 
GLU OE1  O N N 167 
GLU OE2  O N N 168 
GLU OXT  O N N 169 
GLU H    H N N 170 
GLU H2   H N N 171 
GLU HA   H N N 172 
GLU HB2  H N N 173 
GLU HB3  H N N 174 
GLU HG2  H N N 175 
GLU HG3  H N N 176 
GLU HE2  H N N 177 
GLU HXT  H N N 178 
GLY N    N N N 179 
GLY CA   C N N 180 
GLY C    C N N 181 
GLY O    O N N 182 
GLY OXT  O N N 183 
GLY H    H N N 184 
GLY H2   H N N 185 
GLY HA2  H N N 186 
GLY HA3  H N N 187 
GLY HXT  H N N 188 
HIS N    N N N 189 
HIS CA   C N S 190 
HIS C    C N N 191 
HIS O    O N N 192 
HIS CB   C N N 193 
HIS CG   C Y N 194 
HIS ND1  N Y N 195 
HIS CD2  C Y N 196 
HIS CE1  C Y N 197 
HIS NE2  N Y N 198 
HIS OXT  O N N 199 
HIS H    H N N 200 
HIS H2   H N N 201 
HIS HA   H N N 202 
HIS HB2  H N N 203 
HIS HB3  H N N 204 
HIS HD1  H N N 205 
HIS HD2  H N N 206 
HIS HE1  H N N 207 
HIS HE2  H N N 208 
HIS HXT  H N N 209 
HOH O    O N N 210 
HOH H1   H N N 211 
HOH H2   H N N 212 
ILE N    N N N 213 
ILE CA   C N S 214 
ILE C    C N N 215 
ILE O    O N N 216 
ILE CB   C N S 217 
ILE CG1  C N N 218 
ILE CG2  C N N 219 
ILE CD1  C N N 220 
ILE OXT  O N N 221 
ILE H    H N N 222 
ILE H2   H N N 223 
ILE HA   H N N 224 
ILE HB   H N N 225 
ILE HG12 H N N 226 
ILE HG13 H N N 227 
ILE HG21 H N N 228 
ILE HG22 H N N 229 
ILE HG23 H N N 230 
ILE HD11 H N N 231 
ILE HD12 H N N 232 
ILE HD13 H N N 233 
ILE HXT  H N N 234 
LEU N    N N N 235 
LEU CA   C N S 236 
LEU C    C N N 237 
LEU O    O N N 238 
LEU CB   C N N 239 
LEU CG   C N N 240 
LEU CD1  C N N 241 
LEU CD2  C N N 242 
LEU OXT  O N N 243 
LEU H    H N N 244 
LEU H2   H N N 245 
LEU HA   H N N 246 
LEU HB2  H N N 247 
LEU HB3  H N N 248 
LEU HG   H N N 249 
LEU HD11 H N N 250 
LEU HD12 H N N 251 
LEU HD13 H N N 252 
LEU HD21 H N N 253 
LEU HD22 H N N 254 
LEU HD23 H N N 255 
LEU HXT  H N N 256 
LYS N    N N N 257 
LYS CA   C N S 258 
LYS C    C N N 259 
LYS O    O N N 260 
LYS CB   C N N 261 
LYS CG   C N N 262 
LYS CD   C N N 263 
LYS CE   C N N 264 
LYS NZ   N N N 265 
LYS OXT  O N N 266 
LYS H    H N N 267 
LYS H2   H N N 268 
LYS HA   H N N 269 
LYS HB2  H N N 270 
LYS HB3  H N N 271 
LYS HG2  H N N 272 
LYS HG3  H N N 273 
LYS HD2  H N N 274 
LYS HD3  H N N 275 
LYS HE2  H N N 276 
LYS HE3  H N N 277 
LYS HZ1  H N N 278 
LYS HZ2  H N N 279 
LYS HZ3  H N N 280 
LYS HXT  H N N 281 
MET N    N N N 282 
MET CA   C N S 283 
MET C    C N N 284 
MET O    O N N 285 
MET CB   C N N 286 
MET CG   C N N 287 
MET SD   S N N 288 
MET CE   C N N 289 
MET OXT  O N N 290 
MET H    H N N 291 
MET H2   H N N 292 
MET HA   H N N 293 
MET HB2  H N N 294 
MET HB3  H N N 295 
MET HG2  H N N 296 
MET HG3  H N N 297 
MET HE1  H N N 298 
MET HE2  H N N 299 
MET HE3  H N N 300 
MET HXT  H N N 301 
PHE N    N N N 302 
PHE CA   C N S 303 
PHE C    C N N 304 
PHE O    O N N 305 
PHE CB   C N N 306 
PHE CG   C Y N 307 
PHE CD1  C Y N 308 
PHE CD2  C Y N 309 
PHE CE1  C Y N 310 
PHE CE2  C Y N 311 
PHE CZ   C Y N 312 
PHE OXT  O N N 313 
PHE H    H N N 314 
PHE H2   H N N 315 
PHE HA   H N N 316 
PHE HB2  H N N 317 
PHE HB3  H N N 318 
PHE HD1  H N N 319 
PHE HD2  H N N 320 
PHE HE1  H N N 321 
PHE HE2  H N N 322 
PHE HZ   H N N 323 
PHE HXT  H N N 324 
PRO N    N N N 325 
PRO CA   C N S 326 
PRO C    C N N 327 
PRO O    O N N 328 
PRO CB   C N N 329 
PRO CG   C N N 330 
PRO CD   C N N 331 
PRO OXT  O N N 332 
PRO H    H N N 333 
PRO HA   H N N 334 
PRO HB2  H N N 335 
PRO HB3  H N N 336 
PRO HG2  H N N 337 
PRO HG3  H N N 338 
PRO HD2  H N N 339 
PRO HD3  H N N 340 
PRO HXT  H N N 341 
SER N    N N N 342 
SER CA   C N S 343 
SER C    C N N 344 
SER O    O N N 345 
SER CB   C N N 346 
SER OG   O N N 347 
SER OXT  O N N 348 
SER H    H N N 349 
SER H2   H N N 350 
SER HA   H N N 351 
SER HB2  H N N 352 
SER HB3  H N N 353 
SER HG   H N N 354 
SER HXT  H N N 355 
SO4 S    S N N 356 
SO4 O1   O N N 357 
SO4 O2   O N N 358 
SO4 O3   O N N 359 
SO4 O4   O N N 360 
THR N    N N N 361 
THR CA   C N S 362 
THR C    C N N 363 
THR O    O N N 364 
THR CB   C N R 365 
THR OG1  O N N 366 
THR CG2  C N N 367 
THR OXT  O N N 368 
THR H    H N N 369 
THR H2   H N N 370 
THR HA   H N N 371 
THR HB   H N N 372 
THR HG1  H N N 373 
THR HG21 H N N 374 
THR HG22 H N N 375 
THR HG23 H N N 376 
THR HXT  H N N 377 
TYR N    N N N 378 
TYR CA   C N S 379 
TYR C    C N N 380 
TYR O    O N N 381 
TYR CB   C N N 382 
TYR CG   C Y N 383 
TYR CD1  C Y N 384 
TYR CD2  C Y N 385 
TYR CE1  C Y N 386 
TYR CE2  C Y N 387 
TYR CZ   C Y N 388 
TYR OH   O N N 389 
TYR OXT  O N N 390 
TYR H    H N N 391 
TYR H2   H N N 392 
TYR HA   H N N 393 
TYR HB2  H N N 394 
TYR HB3  H N N 395 
TYR HD1  H N N 396 
TYR HD2  H N N 397 
TYR HE1  H N N 398 
TYR HE2  H N N 399 
TYR HH   H N N 400 
TYR HXT  H N N 401 
VAL N    N N N 402 
VAL CA   C N S 403 
VAL C    C N N 404 
VAL O    O N N 405 
VAL CB   C N N 406 
VAL CG1  C N N 407 
VAL CG2  C N N 408 
VAL OXT  O N N 409 
VAL H    H N N 410 
VAL H2   H N N 411 
VAL HA   H N N 412 
VAL HB   H N N 413 
VAL HG11 H N N 414 
VAL HG12 H N N 415 
VAL HG13 H N N 416 
VAL HG21 H N N 417 
VAL HG22 H N N 418 
VAL HG23 H N N 419 
VAL HXT  H N N 420 
# 
loop_
_chem_comp_bond.comp_id 
_chem_comp_bond.atom_id_1 
_chem_comp_bond.atom_id_2 
_chem_comp_bond.value_order 
_chem_comp_bond.pdbx_aromatic_flag 
_chem_comp_bond.pdbx_stereo_config 
_chem_comp_bond.pdbx_ordinal 
ALA N   CA   sing N N 1   
ALA N   H    sing N N 2   
ALA N   H2   sing N N 3   
ALA CA  C    sing N N 4   
ALA CA  CB   sing N N 5   
ALA CA  HA   sing N N 6   
ALA C   O    doub N N 7   
ALA C   OXT  sing N N 8   
ALA CB  HB1  sing N N 9   
ALA CB  HB2  sing N N 10  
ALA CB  HB3  sing N N 11  
ALA OXT HXT  sing N N 12  
ARG N   CA   sing N N 13  
ARG N   H    sing N N 14  
ARG N   H2   sing N N 15  
ARG CA  C    sing N N 16  
ARG CA  CB   sing N N 17  
ARG CA  HA   sing N N 18  
ARG C   O    doub N N 19  
ARG C   OXT  sing N N 20  
ARG CB  CG   sing N N 21  
ARG CB  HB2  sing N N 22  
ARG CB  HB3  sing N N 23  
ARG CG  CD   sing N N 24  
ARG CG  HG2  sing N N 25  
ARG CG  HG3  sing N N 26  
ARG CD  NE   sing N N 27  
ARG CD  HD2  sing N N 28  
ARG CD  HD3  sing N N 29  
ARG NE  CZ   sing N N 30  
ARG NE  HE   sing N N 31  
ARG CZ  NH1  sing N N 32  
ARG CZ  NH2  doub N N 33  
ARG NH1 HH11 sing N N 34  
ARG NH1 HH12 sing N N 35  
ARG NH2 HH21 sing N N 36  
ARG NH2 HH22 sing N N 37  
ARG OXT HXT  sing N N 38  
ASN N   CA   sing N N 39  
ASN N   H    sing N N 40  
ASN N   H2   sing N N 41  
ASN CA  C    sing N N 42  
ASN CA  CB   sing N N 43  
ASN CA  HA   sing N N 44  
ASN C   O    doub N N 45  
ASN C   OXT  sing N N 46  
ASN CB  CG   sing N N 47  
ASN CB  HB2  sing N N 48  
ASN CB  HB3  sing N N 49  
ASN CG  OD1  doub N N 50  
ASN CG  ND2  sing N N 51  
ASN ND2 HD21 sing N N 52  
ASN ND2 HD22 sing N N 53  
ASN OXT HXT  sing N N 54  
ASP N   CA   sing N N 55  
ASP N   H    sing N N 56  
ASP N   H2   sing N N 57  
ASP CA  C    sing N N 58  
ASP CA  CB   sing N N 59  
ASP CA  HA   sing N N 60  
ASP C   O    doub N N 61  
ASP C   OXT  sing N N 62  
ASP CB  CG   sing N N 63  
ASP CB  HB2  sing N N 64  
ASP CB  HB3  sing N N 65  
ASP CG  OD1  doub N N 66  
ASP CG  OD2  sing N N 67  
ASP OD2 HD2  sing N N 68  
ASP OXT HXT  sing N N 69  
CYS N   CA   sing N N 70  
CYS N   H    sing N N 71  
CYS N   H2   sing N N 72  
CYS CA  C    sing N N 73  
CYS CA  CB   sing N N 74  
CYS CA  HA   sing N N 75  
CYS C   O    doub N N 76  
CYS C   OXT  sing N N 77  
CYS CB  SG   sing N N 78  
CYS CB  HB2  sing N N 79  
CYS CB  HB3  sing N N 80  
CYS SG  HG   sing N N 81  
CYS OXT HXT  sing N N 82  
G7H CAI CAM  sing N N 83  
G7H CAI CAL  sing N N 84  
G7H CAM NBC  sing N N 85  
G7H CAL CAU  sing N N 86  
G7H CAG CAE  doub Y N 87  
G7H CAG CAX  sing Y N 88  
G7H NBC CAX  sing N N 89  
G7H NBC CAU  sing N N 90  
G7H CAE CAW  sing Y N 91  
G7H CAX CAH  doub Y N 92  
G7H CAU OAC  doub N N 93  
G7H CAW CBA  sing N N 94  
G7H CAW CAF  doub Y N 95  
G7H CAA CAT  sing N N 96  
G7H CAH CAF  sing Y N 97  
G7H CBA CAZ  doub Y N 98  
G7H CBA SAS  sing Y N 99  
G7H CAT CAZ  sing N N 100 
G7H CAT OAB  doub N N 101 
G7H CAZ NAO  sing Y N 102 
G7H SAS CAY  sing Y N 103 
G7H NAO CAY  doub Y N 104 
G7H CAY NAR  sing N N 105 
G7H NAR C    sing N N 106 
G7H O   C    doub N N 107 
G7H C   CA   sing N N 108 
G7H CA  N    sing N N 109 
G7H CA  CB   sing N N 110 
G7H N   CAK  sing N N 111 
G7H CB  NAP  sing N N 112 
G7H CAK CAJ  sing N N 113 
G7H NAP CAJ  sing N N 114 
G7H N   H1   sing N N 115 
G7H CA  H3   sing N N 116 
G7H CB  H4   sing N N 117 
G7H CB  H5   sing N N 118 
G7H CAA H6   sing N N 119 
G7H CAA H7   sing N N 120 
G7H CAA H8   sing N N 121 
G7H CAE H9   sing N N 122 
G7H CAF H10  sing N N 123 
G7H CAG H11  sing N N 124 
G7H CAH H12  sing N N 125 
G7H CAI H13  sing N N 126 
G7H CAI H14  sing N N 127 
G7H CAJ H15  sing N N 128 
G7H CAJ H16  sing N N 129 
G7H CAK H17  sing N N 130 
G7H CAK H18  sing N N 131 
G7H CAL H19  sing N N 132 
G7H CAL H20  sing N N 133 
G7H CAM H21  sing N N 134 
G7H CAM H22  sing N N 135 
G7H NAP H23  sing N N 136 
G7H NAR H25  sing N N 137 
GLN N   CA   sing N N 138 
GLN N   H    sing N N 139 
GLN N   H2   sing N N 140 
GLN CA  C    sing N N 141 
GLN CA  CB   sing N N 142 
GLN CA  HA   sing N N 143 
GLN C   O    doub N N 144 
GLN C   OXT  sing N N 145 
GLN CB  CG   sing N N 146 
GLN CB  HB2  sing N N 147 
GLN CB  HB3  sing N N 148 
GLN CG  CD   sing N N 149 
GLN CG  HG2  sing N N 150 
GLN CG  HG3  sing N N 151 
GLN CD  OE1  doub N N 152 
GLN CD  NE2  sing N N 153 
GLN NE2 HE21 sing N N 154 
GLN NE2 HE22 sing N N 155 
GLN OXT HXT  sing N N 156 
GLU N   CA   sing N N 157 
GLU N   H    sing N N 158 
GLU N   H2   sing N N 159 
GLU CA  C    sing N N 160 
GLU CA  CB   sing N N 161 
GLU CA  HA   sing N N 162 
GLU C   O    doub N N 163 
GLU C   OXT  sing N N 164 
GLU CB  CG   sing N N 165 
GLU CB  HB2  sing N N 166 
GLU CB  HB3  sing N N 167 
GLU CG  CD   sing N N 168 
GLU CG  HG2  sing N N 169 
GLU CG  HG3  sing N N 170 
GLU CD  OE1  doub N N 171 
GLU CD  OE2  sing N N 172 
GLU OE2 HE2  sing N N 173 
GLU OXT HXT  sing N N 174 
GLY N   CA   sing N N 175 
GLY N   H    sing N N 176 
GLY N   H2   sing N N 177 
GLY CA  C    sing N N 178 
GLY CA  HA2  sing N N 179 
GLY CA  HA3  sing N N 180 
GLY C   O    doub N N 181 
GLY C   OXT  sing N N 182 
GLY OXT HXT  sing N N 183 
HIS N   CA   sing N N 184 
HIS N   H    sing N N 185 
HIS N   H2   sing N N 186 
HIS CA  C    sing N N 187 
HIS CA  CB   sing N N 188 
HIS CA  HA   sing N N 189 
HIS C   O    doub N N 190 
HIS C   OXT  sing N N 191 
HIS CB  CG   sing N N 192 
HIS CB  HB2  sing N N 193 
HIS CB  HB3  sing N N 194 
HIS CG  ND1  sing Y N 195 
HIS CG  CD2  doub Y N 196 
HIS ND1 CE1  doub Y N 197 
HIS ND1 HD1  sing N N 198 
HIS CD2 NE2  sing Y N 199 
HIS CD2 HD2  sing N N 200 
HIS CE1 NE2  sing Y N 201 
HIS CE1 HE1  sing N N 202 
HIS NE2 HE2  sing N N 203 
HIS OXT HXT  sing N N 204 
HOH O   H1   sing N N 205 
HOH O   H2   sing N N 206 
ILE N   CA   sing N N 207 
ILE N   H    sing N N 208 
ILE N   H2   sing N N 209 
ILE CA  C    sing N N 210 
ILE CA  CB   sing N N 211 
ILE CA  HA   sing N N 212 
ILE C   O    doub N N 213 
ILE C   OXT  sing N N 214 
ILE CB  CG1  sing N N 215 
ILE CB  CG2  sing N N 216 
ILE CB  HB   sing N N 217 
ILE CG1 CD1  sing N N 218 
ILE CG1 HG12 sing N N 219 
ILE CG1 HG13 sing N N 220 
ILE CG2 HG21 sing N N 221 
ILE CG2 HG22 sing N N 222 
ILE CG2 HG23 sing N N 223 
ILE CD1 HD11 sing N N 224 
ILE CD1 HD12 sing N N 225 
ILE CD1 HD13 sing N N 226 
ILE OXT HXT  sing N N 227 
LEU N   CA   sing N N 228 
LEU N   H    sing N N 229 
LEU N   H2   sing N N 230 
LEU CA  C    sing N N 231 
LEU CA  CB   sing N N 232 
LEU CA  HA   sing N N 233 
LEU C   O    doub N N 234 
LEU C   OXT  sing N N 235 
LEU CB  CG   sing N N 236 
LEU CB  HB2  sing N N 237 
LEU CB  HB3  sing N N 238 
LEU CG  CD1  sing N N 239 
LEU CG  CD2  sing N N 240 
LEU CG  HG   sing N N 241 
LEU CD1 HD11 sing N N 242 
LEU CD1 HD12 sing N N 243 
LEU CD1 HD13 sing N N 244 
LEU CD2 HD21 sing N N 245 
LEU CD2 HD22 sing N N 246 
LEU CD2 HD23 sing N N 247 
LEU OXT HXT  sing N N 248 
LYS N   CA   sing N N 249 
LYS N   H    sing N N 250 
LYS N   H2   sing N N 251 
LYS CA  C    sing N N 252 
LYS CA  CB   sing N N 253 
LYS CA  HA   sing N N 254 
LYS C   O    doub N N 255 
LYS C   OXT  sing N N 256 
LYS CB  CG   sing N N 257 
LYS CB  HB2  sing N N 258 
LYS CB  HB3  sing N N 259 
LYS CG  CD   sing N N 260 
LYS CG  HG2  sing N N 261 
LYS CG  HG3  sing N N 262 
LYS CD  CE   sing N N 263 
LYS CD  HD2  sing N N 264 
LYS CD  HD3  sing N N 265 
LYS CE  NZ   sing N N 266 
LYS CE  HE2  sing N N 267 
LYS CE  HE3  sing N N 268 
LYS NZ  HZ1  sing N N 269 
LYS NZ  HZ2  sing N N 270 
LYS NZ  HZ3  sing N N 271 
LYS OXT HXT  sing N N 272 
MET N   CA   sing N N 273 
MET N   H    sing N N 274 
MET N   H2   sing N N 275 
MET CA  C    sing N N 276 
MET CA  CB   sing N N 277 
MET CA  HA   sing N N 278 
MET C   O    doub N N 279 
MET C   OXT  sing N N 280 
MET CB  CG   sing N N 281 
MET CB  HB2  sing N N 282 
MET CB  HB3  sing N N 283 
MET CG  SD   sing N N 284 
MET CG  HG2  sing N N 285 
MET CG  HG3  sing N N 286 
MET SD  CE   sing N N 287 
MET CE  HE1  sing N N 288 
MET CE  HE2  sing N N 289 
MET CE  HE3  sing N N 290 
MET OXT HXT  sing N N 291 
PHE N   CA   sing N N 292 
PHE N   H    sing N N 293 
PHE N   H2   sing N N 294 
PHE CA  C    sing N N 295 
PHE CA  CB   sing N N 296 
PHE CA  HA   sing N N 297 
PHE C   O    doub N N 298 
PHE C   OXT  sing N N 299 
PHE CB  CG   sing N N 300 
PHE CB  HB2  sing N N 301 
PHE CB  HB3  sing N N 302 
PHE CG  CD1  doub Y N 303 
PHE CG  CD2  sing Y N 304 
PHE CD1 CE1  sing Y N 305 
PHE CD1 HD1  sing N N 306 
PHE CD2 CE2  doub Y N 307 
PHE CD2 HD2  sing N N 308 
PHE CE1 CZ   doub Y N 309 
PHE CE1 HE1  sing N N 310 
PHE CE2 CZ   sing Y N 311 
PHE CE2 HE2  sing N N 312 
PHE CZ  HZ   sing N N 313 
PHE OXT HXT  sing N N 314 
PRO N   CA   sing N N 315 
PRO N   CD   sing N N 316 
PRO N   H    sing N N 317 
PRO CA  C    sing N N 318 
PRO CA  CB   sing N N 319 
PRO CA  HA   sing N N 320 
PRO C   O    doub N N 321 
PRO C   OXT  sing N N 322 
PRO CB  CG   sing N N 323 
PRO CB  HB2  sing N N 324 
PRO CB  HB3  sing N N 325 
PRO CG  CD   sing N N 326 
PRO CG  HG2  sing N N 327 
PRO CG  HG3  sing N N 328 
PRO CD  HD2  sing N N 329 
PRO CD  HD3  sing N N 330 
PRO OXT HXT  sing N N 331 
SER N   CA   sing N N 332 
SER N   H    sing N N 333 
SER N   H2   sing N N 334 
SER CA  C    sing N N 335 
SER CA  CB   sing N N 336 
SER CA  HA   sing N N 337 
SER C   O    doub N N 338 
SER C   OXT  sing N N 339 
SER CB  OG   sing N N 340 
SER CB  HB2  sing N N 341 
SER CB  HB3  sing N N 342 
SER OG  HG   sing N N 343 
SER OXT HXT  sing N N 344 
SO4 S   O1   doub N N 345 
SO4 S   O2   doub N N 346 
SO4 S   O3   sing N N 347 
SO4 S   O4   sing N N 348 
THR N   CA   sing N N 349 
THR N   H    sing N N 350 
THR N   H2   sing N N 351 
THR CA  C    sing N N 352 
THR CA  CB   sing N N 353 
THR CA  HA   sing N N 354 
THR C   O    doub N N 355 
THR C   OXT  sing N N 356 
THR CB  OG1  sing N N 357 
THR CB  CG2  sing N N 358 
THR CB  HB   sing N N 359 
THR OG1 HG1  sing N N 360 
THR CG2 HG21 sing N N 361 
THR CG2 HG22 sing N N 362 
THR CG2 HG23 sing N N 363 
THR OXT HXT  sing N N 364 
TYR N   CA   sing N N 365 
TYR N   H    sing N N 366 
TYR N   H2   sing N N 367 
TYR CA  C    sing N N 368 
TYR CA  CB   sing N N 369 
TYR CA  HA   sing N N 370 
TYR C   O    doub N N 371 
TYR C   OXT  sing N N 372 
TYR CB  CG   sing N N 373 
TYR CB  HB2  sing N N 374 
TYR CB  HB3  sing N N 375 
TYR CG  CD1  doub Y N 376 
TYR CG  CD2  sing Y N 377 
TYR CD1 CE1  sing Y N 378 
TYR CD1 HD1  sing N N 379 
TYR CD2 CE2  doub Y N 380 
TYR CD2 HD2  sing N N 381 
TYR CE1 CZ   doub Y N 382 
TYR CE1 HE1  sing N N 383 
TYR CE2 CZ   sing Y N 384 
TYR CE2 HE2  sing N N 385 
TYR CZ  OH   sing N N 386 
TYR OH  HH   sing N N 387 
TYR OXT HXT  sing N N 388 
VAL N   CA   sing N N 389 
VAL N   H    sing N N 390 
VAL N   H2   sing N N 391 
VAL CA  C    sing N N 392 
VAL CA  CB   sing N N 393 
VAL CA  HA   sing N N 394 
VAL C   O    doub N N 395 
VAL C   OXT  sing N N 396 
VAL CB  CG1  sing N N 397 
VAL CB  CG2  sing N N 398 
VAL CB  HB   sing N N 399 
VAL CG1 HG11 sing N N 400 
VAL CG1 HG12 sing N N 401 
VAL CG1 HG13 sing N N 402 
VAL CG2 HG21 sing N N 403 
VAL CG2 HG22 sing N N 404 
VAL CG2 HG23 sing N N 405 
VAL OXT HXT  sing N N 406 
# 
_pdbx_entity_instance_feature.ordinal        1 
_pdbx_entity_instance_feature.comp_id        G7H 
_pdbx_entity_instance_feature.asym_id        ? 
_pdbx_entity_instance_feature.seq_num        ? 
_pdbx_entity_instance_feature.auth_comp_id   G7H 
_pdbx_entity_instance_feature.auth_asym_id   ? 
_pdbx_entity_instance_feature.auth_seq_num   ? 
_pdbx_entity_instance_feature.feature_type   'SUBJECT OF INVESTIGATION' 
_pdbx_entity_instance_feature.details        ? 
# 
_pdbx_initial_refinement_model.id               1 
_pdbx_initial_refinement_model.entity_id_list   ? 
_pdbx_initial_refinement_model.type             'experimental model' 
_pdbx_initial_refinement_model.source_name      PDB 
_pdbx_initial_refinement_model.accession_code   5F36 
_pdbx_initial_refinement_model.details          ? 
# 
_atom_sites.entry_id                    6HIC 
_atom_sites.fract_transf_matrix[1][1]   0.01074544 
_atom_sites.fract_transf_matrix[1][2]   0.00882038 
_atom_sites.fract_transf_matrix[1][3]   -0.00397930 
_atom_sites.fract_transf_matrix[2][1]   0.00456044 
_atom_sites.fract_transf_matrix[2][2]   0.01035867 
_atom_sites.fract_transf_matrix[2][3]   0.00900116 
_atom_sites.fract_transf_matrix[3][1]   0.00482202 
_atom_sites.fract_transf_matrix[3][2]   -0.00459234 
_atom_sites.fract_transf_matrix[3][3]   0.00284185 
_atom_sites.fract_transf_vector[1]      -0.136126 
_atom_sites.fract_transf_vector[2]      -0.598326 
_atom_sites.fract_transf_vector[3]      1.027498 
# 
loop_
_atom_type.symbol 
C 
N 
O 
S 
# 
loop_
_atom_site.group_PDB 
_atom_site.id 
_atom_site.type_symbol 
_atom_site.label_atom_id 
_atom_site.label_alt_id 
_atom_site.label_comp_id 
_atom_site.label_asym_id 
_atom_site.label_entity_id 
_atom_site.label_seq_id 
_atom_site.pdbx_PDB_ins_code 
_atom_site.Cartn_x 
_atom_site.Cartn_y 
_atom_site.Cartn_z 
_atom_site.occupancy 
_atom_site.B_iso_or_equiv 
_atom_site.pdbx_formal_charge 
_atom_site.auth_seq_id 
_atom_site.auth_comp_id 
_atom_site.auth_asym_id 
_atom_site.auth_atom_id 
_atom_site.pdbx_PDB_model_num 
ATOM   1    N N   . SER A 1 1   ? -22.948 -6.896  11.672  1.00 51.33 ? 979  SER A N   1 
ATOM   2    C CA  . SER A 1 1   ? -24.301 -6.422  11.403  1.00 49.13 ? 979  SER A CA  1 
ATOM   3    C C   . SER A 1 1   ? -24.406 -5.800  10.014  1.00 53.34 ? 979  SER A C   1 
ATOM   4    O O   . SER A 1 1   ? -23.422 -5.741  9.276   1.00 51.40 ? 979  SER A O   1 
ATOM   5    C CB  . SER A 1 1   ? -24.723 -5.404  12.458  1.00 50.72 ? 979  SER A CB  1 
ATOM   6    O OG  . SER A 1 1   ? -24.060 -4.170  12.253  1.00 48.77 ? 979  SER A OG  1 
ATOM   7    N N   . MET A 1 2   ? -25.604 -5.325  9.670   1.00 50.79 ? 980  MET A N   1 
ATOM   8    C CA  . MET A 1 2   ? -25.796 -4.652  8.391   1.00 51.16 ? 980  MET A CA  1 
ATOM   9    C C   . MET A 1 2   ? -25.161 -3.266  8.387   1.00 50.72 ? 980  MET A C   1 
ATOM   10   O O   . MET A 1 2   ? -24.591 -2.851  7.371   1.00 50.22 ? 980  MET A O   1 
ATOM   11   C CB  . MET A 1 2   ? -27.287 -4.556  8.063   1.00 54.13 ? 980  MET A CB  1 
ATOM   12   N N   . GLN A 1 3   ? -25.262 -2.530  9.500   1.00 47.62 ? 981  GLN A N   1 
ATOM   13   C CA  . GLN A 1 3   ? -24.618 -1.224  9.573   1.00 47.54 ? 981  GLN A CA  1 
ATOM   14   C C   . GLN A 1 3   ? -23.098 -1.349  9.554   1.00 44.35 ? 981  GLN A C   1 
ATOM   15   O O   . GLN A 1 3   ? -22.413 -0.476  9.009   1.00 40.81 ? 981  GLN A O   1 
ATOM   16   C CB  . GLN A 1 3   ? -25.073 -0.473  10.824  1.00 45.16 ? 981  GLN A CB  1 
ATOM   17   N N   . GLU A 1 4   ? -22.552 -2.422  10.134  1.00 41.51 ? 982  GLU A N   1 
ATOM   18   C CA  . GLU A 1 4   ? -21.106 -2.597  10.114  1.00 39.57 ? 982  GLU A CA  1 
ATOM   19   C C   . GLU A 1 4   ? -20.602 -2.948  8.718   1.00 38.58 ? 982  GLU A C   1 
ATOM   20   O O   . GLU A 1 4   ? -19.535 -2.478  8.308   1.00 32.67 ? 982  GLU A O   1 
ATOM   21   C CB  . GLU A 1 4   ? -20.701 -3.663  11.128  1.00 40.06 ? 982  GLU A CB  1 
ATOM   22   C CG  . GLU A 1 4   ? -21.006 -3.245  12.557  1.00 44.18 ? 982  GLU A CG  1 
ATOM   23   C CD  . GLU A 1 4   ? -20.701 -4.330  13.563  1.00 46.94 ? 982  GLU A CD  1 
ATOM   24   O OE1 . GLU A 1 4   ? -20.657 -5.509  13.152  1.00 47.92 ? 982  GLU A OE1 1 
ATOM   25   O OE2 . GLU A 1 4   ? -20.507 -4.000  14.757  1.00 41.86 ? 982  GLU A OE2 1 
ATOM   26   N N   . GLU A 1 5   ? -21.349 -3.768  7.973   1.00 36.93 ? 983  GLU A N   1 
ATOM   27   C CA  . GLU A 1 5   ? -20.933 -4.091  6.612   1.00 40.96 ? 983  GLU A CA  1 
ATOM   28   C C   . GLU A 1 5   ? -20.956 -2.859  5.714   1.00 35.92 ? 983  GLU A C   1 
ATOM   29   O O   . GLU A 1 5   ? -20.092 -2.719  4.844   1.00 31.23 ? 983  GLU A O   1 
ATOM   30   C CB  . GLU A 1 5   ? -21.815 -5.200  6.027   1.00 44.31 ? 983  GLU A CB  1 
ATOM   31   C CG  . GLU A 1 5   ? -21.607 -6.575  6.672   1.00 45.47 ? 983  GLU A CG  1 
ATOM   32   C CD  . GLU A 1 5   ? -20.137 -6.938  6.865   1.00 54.54 ? 983  GLU A CD  1 
ATOM   33   O OE1 . GLU A 1 5   ? -19.337 -6.777  5.914   1.00 57.21 ? 983  GLU A OE1 1 
ATOM   34   O OE2 . GLU A 1 5   ? -19.775 -7.384  7.975   1.00 54.93 ? 983  GLU A OE2 1 
ATOM   35   N N   . ASP A 1 6   ? -21.921 -1.957  5.915   1.00 35.51 ? 984  ASP A N   1 
ATOM   36   C CA  . ASP A 1 6   ? -21.907 -0.691  5.187   1.00 35.95 ? 984  ASP A CA  1 
ATOM   37   C C   . ASP A 1 6   ? -20.658 0.121   5.516   1.00 31.54 ? 984  ASP A C   1 
ATOM   38   O O   . ASP A 1 6   ? -20.103 0.800   4.644   1.00 27.54 ? 984  ASP A O   1 
ATOM   39   C CB  . ASP A 1 6   ? -23.162 0.122   5.513   1.00 40.37 ? 984  ASP A CB  1 
ATOM   40   C CG  . ASP A 1 6   ? -24.413 -0.435  4.849   1.00 49.79 ? 984  ASP A CG  1 
ATOM   41   O OD1 . ASP A 1 6   ? -24.293 -1.245  3.902   1.00 52.59 ? 984  ASP A OD1 1 
ATOM   42   O OD2 . ASP A 1 6   ? -25.520 -0.058  5.283   1.00 54.12 ? 984  ASP A OD2 1 
ATOM   43   N N   . THR A 1 7   ? -20.223 0.090   6.777   1.00 27.53 ? 985  THR A N   1 
ATOM   44   C CA  . THR A 1 7   ? -19.017 0.814   7.166   1.00 30.70 ? 985  THR A CA  1 
ATOM   45   C C   . THR A 1 7   ? -17.803 0.278   6.421   1.00 28.17 ? 985  THR A C   1 
ATOM   46   O O   . THR A 1 7   ? -17.025 1.046   5.842   1.00 25.61 ? 985  THR A O   1 
ATOM   47   C CB  . THR A 1 7   ? -18.806 0.725   8.679   1.00 33.19 ? 985  THR A CB  1 
ATOM   48   O OG1 . THR A 1 7   ? -19.914 1.344   9.350   1.00 32.74 ? 985  THR A OG1 1 
ATOM   49   C CG2 . THR A 1 7   ? -17.511 1.419   9.083   1.00 31.76 ? 985  THR A CG2 1 
ATOM   50   N N   . PHE A 1 8   ? -17.632 -1.045  6.413   1.00 26.50 ? 986  PHE A N   1 
ATOM   51   C CA  . PHE A 1 8   ? -16.480 -1.617  5.724   1.00 27.63 ? 986  PHE A CA  1 
ATOM   52   C C   . PHE A 1 8   ? -16.562 -1.417  4.216   1.00 26.10 ? 986  PHE A C   1 
ATOM   53   O O   . PHE A 1 8   ? -15.529 -1.237  3.567   1.00 26.30 ? 986  PHE A O   1 
ATOM   54   C CB  . PHE A 1 8   ? -16.352 -3.097  6.071   1.00 29.29 ? 986  PHE A CB  1 
ATOM   55   C CG  . PHE A 1 8   ? -15.914 -3.350  7.485   1.00 32.77 ? 986  PHE A CG  1 
ATOM   56   C CD1 . PHE A 1 8   ? -14.922 -2.576  8.068   1.00 30.85 ? 986  PHE A CD1 1 
ATOM   57   C CD2 . PHE A 1 8   ? -16.514 -4.343  8.240   1.00 38.37 ? 986  PHE A CD2 1 
ATOM   58   C CE1 . PHE A 1 8   ? -14.519 -2.802  9.375   1.00 35.40 ? 986  PHE A CE1 1 
ATOM   59   C CE2 . PHE A 1 8   ? -16.118 -4.577  9.547   1.00 34.56 ? 986  PHE A CE2 1 
ATOM   60   C CZ  . PHE A 1 8   ? -15.122 -3.809  10.113  1.00 35.67 ? 986  PHE A CZ  1 
ATOM   61   N N   . ARG A 1 9   ? -17.770 -1.426  3.638   1.00 24.81 ? 987  ARG A N   1 
ATOM   62   C CA  . ARG A 1 9   ? -17.891 -1.125  2.214   1.00 28.01 ? 987  ARG A CA  1 
ATOM   63   C C   . ARG A 1 9   ? -17.430 0.297   1.899   1.00 28.04 ? 987  ARG A C   1 
ATOM   64   O O   . ARG A 1 9   ? -16.744 0.523   0.892   1.00 24.43 ? 987  ARG A O   1 
ATOM   65   C CB  . ARG A 1 9   ? -19.326 -1.333  1.742   1.00 29.06 ? 987  ARG A CB  1 
ATOM   66   C CG  . ARG A 1 9   ? -19.502 -1.012  0.280   1.00 34.81 ? 987  ARG A CG  1 
ATOM   67   C CD  . ARG A 1 9   ? -20.754 -1.641  -0.300  1.00 38.47 ? 987  ARG A CD  1 
ATOM   68   N NE  . ARG A 1 9   ? -20.718 -1.529  -1.752  1.00 45.49 ? 987  ARG A NE  1 
ATOM   69   C CZ  . ARG A 1 9   ? -21.293 -0.559  -2.456  1.00 45.22 ? 987  ARG A CZ  1 
ATOM   70   N NH1 . ARG A 1 9   ? -21.992 0.397   -1.847  1.00 42.31 ? 987  ARG A NH1 1 
ATOM   71   N NH2 . ARG A 1 9   ? -21.168 -0.555  -3.777  1.00 41.37 ? 987  ARG A NH2 1 
ATOM   72   N N   . GLU A 1 10  ? -17.813 1.272   2.737   1.00 25.43 ? 988  GLU A N   1 
ATOM   73   C CA  . GLU A 1 10  ? -17.329 2.633   2.528   1.00 24.97 ? 988  GLU A CA  1 
ATOM   74   C C   . GLU A 1 10  ? -15.812 2.695   2.620   1.00 25.75 ? 988  GLU A C   1 
ATOM   75   O O   . GLU A 1 10  ? -15.164 3.375   1.816   1.00 22.21 ? 988  GLU A O   1 
ATOM   76   C CB  . GLU A 1 10  ? -17.948 3.604   3.540   1.00 28.01 ? 988  GLU A CB  1 
ATOM   77   C CG  . GLU A 1 10  ? -17.326 5.009   3.442   1.00 29.06 ? 988  GLU A CG  1 
ATOM   78   C CD  . GLU A 1 10  ? -18.115 6.095   4.165   1.00 34.54 ? 988  GLU A CD  1 
ATOM   79   O OE1 . GLU A 1 10  ? -17.603 7.238   4.226   1.00 36.08 ? 988  GLU A OE1 1 
ATOM   80   O OE2 . GLU A 1 10  ? -19.227 5.817   4.667   1.00 32.77 ? 988  GLU A OE2 1 
ATOM   81   N N   . LEU A 1 11  ? -15.226 1.983   3.593   1.00 23.25 ? 989  LEU A N   1 
ATOM   82   C CA  . LEU A 1 11  ? -13.772 1.942   3.686   1.00 25.49 ? 989  LEU A CA  1 
ATOM   83   C C   . LEU A 1 11  ? -13.163 1.409   2.388   1.00 25.78 ? 989  LEU A C   1 
ATOM   84   O O   . LEU A 1 11  ? -12.193 1.976   1.878   1.00 24.71 ? 989  LEU A O   1 
ATOM   85   C CB  . LEU A 1 11  ? -13.334 1.083   4.876   1.00 25.21 ? 989  LEU A CB  1 
ATOM   86   C CG  . LEU A 1 11  ? -11.811 0.856   4.946   1.00 26.70 ? 989  LEU A CG  1 
ATOM   87   C CD1 . LEU A 1 11  ? -11.091 2.160   5.238   1.00 26.41 ? 989  LEU A CD1 1 
ATOM   88   C CD2 . LEU A 1 11  ? -11.433 -0.211  5.985   1.00 29.51 ? 989  LEU A CD2 1 
ATOM   89   N N   . ARG A 1 12  ? -13.741 0.334   1.827   1.00 24.47 ? 990  ARG A N   1 
ATOM   90   C CA  . ARG A 1 12  ? -13.193 -0.256  0.606   1.00 28.26 ? 990  ARG A CA  1 
ATOM   91   C C   . ARG A 1 12  ? -13.249 0.724   -0.550  1.00 25.60 ? 990  ARG A C   1 
ATOM   92   O O   . ARG A 1 12  ? -12.284 0.845   -1.316  1.00 22.79 ? 990  ARG A O   1 
ATOM   93   C CB  . ARG A 1 12  ? -13.930 -1.552  0.241   1.00 26.36 ? 990  ARG A CB  1 
ATOM   94   C CG  . ARG A 1 12  ? -13.616 -2.729  1.184   1.00 25.40 ? 990  ARG A CG  1 
ATOM   95   C CD  . ARG A 1 12  ? -14.116 -4.069  0.613   1.00 27.52 ? 990  ARG A CD  1 
ATOM   96   N NE  . ARG A 1 12  ? -15.571 -4.103  0.398   1.00 28.28 ? 990  ARG A NE  1 
ATOM   97   C CZ  . ARG A 1 12  ? -16.457 -4.451  1.330   1.00 29.30 ? 990  ARG A CZ  1 
ATOM   98   N NH1 . ARG A 1 12  ? -16.047 -4.775  2.549   1.00 26.70 ? 990  ARG A NH1 1 
ATOM   99   N NH2 . ARG A 1 12  ? -17.758 -4.463  1.051   1.00 28.85 ? 990  ARG A NH2 1 
ATOM   100  N N   . ILE A 1 13  ? -14.379 1.419   -0.702  1.00 22.66 ? 991  ILE A N   1 
ATOM   101  C CA  . ILE A 1 13  ? -14.515 2.436   -1.743  1.00 22.79 ? 991  ILE A CA  1 
ATOM   102  C C   . ILE A 1 13  ? -13.431 3.496   -1.593  1.00 23.54 ? 991  ILE A C   1 
ATOM   103  O O   . ILE A 1 13  ? -12.806 3.910   -2.582  1.00 23.16 ? 991  ILE A O   1 
ATOM   104  C CB  . ILE A 1 13  ? -15.926 3.048   -1.680  1.00 23.75 ? 991  ILE A CB  1 
ATOM   105  C CG1 . ILE A 1 13  ? -16.959 1.962   -2.043  1.00 28.93 ? 991  ILE A CG1 1 
ATOM   106  C CG2 . ILE A 1 13  ? -16.032 4.266   -2.619  1.00 26.04 ? 991  ILE A CG2 1 
ATOM   107  C CD1 . ILE A 1 13  ? -18.422 2.356   -1.774  1.00 27.45 ? 991  ILE A CD1 1 
ATOM   108  N N   . PHE A 1 14  ? -13.196 3.951   -0.358  1.00 23.19 ? 992  PHE A N   1 
ATOM   109  C CA  . PHE A 1 14  ? -12.151 4.938   -0.105  1.00 25.78 ? 992  PHE A CA  1 
ATOM   110  C C   . PHE A 1 14  ? -10.776 4.386   -0.480  1.00 25.75 ? 992  PHE A C   1 
ATOM   111  O O   . PHE A 1 14  ? -9.997  5.050   -1.175  1.00 23.15 ? 992  PHE A O   1 
ATOM   112  C CB  . PHE A 1 14  ? -12.181 5.366   1.367   1.00 25.61 ? 992  PHE A CB  1 
ATOM   113  C CG  . PHE A 1 14  ? -11.032 6.243   1.761   1.00 27.77 ? 992  PHE A CG  1 
ATOM   114  C CD1 . PHE A 1 14  ? -11.042 7.597   1.450   1.00 30.53 ? 992  PHE A CD1 1 
ATOM   115  C CD2 . PHE A 1 14  ? -9.937  5.715   2.432   1.00 30.66 ? 992  PHE A CD2 1 
ATOM   116  C CE1 . PHE A 1 14  ? -9.969  8.418   1.798   1.00 32.76 ? 992  PHE A CE1 1 
ATOM   117  C CE2 . PHE A 1 14  ? -8.862  6.535   2.789   1.00 28.75 ? 992  PHE A CE2 1 
ATOM   118  C CZ  . PHE A 1 14  ? -8.882  7.884   2.470   1.00 29.88 ? 992  PHE A CZ  1 
ATOM   119  N N   . LEU A 1 15  ? -10.459 3.171   -0.023  1.00 23.66 ? 993  LEU A N   1 
ATOM   120  C CA  . LEU A 1 15  ? -9.134  2.613   -0.292  1.00 23.82 ? 993  LEU A CA  1 
ATOM   121  C C   . LEU A 1 15  ? -8.913  2.361   -1.783  1.00 24.10 ? 993  LEU A C   1 
ATOM   122  O O   . LEU A 1 15  ? -7.794  2.539   -2.283  1.00 25.17 ? 993  LEU A O   1 
ATOM   123  C CB  . LEU A 1 15  ? -8.937  1.326   0.506   1.00 23.39 ? 993  LEU A CB  1 
ATOM   124  C CG  . LEU A 1 15  ? -8.948  1.461   2.031   1.00 25.70 ? 993  LEU A CG  1 
ATOM   125  C CD1 . LEU A 1 15  ? -8.821  0.090   2.694   1.00 26.65 ? 993  LEU A CD1 1 
ATOM   126  C CD2 . LEU A 1 15  ? -7.848  2.408   2.496   1.00 26.71 ? 993  LEU A CD2 1 
ATOM   127  N N   . ARG A 1 16  ? -9.954  1.941   -2.511  1.00 22.01 ? 994  ARG A N   1 
ATOM   128  C CA  . ARG A 1 16  ? -9.822  1.783   -3.962  1.00 27.18 ? 994  ARG A CA  1 
ATOM   129  C C   . ARG A 1 16  ? -9.467  3.112   -4.625  1.00 26.43 ? 994  ARG A C   1 
ATOM   130  O O   . ARG A 1 16  ? -8.610  3.172   -5.517  1.00 24.84 ? 994  ARG A O   1 
ATOM   131  C CB  . ARG A 1 16  ? -11.119 1.230   -4.568  1.00 29.42 ? 994  ARG A CB  1 
ATOM   132  C CG  . ARG A 1 16  ? -11.196 -0.272  -4.640  1.00 34.35 ? 994  ARG A CG  1 
ATOM   133  C CD  . ARG A 1 16  ? -12.492 -0.730  -5.316  1.00 32.09 ? 994  ARG A CD  1 
ATOM   134  N NE  . ARG A 1 16  ? -12.900 -1.973  -4.690  1.00 32.69 ? 994  ARG A NE  1 
ATOM   135  C CZ  . ARG A 1 16  ? -13.916 -2.088  -3.849  1.00 34.74 ? 994  ARG A CZ  1 
ATOM   136  N NH1 . ARG A 1 16  ? -14.663 -1.030  -3.557  1.00 31.26 ? 994  ARG A NH1 1 
ATOM   137  N NH2 . ARG A 1 16  ? -14.185 -3.268  -3.298  1.00 34.26 ? 994  ARG A NH2 1 
ATOM   138  N N   . ASN A 1 17  ? -10.142 4.183   -4.217  1.00 23.07 ? 995  ASN A N   1 
ATOM   139  C CA  . ASN A 1 17  ? -9.873  5.494   -4.797  1.00 24.13 ? 995  ASN A CA  1 
ATOM   140  C C   . ASN A 1 17  ? -8.449  5.959   -4.497  1.00 22.56 ? 995  ASN A C   1 
ATOM   141  O O   . ASN A 1 17  ? -7.742  6.433   -5.391  1.00 23.97 ? 995  ASN A O   1 
ATOM   142  C CB  . ASN A 1 17  ? -10.892 6.505   -4.278  1.00 28.17 ? 995  ASN A CB  1 
ATOM   143  C CG  . ASN A 1 17  ? -10.622 7.900   -4.802  1.00 31.02 ? 995  ASN A CG  1 
ATOM   144  O OD1 . ASN A 1 17  ? -9.973  8.689   -4.134  1.00 29.42 ? 995  ASN A OD1 1 
ATOM   145  N ND2 . ASN A 1 17  ? -11.142 8.215   -5.992  1.00 34.83 ? 995  ASN A ND2 1 
ATOM   146  N N   . VAL A 1 18  ? -8.003  5.825   -3.246  1.00 22.85 ? 996  VAL A N   1 
ATOM   147  C CA  . VAL A 1 18  ? -6.632  6.209   -2.905  1.00 24.31 ? 996  VAL A CA  1 
ATOM   148  C C   . VAL A 1 18  ? -5.628  5.403   -3.734  1.00 24.48 ? 996  VAL A C   1 
ATOM   149  O O   . VAL A 1 18  ? -4.711  5.965   -4.346  1.00 23.73 ? 996  VAL A O   1 
ATOM   150  C CB  . VAL A 1 18  ? -6.367  6.040   -1.398  1.00 25.00 ? 996  VAL A CB  1 
ATOM   151  C CG1 . VAL A 1 18  ? -4.881  6.257   -1.092  1.00 26.26 ? 996  VAL A CG1 1 
ATOM   152  C CG2 . VAL A 1 18  ? -7.203  7.035   -0.570  1.00 23.71 ? 996  VAL A CG2 1 
ATOM   153  N N   . THR A 1 19  ? -5.798  4.078   -3.768  1.00 21.87 ? 997  THR A N   1 
ATOM   154  C CA  . THR A 1 19  ? -4.819  3.226   -4.452  1.00 22.45 ? 997  THR A CA  1 
ATOM   155  C C   . THR A 1 19  ? -4.784  3.519   -5.949  1.00 25.66 ? 997  THR A C   1 
ATOM   156  O O   . THR A 1 19  ? -3.713  3.486   -6.569  1.00 24.66 ? 997  THR A O   1 
ATOM   157  C CB  . THR A 1 19  ? -5.137  1.748   -4.202  1.00 24.04 ? 997  THR A CB  1 
ATOM   158  O OG1 . THR A 1 19  ? -5.280  1.516   -2.791  1.00 23.09 ? 997  THR A OG1 1 
ATOM   159  C CG2 . THR A 1 19  ? -3.996  0.869   -4.739  1.00 24.87 ? 997  THR A CG2 1 
ATOM   160  N N   . HIS A 1 20  ? -5.947  3.807   -6.548  1.00 22.58 ? 998  HIS A N   1 
ATOM   161  C CA  . HIS A 1 20  ? -5.993  4.179   -7.958  1.00 24.68 ? 998  HIS A CA  1 
ATOM   162  C C   . HIS A 1 20  ? -5.202  5.455   -8.219  1.00 25.13 ? 998  HIS A C   1 
ATOM   163  O O   . HIS A 1 20  ? -4.484  5.556   -9.220  1.00 26.42 ? 998  HIS A O   1 
ATOM   164  C CB  . HIS A 1 20  ? -7.450  4.365   -8.407  1.00 28.49 ? 998  HIS A CB  1 
ATOM   165  C CG  . HIS A 1 20  ? -7.601  4.661   -9.866  1.00 37.49 ? 998  HIS A CG  1 
ATOM   166  N ND1 . HIS A 1 20  ? -8.060  5.875   -10.342 1.00 44.95 ? 998  HIS A ND1 1 
ATOM   167  C CD2 . HIS A 1 20  ? -7.363  3.900   -10.961 1.00 41.27 ? 998  HIS A CD2 1 
ATOM   168  C CE1 . HIS A 1 20  ? -8.093  5.846   -11.661 1.00 43.20 ? 998  HIS A CE1 1 
ATOM   169  N NE2 . HIS A 1 20  ? -7.672  4.659   -12.063 1.00 48.90 ? 998  HIS A NE2 1 
ATOM   170  N N   . ARG A 1 21  ? -5.331  6.445   -7.337  1.00 23.33 ? 999  ARG A N   1 
ATOM   171  C CA  . ARG A 1 21  ? -4.577  7.680   -7.505  1.00 25.31 ? 999  ARG A CA  1 
ATOM   172  C C   . ARG A 1 21  ? -3.073  7.445   -7.395  1.00 27.95 ? 999  ARG A C   1 
ATOM   173  O O   . ARG A 1 21  ? -2.290  8.097   -8.097  1.00 27.22 ? 999  ARG A O   1 
ATOM   174  C CB  . ARG A 1 21  ? -5.054  8.711   -6.481  1.00 24.70 ? 999  ARG A CB  1 
ATOM   175  C CG  . ARG A 1 21  ? -6.414  9.314   -6.876  1.00 26.79 ? 999  ARG A CG  1 
ATOM   176  C CD  . ARG A 1 21  ? -7.272  9.686   -5.665  1.00 28.26 ? 999  ARG A CD  1 
ATOM   177  N NE  . ARG A 1 21  ? -6.736  10.849  -4.982  1.00 26.34 ? 999  ARG A NE  1 
ATOM   178  C CZ  . ARG A 1 21  ? -7.182  11.313  -3.817  1.00 24.47 ? 999  ARG A CZ  1 
ATOM   179  N NH1 . ARG A 1 21  ? -8.192  10.727  -3.194  1.00 26.09 ? 999  ARG A NH1 1 
ATOM   180  N NH2 . ARG A 1 21  ? -6.616  12.379  -3.284  1.00 26.12 ? 999  ARG A NH2 1 
ATOM   181  N N   . LEU A 1 22  ? -2.655  6.505   -6.550  1.00 23.30 ? 1000 LEU A N   1 
ATOM   182  C CA  . LEU A 1 22  ? -1.239  6.156   -6.481  1.00 26.88 ? 1000 LEU A CA  1 
ATOM   183  C C   . LEU A 1 22  ? -0.793  5.415   -7.736  1.00 25.47 ? 1000 LEU A C   1 
ATOM   184  O O   . LEU A 1 22  ? 0.270   5.720   -8.294  1.00 26.11 ? 1000 LEU A O   1 
ATOM   185  C CB  . LEU A 1 22  ? -0.981  5.308   -5.236  1.00 27.63 ? 1000 LEU A CB  1 
ATOM   186  C CG  . LEU A 1 22  ? -1.314  5.956   -3.893  1.00 26.06 ? 1000 LEU A CG  1 
ATOM   187  C CD1 . LEU A 1 22  ? -1.122  4.916   -2.776  1.00 24.43 ? 1000 LEU A CD1 1 
ATOM   188  C CD2 . LEU A 1 22  ? -0.426  7.162   -3.636  1.00 27.92 ? 1000 LEU A CD2 1 
ATOM   189  N N   . ALA A 1 23  ? -1.613  4.472   -8.217  1.00 24.21 ? 1001 ALA A N   1 
ATOM   190  C CA  . ALA A 1 23  ? -1.229  3.600   -9.321  1.00 28.69 ? 1001 ALA A CA  1 
ATOM   191  C C   . ALA A 1 23  ? -1.127  4.327   -10.655 1.00 30.54 ? 1001 ALA A C   1 
ATOM   192  O O   . ALA A 1 23  ? -0.390  3.864   -11.530 1.00 30.68 ? 1001 ALA A O   1 
ATOM   193  C CB  . ALA A 1 23  ? -2.212  2.430   -9.463  1.00 29.76 ? 1001 ALA A CB  1 
ATOM   194  N N   . ILE A 1 24  ? -1.852  5.438   -10.848 1.00 25.19 ? 1002 ILE A N   1 
ATOM   195  C CA  . ILE A 1 24  ? -1.739  6.174   -12.104 1.00 29.22 ? 1002 ILE A CA  1 
ATOM   196  C C   . ILE A 1 24  ? -0.653  7.237   -12.058 1.00 34.06 ? 1002 ILE A C   1 
ATOM   197  O O   . ILE A 1 24  ? -0.391  7.885   -13.082 1.00 33.89 ? 1002 ILE A O   1 
ATOM   198  C CB  . ILE A 1 24  ? -3.072  6.848   -12.497 1.00 31.42 ? 1002 ILE A CB  1 
ATOM   199  C CG1 . ILE A 1 24  ? -3.458  7.901   -11.458 1.00 30.98 ? 1002 ILE A CG1 1 
ATOM   200  C CG2 . ILE A 1 24  ? -4.161  5.800   -12.665 1.00 34.34 ? 1002 ILE A CG2 1 
ATOM   201  C CD1 . ILE A 1 24  ? -4.747  8.618   -11.757 1.00 40.84 ? 1002 ILE A CD1 1 
ATOM   202  N N   . ASP A 1 25  ? -0.014  7.441   -10.910 1.00 29.61 ? 1003 ASP A N   1 
ATOM   203  C CA  . ASP A 1 25  ? 1.050   8.430   -10.806 1.00 32.20 ? 1003 ASP A CA  1 
ATOM   204  C C   . ASP A 1 25  ? 2.325   7.875   -11.437 1.00 33.21 ? 1003 ASP A C   1 
ATOM   205  O O   . ASP A 1 25  ? 2.790   6.791   -11.062 1.00 28.42 ? 1003 ASP A O   1 
ATOM   206  C CB  . ASP A 1 25  ? 1.267   8.785   -9.336  1.00 29.91 ? 1003 ASP A CB  1 
ATOM   207  C CG  . ASP A 1 25  ? 2.179   9.980   -9.137  1.00 30.05 ? 1003 ASP A CG  1 
ATOM   208  O OD1 . ASP A 1 25  ? 3.252   10.049  -9.777  1.00 31.14 ? 1003 ASP A OD1 1 
ATOM   209  O OD2 . ASP A 1 25  ? 1.829   10.839  -8.305  1.00 33.26 ? 1003 ASP A OD2 1 
ATOM   210  N N   . LYS A 1 26  ? 2.886   8.618   -12.401 1.00 32.27 ? 1004 LYS A N   1 
ATOM   211  C CA  . LYS A 1 26  ? 4.029   8.111   -13.164 1.00 33.74 ? 1004 LYS A CA  1 
ATOM   212  C C   . LYS A 1 26  ? 5.225   7.787   -12.272 1.00 28.25 ? 1004 LYS A C   1 
ATOM   213  O O   . LYS A 1 26  ? 6.020   6.902   -12.606 1.00 33.74 ? 1004 LYS A O   1 
ATOM   214  C CB  . LYS A 1 26  ? 4.445   9.118   -14.241 1.00 36.31 ? 1004 LYS A CB  1 
ATOM   215  N N   . ARG A 1 27  ? 5.367   8.475   -11.141 1.00 28.61 ? 1005 ARG A N   1 
ATOM   216  C CA  . ARG A 1 27  ? 6.483   8.208   -10.238 1.00 30.10 ? 1005 ARG A CA  1 
ATOM   217  C C   . ARG A 1 27  ? 6.424   6.810   -9.638  1.00 30.99 ? 1005 ARG A C   1 
ATOM   218  O O   . ARG A 1 27  ? 7.458   6.291   -9.206  1.00 28.26 ? 1005 ARG A O   1 
ATOM   219  C CB  . ARG A 1 27  ? 6.505   9.233   -9.103  1.00 28.62 ? 1005 ARG A CB  1 
ATOM   220  C CG  . ARG A 1 27  ? 6.688   10.678  -9.556  1.00 33.92 ? 1005 ARG A CG  1 
ATOM   221  C CD  . ARG A 1 27  ? 6.537   11.618  -8.379  1.00 33.48 ? 1005 ARG A CD  1 
ATOM   222  N NE  . ARG A 1 27  ? 5.172   11.612  -7.851  1.00 33.69 ? 1005 ARG A NE  1 
ATOM   223  C CZ  . ARG A 1 27  ? 4.829   12.131  -6.678  1.00 33.07 ? 1005 ARG A CZ  1 
ATOM   224  N NH1 . ARG A 1 27  ? 5.757   12.676  -5.904  1.00 36.89 ? 1005 ARG A NH1 1 
ATOM   225  N NH2 . ARG A 1 27  ? 3.567   12.091  -6.268  1.00 36.84 ? 1005 ARG A NH2 1 
ATOM   226  N N   . PHE A 1 28  ? 5.246   6.189   -9.586  1.00 28.47 ? 1006 PHE A N   1 
ATOM   227  C CA  . PHE A 1 28  ? 5.063   4.965   -8.810  1.00 29.50 ? 1006 PHE A CA  1 
ATOM   228  C C   . PHE A 1 28  ? 4.880   3.742   -9.692  1.00 26.39 ? 1006 PHE A C   1 
ATOM   229  O O   . PHE A 1 28  ? 4.510   2.673   -9.188  1.00 27.71 ? 1006 PHE A O   1 
ATOM   230  C CB  . PHE A 1 28  ? 3.873   5.132   -7.859  1.00 29.36 ? 1006 PHE A CB  1 
ATOM   231  C CG  . PHE A 1 28  ? 3.976   6.346   -6.969  1.00 30.16 ? 1006 PHE A CG  1 
ATOM   232  C CD1 . PHE A 1 28  ? 5.208   6.770   -6.489  1.00 24.74 ? 1006 PHE A CD1 1 
ATOM   233  C CD2 . PHE A 1 28  ? 2.841   7.079   -6.630  1.00 27.19 ? 1006 PHE A CD2 1 
ATOM   234  C CE1 . PHE A 1 28  ? 5.313   7.881   -5.674  1.00 25.97 ? 1006 PHE A CE1 1 
ATOM   235  C CE2 . PHE A 1 28  ? 2.937   8.199   -5.821  1.00 27.06 ? 1006 PHE A CE2 1 
ATOM   236  C CZ  . PHE A 1 28  ? 4.165   8.606   -5.342  1.00 30.54 ? 1006 PHE A CZ  1 
ATOM   237  N N   . ARG A 1 29  ? 5.150   3.874   -10.995 1.00 26.58 ? 1007 ARG A N   1 
ATOM   238  C CA  . ARG A 1 29  ? 4.971   2.769   -11.932 1.00 29.53 ? 1007 ARG A CA  1 
ATOM   239  C C   . ARG A 1 29  ? 5.754   1.536   -11.504 1.00 29.85 ? 1007 ARG A C   1 
ATOM   240  O O   . ARG A 1 29  ? 5.282   0.408   -11.667 1.00 29.54 ? 1007 ARG A O   1 
ATOM   241  C CB  . ARG A 1 29  ? 5.395   3.209   -13.338 1.00 34.23 ? 1007 ARG A CB  1 
ATOM   242  C CG  . ARG A 1 29  ? 4.996   2.249   -14.462 1.00 43.42 ? 1007 ARG A CG  1 
ATOM   243  C CD  . ARG A 1 29  ? 6.094   1.219   -14.769 1.00 52.26 ? 1007 ARG A CD  1 
ATOM   244  N NE  . ARG A 1 29  ? 5.573   0.062   -15.501 1.00 60.46 ? 1007 ARG A NE  1 
ATOM   245  C CZ  . ARG A 1 29  ? 5.806   -1.211  -15.185 1.00 56.06 ? 1007 ARG A CZ  1 
ATOM   246  N NH1 . ARG A 1 29  ? 6.564   -1.529  -14.139 1.00 49.95 ? 1007 ARG A NH1 1 
ATOM   247  N NH2 . ARG A 1 29  ? 5.275   -2.173  -15.930 1.00 62.51 ? 1007 ARG A NH2 1 
ATOM   248  N N   . VAL A 1 30  ? 6.957   1.734   -10.961 1.00 28.91 ? 1008 VAL A N   1 
ATOM   249  C CA  . VAL A 1 30  ? 7.795   0.632   -10.499 1.00 30.88 ? 1008 VAL A CA  1 
ATOM   250  C C   . VAL A 1 30  ? 7.163   -0.162  -9.355  1.00 30.86 ? 1008 VAL A C   1 
ATOM   251  O O   . VAL A 1 30  ? 7.614   -1.280  -9.050  1.00 29.75 ? 1008 VAL A O   1 
ATOM   252  C CB  . VAL A 1 30  ? 9.179   1.214   -10.114 1.00 31.30 ? 1008 VAL A CB  1 
ATOM   253  C CG1 . VAL A 1 30  ? 9.117   1.968   -8.795  1.00 30.01 ? 1008 VAL A CG1 1 
ATOM   254  C CG2 . VAL A 1 30  ? 10.242  0.141   -10.076 1.00 41.24 ? 1008 VAL A CG2 1 
ATOM   255  N N   . PHE A 1 31  ? 6.119   0.376   -8.720  1.00 25.91 ? 1009 PHE A N   1 
ATOM   256  C CA  . PHE A 1 31  ? 5.425   -0.300  -7.629  1.00 27.30 ? 1009 PHE A CA  1 
ATOM   257  C C   . PHE A 1 31  ? 4.052   -0.833  -8.034  1.00 27.03 ? 1009 PHE A C   1 
ATOM   258  O O   . PHE A 1 31  ? 3.300   -1.295  -7.166  1.00 26.69 ? 1009 PHE A O   1 
ATOM   259  C CB  . PHE A 1 31  ? 5.288   0.639   -6.425  1.00 26.21 ? 1009 PHE A CB  1 
ATOM   260  C CG  . PHE A 1 31  ? 6.583   1.290   -6.004  1.00 27.33 ? 1009 PHE A CG  1 
ATOM   261  C CD1 . PHE A 1 31  ? 7.683   0.520   -5.652  1.00 28.34 ? 1009 PHE A CD1 1 
ATOM   262  C CD2 . PHE A 1 31  ? 6.698   2.676   -5.976  1.00 26.15 ? 1009 PHE A CD2 1 
ATOM   263  C CE1 . PHE A 1 31  ? 8.886   1.124   -5.280  1.00 28.32 ? 1009 PHE A CE1 1 
ATOM   264  C CE2 . PHE A 1 31  ? 7.880   3.296   -5.594  1.00 25.15 ? 1009 PHE A CE2 1 
ATOM   265  C CZ  . PHE A 1 31  ? 8.986   2.513   -5.234  1.00 25.17 ? 1009 PHE A CZ  1 
ATOM   266  N N   . THR A 1 32  ? 3.700   -0.788  -9.323  1.00 28.20 ? 1010 THR A N   1 
ATOM   267  C CA  . THR A 1 32  ? 2.336   -1.136  -9.719  1.00 28.35 ? 1010 THR A CA  1 
ATOM   268  C C   . THR A 1 32  ? 2.119   -2.624  -9.944  1.00 33.53 ? 1010 THR A C   1 
ATOM   269  O O   . THR A 1 32  ? 0.966   -3.065  -9.913  1.00 32.71 ? 1010 THR A O   1 
ATOM   270  C CB  . THR A 1 32  ? 1.910   -0.382  -10.988 1.00 35.03 ? 1010 THR A CB  1 
ATOM   271  O OG1 . THR A 1 32  ? 2.840   -0.627  -12.058 1.00 31.27 ? 1010 THR A OG1 1 
ATOM   272  C CG2 . THR A 1 32  ? 1.827   1.115   -10.702 1.00 31.08 ? 1010 THR A CG2 1 
ATOM   273  N N   . LYS A 1 33  ? 3.178   -3.406  -10.159 1.00 29.68 ? 1011 LYS A N   1 
ATOM   274  C CA  . LYS A 1 33  ? 3.098   -4.815  -10.478 1.00 31.18 ? 1011 LYS A CA  1 
ATOM   275  C C   . LYS A 1 33  ? 4.121   -5.589  -9.660  1.00 31.75 ? 1011 LYS A C   1 
ATOM   276  O O   . LYS A 1 33  ? 5.168   -5.038  -9.289  1.00 30.49 ? 1011 LYS A O   1 
ATOM   277  C CB  . LYS A 1 33  ? 3.364   -5.075  -11.973 1.00 32.39 ? 1011 LYS A CB  1 
ATOM   278  C CG  . LYS A 1 33  ? 2.287   -4.538  -12.925 1.00 35.85 ? 1011 LYS A CG  1 
ATOM   279  C CD  . LYS A 1 33  ? 0.948   -5.214  -12.667 1.00 37.81 ? 1011 LYS A CD  1 
ATOM   280  C CE  . LYS A 1 33  ? -0.143  -4.651  -13.579 1.00 45.66 ? 1011 LYS A CE  1 
ATOM   281  N NZ  . LYS A 1 33  ? -1.511  -4.936  -13.049 1.00 52.53 ? 1011 LYS A NZ  1 
ATOM   282  N N   . PRO A 1 34  ? 3.868   -6.867  -9.381  1.00 33.21 ? 1012 PRO A N   1 
ATOM   283  C CA  . PRO A 1 34  ? 4.848   -7.670  -8.638  1.00 34.09 ? 1012 PRO A CA  1 
ATOM   284  C C   . PRO A 1 34  ? 6.149   -7.833  -9.407  1.00 35.32 ? 1012 PRO A C   1 
ATOM   285  O O   . PRO A 1 34  ? 6.174   -7.873  -10.640 1.00 31.73 ? 1012 PRO A O   1 
ATOM   286  C CB  . PRO A 1 34  ? 4.153   -9.029  -8.466  1.00 36.70 ? 1012 PRO A CB  1 
ATOM   287  C CG  . PRO A 1 34  ? 2.717   -8.783  -8.758  1.00 38.40 ? 1012 PRO A CG  1 
ATOM   288  C CD  . PRO A 1 34  ? 2.679   -7.661  -9.749  1.00 33.37 ? 1012 PRO A CD  1 
ATOM   289  N N   . VAL A 1 35  ? 7.247   -7.953  -8.655  1.00 33.30 ? 1013 VAL A N   1 
ATOM   290  C CA  . VAL A 1 35  ? 8.520   -8.287  -9.279  1.00 35.49 ? 1013 VAL A CA  1 
ATOM   291  C C   . VAL A 1 35  ? 8.456   -9.707  -9.823  1.00 38.95 ? 1013 VAL A C   1 
ATOM   292  O O   . VAL A 1 35  ? 7.964   -10.624 -9.156  1.00 39.94 ? 1013 VAL A O   1 
ATOM   293  C CB  . VAL A 1 35  ? 9.673   -8.120  -8.276  1.00 34.25 ? 1013 VAL A CB  1 
ATOM   294  C CG1 . VAL A 1 35  ? 10.992  -8.523  -8.932  1.00 37.51 ? 1013 VAL A CG1 1 
ATOM   295  C CG2 . VAL A 1 35  ? 9.739   -6.676  -7.792  1.00 32.67 ? 1013 VAL A CG2 1 
ATOM   296  N N   . ASP A 1 36  ? 8.946   -9.894  -11.045 1.00 37.06 ? 1014 ASP A N   1 
ATOM   297  C CA  . ASP A 1 36  ? 8.982   -11.226 -11.635 1.00 41.76 ? 1014 ASP A CA  1 
ATOM   298  C C   . ASP A 1 36  ? 10.220  -11.966 -11.131 1.00 44.18 ? 1014 ASP A C   1 
ATOM   299  O O   . ASP A 1 36  ? 11.342  -11.621 -11.517 1.00 41.57 ? 1014 ASP A O   1 
ATOM   300  C CB  . ASP A 1 36  ? 8.982   -11.138 -13.164 1.00 42.66 ? 1014 ASP A CB  1 
ATOM   301  C CG  . ASP A 1 36  ? 8.871   -12.501 -13.838 1.00 49.94 ? 1014 ASP A CG  1 
ATOM   302  O OD1 . ASP A 1 36  ? 8.535   -12.538 -15.041 1.00 49.90 ? 1014 ASP A OD1 1 
ATOM   303  O OD2 . ASP A 1 36  ? 9.122   -13.535 -13.181 1.00 48.93 ? 1014 ASP A OD2 1 
ATOM   304  N N   . PRO A 1 37  ? 10.057  -12.995 -10.293 1.00 43.72 ? 1015 PRO A N   1 
ATOM   305  C CA  . PRO A 1 37  ? 11.236  -13.712 -9.769  1.00 50.93 ? 1015 PRO A CA  1 
ATOM   306  C C   . PRO A 1 37  ? 12.089  -14.357 -10.848 1.00 51.63 ? 1015 PRO A C   1 
ATOM   307  O O   . PRO A 1 37  ? 13.279  -14.592 -10.608 1.00 53.24 ? 1015 PRO A O   1 
ATOM   308  C CB  . PRO A 1 37  ? 10.625  -14.769 -8.837  1.00 50.13 ? 1015 PRO A CB  1 
ATOM   309  C CG  . PRO A 1 37  ? 9.249   -14.249 -8.511  1.00 51.88 ? 1015 PRO A CG  1 
ATOM   310  C CD  . PRO A 1 37  ? 8.799   -13.535 -9.752  1.00 46.55 ? 1015 PRO A CD  1 
ATOM   311  N N   . ASP A 1 38  ? 11.527  -14.647 -12.024 1.00 54.32 ? 1016 ASP A N   1 
ATOM   312  C CA  . ASP A 1 38  ? 12.335  -15.147 -13.133 1.00 55.46 ? 1016 ASP A CA  1 
ATOM   313  C C   . ASP A 1 38  ? 13.264  -14.065 -13.666 1.00 52.06 ? 1016 ASP A C   1 
ATOM   314  O O   . ASP A 1 38  ? 14.459  -14.303 -13.868 1.00 54.45 ? 1016 ASP A O   1 
ATOM   315  C CB  . ASP A 1 38  ? 11.434  -15.666 -14.253 1.00 60.76 ? 1016 ASP A CB  1 
ATOM   316  C CG  . ASP A 1 38  ? 10.771  -16.975 -13.905 1.00 68.31 ? 1016 ASP A CG  1 
ATOM   317  O OD1 . ASP A 1 38  ? 11.418  -18.026 -14.076 1.00 74.95 ? 1016 ASP A OD1 1 
ATOM   318  O OD2 . ASP A 1 38  ? 9.602   -16.953 -13.462 1.00 73.80 ? 1016 ASP A OD2 1 
ATOM   319  N N   . GLU A 1 39  ? 12.728  -12.867 -13.906 1.00 49.55 ? 1017 GLU A N   1 
ATOM   320  C CA  . GLU A 1 39  ? 13.524  -11.794 -14.493 1.00 48.41 ? 1017 GLU A CA  1 
ATOM   321  C C   . GLU A 1 39  ? 14.424  -11.109 -13.473 1.00 47.00 ? 1017 GLU A C   1 
ATOM   322  O O   . GLU A 1 39  ? 15.384  -10.435 -13.869 1.00 46.61 ? 1017 GLU A O   1 
ATOM   323  C CB  . GLU A 1 39  ? 12.604  -10.765 -15.154 1.00 47.97 ? 1017 GLU A CB  1 
ATOM   324  N N   . VAL A 1 40  ? 14.137  -11.255 -12.183 1.00 42.42 ? 1018 VAL A N   1 
ATOM   325  C CA  . VAL A 1 40  ? 14.921  -10.619 -11.125 1.00 40.67 ? 1018 VAL A CA  1 
ATOM   326  C C   . VAL A 1 40  ? 15.277  -11.685 -10.098 1.00 40.37 ? 1018 VAL A C   1 
ATOM   327  O O   . VAL A 1 40  ? 14.681  -11.728 -9.011  1.00 33.85 ? 1018 VAL A O   1 
ATOM   328  C CB  . VAL A 1 40  ? 14.160  -9.454  -10.471 1.00 41.52 ? 1018 VAL A CB  1 
ATOM   329  C CG1 . VAL A 1 40  ? 15.082  -8.685  -9.530  1.00 37.69 ? 1018 VAL A CG1 1 
ATOM   330  C CG2 . VAL A 1 40  ? 13.579  -8.528  -11.531 1.00 40.60 ? 1018 VAL A CG2 1 
ATOM   331  N N   . PRO A 1 41  ? 16.248  -12.553 -10.393 1.00 41.73 ? 1019 PRO A N   1 
ATOM   332  C CA  . PRO A 1 41  ? 16.456  -13.732 -9.540  1.00 40.45 ? 1019 PRO A CA  1 
ATOM   333  C C   . PRO A 1 41  ? 16.901  -13.397 -8.129  1.00 40.71 ? 1019 PRO A C   1 
ATOM   334  O O   . PRO A 1 41  ? 16.671  -14.203 -7.217  1.00 44.14 ? 1019 PRO A O   1 
ATOM   335  C CB  . PRO A 1 41  ? 17.540  -14.526 -10.290 1.00 43.88 ? 1019 PRO A CB  1 
ATOM   336  C CG  . PRO A 1 41  ? 17.608  -13.934 -11.653 1.00 45.23 ? 1019 PRO A CG  1 
ATOM   337  C CD  . PRO A 1 41  ? 17.208  -12.496 -11.505 1.00 46.38 ? 1019 PRO A CD  1 
ATOM   338  N N   . ASP A 1 42  ? 17.533  -12.244 -7.910  1.00 33.07 ? 1020 ASP A N   1 
ATOM   339  C CA  . ASP A 1 42  ? 18.053  -11.928 -6.586  1.00 35.99 ? 1020 ASP A CA  1 
ATOM   340  C C   . ASP A 1 42  ? 17.027  -11.230 -5.697  1.00 35.70 ? 1020 ASP A C   1 
ATOM   341  O O   . ASP A 1 42  ? 17.331  -10.932 -4.540  1.00 31.50 ? 1020 ASP A O   1 
ATOM   342  C CB  . ASP A 1 42  ? 19.346  -11.093 -6.717  1.00 33.93 ? 1020 ASP A CB  1 
ATOM   343  C CG  . ASP A 1 42  ? 19.104  -9.663  -7.203  1.00 39.77 ? 1020 ASP A CG  1 
ATOM   344  O OD1 . ASP A 1 42  ? 20.034  -8.838  -7.075  1.00 36.78 ? 1020 ASP A OD1 1 
ATOM   345  O OD2 . ASP A 1 42  ? 17.993  -9.355  -7.676  1.00 38.69 ? 1020 ASP A OD2 1 
ATOM   346  N N   . TYR A 1 43  ? 15.809  -10.990 -6.192  1.00 34.31 ? 1021 TYR A N   1 
ATOM   347  C CA  . TYR A 1 43  ? 14.837  -10.249 -5.392  1.00 32.40 ? 1021 TYR A CA  1 
ATOM   348  C C   . TYR A 1 43  ? 14.391  -11.057 -4.177  1.00 32.00 ? 1021 TYR A C   1 
ATOM   349  O O   . TYR A 1 43  ? 14.347  -10.529 -3.063  1.00 31.09 ? 1021 TYR A O   1 
ATOM   350  C CB  . TYR A 1 43  ? 13.634  -9.846  -6.247  1.00 31.63 ? 1021 TYR A CB  1 
ATOM   351  C CG  . TYR A 1 43  ? 12.732  -8.851  -5.558  1.00 29.57 ? 1021 TYR A CG  1 
ATOM   352  C CD1 . TYR A 1 43  ? 13.126  -7.526  -5.405  1.00 31.13 ? 1021 TYR A CD1 1 
ATOM   353  C CD2 . TYR A 1 43  ? 11.487  -9.233  -5.064  1.00 31.09 ? 1021 TYR A CD2 1 
ATOM   354  C CE1 . TYR A 1 43  ? 12.308  -6.603  -4.787  1.00 32.13 ? 1021 TYR A CE1 1 
ATOM   355  C CE2 . TYR A 1 43  ? 10.656  -8.317  -4.436  1.00 32.26 ? 1021 TYR A CE2 1 
ATOM   356  C CZ  . TYR A 1 43  ? 11.072  -7.005  -4.302  1.00 33.24 ? 1021 TYR A CZ  1 
ATOM   357  O OH  . TYR A 1 43  ? 10.255  -6.098  -3.678  1.00 30.51 ? 1021 TYR A OH  1 
ATOM   358  N N   . VAL A 1 44  ? 14.087  -12.344 -4.363  1.00 32.44 ? 1022 VAL A N   1 
ATOM   359  C CA  . VAL A 1 44  ? 13.646  -13.184 -3.249  1.00 36.25 ? 1022 VAL A CA  1 
ATOM   360  C C   . VAL A 1 44  ? 14.753  -13.356 -2.212  1.00 36.27 ? 1022 VAL A C   1 
ATOM   361  O O   . VAL A 1 44  ? 14.471  -13.586 -1.028  1.00 34.20 ? 1022 VAL A O   1 
ATOM   362  C CB  . VAL A 1 44  ? 13.144  -14.538 -3.782  1.00 42.01 ? 1022 VAL A CB  1 
ATOM   363  C CG1 . VAL A 1 44  ? 12.751  -15.462 -2.635  1.00 48.68 ? 1022 VAL A CG1 1 
ATOM   364  C CG2 . VAL A 1 44  ? 11.946  -14.323 -4.698  1.00 42.52 ? 1022 VAL A CG2 1 
ATOM   365  N N   . THR A 1 45  ? 16.020  -13.247 -2.622  1.00 37.02 ? 1023 THR A N   1 
ATOM   366  C CA  . THR A 1 45  ? 17.105  -13.286 -1.641  1.00 36.46 ? 1023 THR A CA  1 
ATOM   367  C C   . THR A 1 45  ? 16.934  -12.185 -0.606  1.00 36.05 ? 1023 THR A C   1 
ATOM   368  O O   . THR A 1 45  ? 17.171  -12.396 0.589   1.00 37.44 ? 1023 THR A O   1 
ATOM   369  C CB  . THR A 1 45  ? 18.465  -13.152 -2.329  1.00 37.88 ? 1023 THR A CB  1 
ATOM   370  O OG1 . THR A 1 45  ? 18.620  -14.200 -3.292  1.00 39.76 ? 1023 THR A OG1 1 
ATOM   371  C CG2 . THR A 1 45  ? 19.606  -13.221 -1.293  1.00 34.92 ? 1023 THR A CG2 1 
ATOM   372  N N   . VAL A 1 46  ? 16.486  -11.010 -1.046  1.00 28.72 ? 1024 VAL A N   1 
ATOM   373  C CA  . VAL A 1 46  ? 16.387  -9.861  -0.156  1.00 29.48 ? 1024 VAL A CA  1 
ATOM   374  C C   . VAL A 1 46  ? 14.992  -9.730  0.451   1.00 32.82 ? 1024 VAL A C   1 
ATOM   375  O O   . VAL A 1 46  ? 14.862  -9.397  1.631   1.00 29.04 ? 1024 VAL A O   1 
ATOM   376  C CB  . VAL A 1 46  ? 16.799  -8.591  -0.931  1.00 33.23 ? 1024 VAL A CB  1 
ATOM   377  C CG1 . VAL A 1 46  ? 16.781  -7.367  -0.031  1.00 31.14 ? 1024 VAL A CG1 1 
ATOM   378  C CG2 . VAL A 1 46  ? 18.185  -8.788  -1.558  1.00 31.01 ? 1024 VAL A CG2 1 
ATOM   379  N N   . ILE A 1 47  ? 13.939  -10.008 -0.321  1.00 28.89 ? 1025 ILE A N   1 
ATOM   380  C CA  . ILE A 1 47  ? 12.568  -9.642  0.044   1.00 30.80 ? 1025 ILE A CA  1 
ATOM   381  C C   . ILE A 1 47  ? 11.740  -10.905 0.238   1.00 30.96 ? 1025 ILE A C   1 
ATOM   382  O O   . ILE A 1 47  ? 11.442  -11.614 -0.729  1.00 33.15 ? 1025 ILE A O   1 
ATOM   383  C CB  . ILE A 1 47  ? 11.928  -8.736  -1.017  1.00 28.43 ? 1025 ILE A CB  1 
ATOM   384  C CG1 . ILE A 1 47  ? 12.747  -7.451  -1.175  1.00 28.81 ? 1025 ILE A CG1 1 
ATOM   385  C CG2 . ILE A 1 47  ? 10.472  -8.464  -0.670  1.00 27.79 ? 1025 ILE A CG2 1 
ATOM   386  C CD1 . ILE A 1 47  ? 12.880  -6.643  0.114   1.00 27.39 ? 1025 ILE A CD1 1 
ATOM   387  N N   . LYS A 1 48  ? 11.325  -11.171 1.478   1.00 32.56 ? 1026 LYS A N   1 
ATOM   388  C CA  . LYS A 1 48  ? 10.534  -12.365 1.760   1.00 34.95 ? 1026 LYS A CA  1 
ATOM   389  C C   . LYS A 1 48  ? 9.032   -12.124 1.729   1.00 35.94 ? 1026 LYS A C   1 
ATOM   390  O O   . LYS A 1 48  ? 8.267   -13.093 1.640   1.00 33.81 ? 1026 LYS A O   1 
ATOM   391  C CB  . LYS A 1 48  ? 10.917  -12.952 3.125   1.00 38.99 ? 1026 LYS A CB  1 
ATOM   392  C CG  . LYS A 1 48  ? 12.365  -13.424 3.219   1.00 44.07 ? 1026 LYS A CG  1 
ATOM   393  C CD  . LYS A 1 48  ? 12.755  -14.323 2.048   1.00 45.10 ? 1026 LYS A CD  1 
ATOM   394  C CE  . LYS A 1 48  ? 14.190  -14.839 2.207   1.00 41.89 ? 1026 LYS A CE  1 
ATOM   395  N NZ  . LYS A 1 48  ? 14.847  -15.128 0.907   1.00 44.76 ? 1026 LYS A NZ  1 
ATOM   396  N N   . GLN A 1 49  ? 8.585   -10.869 1.802   1.00 33.50 ? 1027 GLN A N   1 
ATOM   397  C CA  . GLN A 1 49  ? 7.157   -10.549 1.802   1.00 29.25 ? 1027 GLN A CA  1 
ATOM   398  C C   . GLN A 1 49  ? 6.891   -9.491  0.745   1.00 29.24 ? 1027 GLN A C   1 
ATOM   399  O O   . GLN A 1 49  ? 6.728   -8.307  1.064   1.00 28.82 ? 1027 GLN A O   1 
ATOM   400  C CB  . GLN A 1 49  ? 6.683   -10.086 3.181   1.00 30.84 ? 1027 GLN A CB  1 
ATOM   401  C CG  . GLN A 1 49  ? 5.160   -10.097 3.266   1.00 35.73 ? 1027 GLN A CG  1 
ATOM   402  C CD  . GLN A 1 49  ? 4.601   -9.813  4.646   1.00 37.55 ? 1027 GLN A CD  1 
ATOM   403  O OE1 . GLN A 1 49  ? 5.328   -9.497  5.593   1.00 37.49 ? 1027 GLN A OE1 1 
ATOM   404  N NE2 . GLN A 1 49  ? 3.281   -9.926  4.761   1.00 40.72 ? 1027 GLN A NE2 1 
ATOM   405  N N   . PRO A 1 50  ? 6.831   -9.881  -0.521  1.00 32.21 ? 1028 PRO A N   1 
ATOM   406  C CA  . PRO A 1 50  ? 6.626   -8.902  -1.593  1.00 28.99 ? 1028 PRO A CA  1 
ATOM   407  C C   . PRO A 1 50  ? 5.267   -8.227  -1.497  1.00 31.32 ? 1028 PRO A C   1 
ATOM   408  O O   . PRO A 1 50  ? 4.288   -8.807  -1.018  1.00 28.10 ? 1028 PRO A O   1 
ATOM   409  C CB  . PRO A 1 50  ? 6.735   -9.741  -2.871  1.00 34.43 ? 1028 PRO A CB  1 
ATOM   410  C CG  . PRO A 1 50  ? 6.394   -11.156 -2.436  1.00 36.17 ? 1028 PRO A CG  1 
ATOM   411  C CD  . PRO A 1 50  ? 6.960   -11.259 -1.037  1.00 34.95 ? 1028 PRO A CD  1 
ATOM   412  N N   . MET A 1 51  ? 5.218   -6.979  -1.958  1.00 24.13 ? 1029 MET A N   1 
ATOM   413  C CA  . MET A 1 51  ? 3.959   -6.245  -1.993  1.00 25.92 ? 1029 MET A CA  1 
ATOM   414  C C   . MET A 1 51  ? 4.033   -5.199  -3.100  1.00 27.94 ? 1029 MET A C   1 
ATOM   415  O O   . MET A 1 51  ? 5.105   -4.657  -3.383  1.00 25.62 ? 1029 MET A O   1 
ATOM   416  C CB  . MET A 1 51  ? 3.665   -5.598  -0.634  1.00 23.96 ? 1029 MET A CB  1 
ATOM   417  C CG  . MET A 1 51  ? 2.252   -4.956  -0.495  1.00 25.34 ? 1029 MET A CG  1 
ATOM   418  S SD  . MET A 1 51  ? 0.878   -6.072  -0.852  1.00 28.47 ? 1029 MET A SD  1 
ATOM   419  C CE  . MET A 1 51  ? 1.171   -7.380  0.353   1.00 32.57 ? 1029 MET A CE  1 
ATOM   420  N N   . ASP A 1 52  ? 2.894   -4.944  -3.738  1.00 25.64 ? 1030 ASP A N   1 
ATOM   421  C CA  . ASP A 1 52  ? 2.797   -3.977  -4.820  1.00 28.33 ? 1030 ASP A CA  1 
ATOM   422  C C   . ASP A 1 52  ? 1.356   -3.493  -4.895  1.00 25.86 ? 1030 ASP A C   1 
ATOM   423  O O   . ASP A 1 52  ? 0.459   -4.047  -4.257  1.00 25.07 ? 1030 ASP A O   1 
ATOM   424  C CB  . ASP A 1 52  ? 3.223   -4.588  -6.156  1.00 27.29 ? 1030 ASP A CB  1 
ATOM   425  C CG  . ASP A 1 52  ? 2.172   -5.528  -6.707  1.00 31.51 ? 1030 ASP A CG  1 
ATOM   426  O OD1 . ASP A 1 52  ? 2.070   -6.660  -6.207  1.00 37.23 ? 1030 ASP A OD1 1 
ATOM   427  O OD2 . ASP A 1 52  ? 1.431   -5.123  -7.615  1.00 35.50 ? 1030 ASP A OD2 1 
ATOM   428  N N   . LEU A 1 53  ? 1.137   -2.458  -5.704  1.00 26.52 ? 1031 LEU A N   1 
ATOM   429  C CA  . LEU A 1 53  ? -0.162  -1.792  -5.698  1.00 26.65 ? 1031 LEU A CA  1 
ATOM   430  C C   . LEU A 1 53  ? -1.246  -2.674  -6.321  1.00 28.76 ? 1031 LEU A C   1 
ATOM   431  O O   . LEU A 1 53  ? -2.415  -2.581  -5.926  1.00 26.92 ? 1031 LEU A O   1 
ATOM   432  C CB  . LEU A 1 53  ? -0.058  -0.443  -6.420  1.00 25.31 ? 1031 LEU A CB  1 
ATOM   433  C CG  . LEU A 1 53  ? 0.769   0.657   -5.722  1.00 26.93 ? 1031 LEU A CG  1 
ATOM   434  C CD1 . LEU A 1 53  ? 0.920   1.893   -6.614  1.00 27.96 ? 1031 LEU A CD1 1 
ATOM   435  C CD2 . LEU A 1 53  ? 0.207   1.050   -4.345  1.00 25.12 ? 1031 LEU A CD2 1 
ATOM   436  N N   . SER A 1 54  ? -0.889  -3.544  -7.278  1.00 26.23 ? 1032 SER A N   1 
ATOM   437  C CA  . SER A 1 54  ? -1.892  -4.470  -7.798  1.00 30.40 ? 1032 SER A CA  1 
ATOM   438  C C   . SER A 1 54  ? -2.302  -5.480  -6.739  1.00 28.75 ? 1032 SER A C   1 
ATOM   439  O O   . SER A 1 54  ? -3.469  -5.877  -6.683  1.00 28.33 ? 1032 SER A O   1 
ATOM   440  C CB  A SER A 1 54  ? -1.385  -5.183  -9.056  0.60 35.32 ? 1032 SER A CB  1 
ATOM   441  C CB  B SER A 1 54  ? -1.370  -5.202  -9.039  0.40 33.00 ? 1032 SER A CB  1 
ATOM   442  O OG  A SER A 1 54  ? -0.317  -6.060  -8.765  0.60 31.94 ? 1032 SER A OG  1 
ATOM   443  O OG  B SER A 1 54  ? -1.343  -4.353  -10.171 0.40 36.82 ? 1032 SER A OG  1 
ATOM   444  N N   . SER A 1 55  ? -1.366  -5.897  -5.883  1.00 27.09 ? 1033 SER A N   1 
ATOM   445  C CA  . SER A 1 55  ? -1.723  -6.841  -4.836  1.00 28.59 ? 1033 SER A CA  1 
ATOM   446  C C   . SER A 1 55  ? -2.554  -6.163  -3.759  1.00 28.95 ? 1033 SER A C   1 
ATOM   447  O O   . SER A 1 55  ? -3.440  -6.792  -3.171  1.00 28.07 ? 1033 SER A O   1 
ATOM   448  C CB  . SER A 1 55  ? -0.464  -7.472  -4.256  1.00 32.00 ? 1033 SER A CB  1 
ATOM   449  O OG  . SER A 1 55  ? 0.215   -8.162  -5.300  1.00 37.88 ? 1033 SER A OG  1 
ATOM   450  N N   . VAL A 1 56  ? -2.308  -4.869  -3.516  1.00 26.88 ? 1034 VAL A N   1 
ATOM   451  C CA  . VAL A 1 56  ? -3.147  -4.112  -2.587  1.00 27.51 ? 1034 VAL A CA  1 
ATOM   452  C C   . VAL A 1 56  ? -4.590  -4.054  -3.096  1.00 24.06 ? 1034 VAL A C   1 
ATOM   453  O O   . VAL A 1 56  ? -5.540  -4.255  -2.328  1.00 25.44 ? 1034 VAL A O   1 
ATOM   454  C CB  . VAL A 1 56  ? -2.563  -2.703  -2.362  1.00 28.01 ? 1034 VAL A CB  1 
ATOM   455  C CG1 . VAL A 1 56  ? -3.562  -1.825  -1.596  1.00 24.63 ? 1034 VAL A CG1 1 
ATOM   456  C CG2 . VAL A 1 56  ? -1.245  -2.774  -1.590  1.00 21.87 ? 1034 VAL A CG2 1 
ATOM   457  N N   . ILE A 1 57  ? -4.776  -3.796  -4.396  1.00 22.21 ? 1035 ILE A N   1 
ATOM   458  C CA  . ILE A 1 57  ? -6.115  -3.790  -4.991  1.00 26.44 ? 1035 ILE A CA  1 
ATOM   459  C C   . ILE A 1 57  ? -6.799  -5.142  -4.794  1.00 27.54 ? 1035 ILE A C   1 
ATOM   460  O O   . ILE A 1 57  ? -7.974  -5.207  -4.420  1.00 26.34 ? 1035 ILE A O   1 
ATOM   461  C CB  . ILE A 1 57  ? -6.036  -3.416  -6.487  1.00 28.69 ? 1035 ILE A CB  1 
ATOM   462  C CG1 . ILE A 1 57  ? -5.646  -1.943  -6.667  1.00 30.64 ? 1035 ILE A CG1 1 
ATOM   463  C CG2 . ILE A 1 57  ? -7.360  -3.712  -7.199  1.00 35.11 ? 1035 ILE A CG2 1 
ATOM   464  C CD1 . ILE A 1 57  ? -6.775  -0.976  -6.291  1.00 31.69 ? 1035 ILE A CD1 1 
ATOM   465  N N   . SER A 1 58  ? -6.075  -6.242  -5.044  1.00 30.04 ? 1036 SER A N   1 
ATOM   466  C CA  . SER A 1 58  ? -6.646  -7.573  -4.830  1.00 27.81 ? 1036 SER A CA  1 
ATOM   467  C C   . SER A 1 58  ? -7.078  -7.774  -3.382  1.00 26.34 ? 1036 SER A C   1 
ATOM   468  O O   . SER A 1 58  ? -8.148  -8.336  -3.119  1.00 26.81 ? 1036 SER A O   1 
ATOM   469  C CB  . SER A 1 58  ? -5.637  -8.653  -5.239  1.00 30.80 ? 1036 SER A CB  1 
ATOM   470  O OG  . SER A 1 58  ? -5.460  -8.621  -6.642  1.00 38.10 ? 1036 SER A OG  1 
ATOM   471  N N   . LYS A 1 59  ? -6.259  -7.334  -2.424  1.00 24.00 ? 1037 LYS A N   1 
ATOM   472  C CA  . LYS A 1 59  ? -6.623  -7.516  -1.022  1.00 25.74 ? 1037 LYS A CA  1 
ATOM   473  C C   . LYS A 1 59  ? -7.832  -6.669  -0.623  1.00 26.04 ? 1037 LYS A C   1 
ATOM   474  O O   . LYS A 1 59  ? -8.654  -7.120  0.180   1.00 26.78 ? 1037 LYS A O   1 
ATOM   475  C CB  . LYS A 1 59  ? -5.415  -7.229  -0.124  1.00 24.78 ? 1037 LYS A CB  1 
ATOM   476  C CG  . LYS A 1 59  ? -4.331  -8.326  -0.238  1.00 30.63 ? 1037 LYS A CG  1 
ATOM   477  C CD  . LYS A 1 59  ? -3.109  -8.057  0.663   1.00 29.73 ? 1037 LYS A CD  1 
ATOM   478  C CE  . LYS A 1 59  ? -3.460  -8.064  2.148   1.00 32.61 ? 1037 LYS A CE  1 
ATOM   479  N NZ  . LYS A 1 59  ? -2.213  -8.078  3.000   1.00 32.50 ? 1037 LYS A NZ  1 
ATOM   480  N N   . ILE A 1 60  ? -7.979  -5.463  -1.180  1.00 23.37 ? 1038 ILE A N   1 
ATOM   481  C CA  . ILE A 1 60  ? -9.196  -4.686  -0.921  1.00 25.55 ? 1038 ILE A CA  1 
ATOM   482  C C   . ILE A 1 60  ? -10.424 -5.497  -1.322  1.00 25.46 ? 1038 ILE A C   1 
ATOM   483  O O   . ILE A 1 60  ? -11.373 -5.662  -0.542  1.00 26.65 ? 1038 ILE A O   1 
ATOM   484  C CB  . ILE A 1 60  ? -9.162  -3.343  -1.676  1.00 25.26 ? 1038 ILE A CB  1 
ATOM   485  C CG1 . ILE A 1 60  ? -8.000  -2.452  -1.210  1.00 25.92 ? 1038 ILE A CG1 1 
ATOM   486  C CG2 . ILE A 1 60  ? -10.535 -2.616  -1.532  1.00 26.98 ? 1038 ILE A CG2 1 
ATOM   487  C CD1 . ILE A 1 60  ? -7.907  -1.095  -1.995  1.00 27.03 ? 1038 ILE A CD1 1 
ATOM   488  N N   . ASP A 1 61  ? -10.408 -6.040  -2.539  1.00 24.61 ? 1039 ASP A N   1 
ATOM   489  C CA  . ASP A 1 61  ? -11.562 -6.747  -3.083  1.00 29.99 ? 1039 ASP A CA  1 
ATOM   490  C C   . ASP A 1 61  ? -11.802 -8.092  -2.404  1.00 33.12 ? 1039 ASP A C   1 
ATOM   491  O O   . ASP A 1 61  ? -12.913 -8.627  -2.496  1.00 33.01 ? 1039 ASP A O   1 
ATOM   492  C CB  . ASP A 1 61  ? -11.388 -6.940  -4.590  1.00 30.38 ? 1039 ASP A CB  1 
ATOM   493  C CG  . ASP A 1 61  ? -11.510 -5.631  -5.368  1.00 36.75 ? 1039 ASP A CG  1 
ATOM   494  O OD1 . ASP A 1 61  ? -11.982 -4.629  -4.786  1.00 35.05 ? 1039 ASP A OD1 1 
ATOM   495  O OD2 . ASP A 1 61  ? -11.112 -5.598  -6.556  1.00 36.00 ? 1039 ASP A OD2 1 
ATOM   496  N N   . LEU A 1 62  ? -10.798 -8.652  -1.733  1.00 29.86 ? 1040 LEU A N   1 
ATOM   497  C CA  . LEU A 1 62  ? -10.970 -9.853  -0.917  1.00 32.20 ? 1040 LEU A CA  1 
ATOM   498  C C   . LEU A 1 62  ? -11.341 -9.522  0.526   1.00 31.60 ? 1040 LEU A C   1 
ATOM   499  O O   . LEU A 1 62  ? -11.399 -10.426 1.363   1.00 32.45 ? 1040 LEU A O   1 
ATOM   500  C CB  . LEU A 1 62  ? -9.698  -10.714 -0.959  1.00 30.38 ? 1040 LEU A CB  1 
ATOM   501  C CG  . LEU A 1 62  ? -9.376  -11.395 -2.297  1.00 31.58 ? 1040 LEU A CG  1 
ATOM   502  C CD1 . LEU A 1 62  ? -7.987  -12.040 -2.284  1.00 33.87 ? 1040 LEU A CD1 1 
ATOM   503  C CD2 . LEU A 1 62  ? -10.430 -12.433 -2.631  1.00 35.53 ? 1040 LEU A CD2 1 
ATOM   504  N N   . HIS A 1 63  ? -11.586 -8.245  0.830   1.00 28.81 ? 1041 HIS A N   1 
ATOM   505  C CA  . HIS A 1 63  ? -12.032 -7.800  2.157   1.00 31.08 ? 1041 HIS A CA  1 
ATOM   506  C C   . HIS A 1 63  ? -10.969 -8.039  3.232   1.00 32.84 ? 1041 HIS A C   1 
ATOM   507  O O   . HIS A 1 63  ? -11.285 -8.285  4.396   1.00 30.54 ? 1041 HIS A O   1 
ATOM   508  C CB  . HIS A 1 63  ? -13.371 -8.448  2.548   1.00 32.39 ? 1041 HIS A CB  1 
ATOM   509  C CG  . HIS A 1 63  ? -14.507 -8.103  1.627   1.00 31.67 ? 1041 HIS A CG  1 
ATOM   510  N ND1 . HIS A 1 63  ? -15.830 -8.261  1.987   1.00 32.32 ? 1041 HIS A ND1 1 
ATOM   511  C CD2 . HIS A 1 63  ? -14.523 -7.615  0.363   1.00 32.89 ? 1041 HIS A CD2 1 
ATOM   512  C CE1 . HIS A 1 63  ? -16.609 -7.888  0.987   1.00 33.98 ? 1041 HIS A CE1 1 
ATOM   513  N NE2 . HIS A 1 63  ? -15.840 -7.483  -0.012  1.00 37.80 ? 1041 HIS A NE2 1 
ATOM   514  N N   . LYS A 1 64  ? -9.692  -7.923  2.858   1.00 29.82 ? 1042 LYS A N   1 
ATOM   515  C CA  . LYS A 1 64  ? -8.604  -8.136  3.808   1.00 29.88 ? 1042 LYS A CA  1 
ATOM   516  C C   . LYS A 1 64  ? -8.286  -6.920  4.675   1.00 32.59 ? 1042 LYS A C   1 
ATOM   517  O O   . LYS A 1 64  ? -7.598  -7.074  5.691   1.00 30.48 ? 1042 LYS A O   1 
ATOM   518  C CB  . LYS A 1 64  ? -7.322  -8.554  3.076   1.00 29.98 ? 1042 LYS A CB  1 
ATOM   519  C CG  . LYS A 1 64  ? -7.470  -9.778  2.204   1.00 33.66 ? 1042 LYS A CG  1 
ATOM   520  C CD  . LYS A 1 64  ? -7.649  -11.030 3.033   1.00 36.53 ? 1042 LYS A CD  1 
ATOM   521  C CE  . LYS A 1 64  ? -7.650  -12.273 2.142   1.00 42.33 ? 1042 LYS A CE  1 
ATOM   522  N NZ  . LYS A 1 64  ? -7.945  -13.517 2.907   1.00 43.16 ? 1042 LYS A NZ  1 
ATOM   523  N N   . TYR A 1 65  ? -8.741  -5.718  4.311   1.00 27.62 ? 1043 TYR A N   1 
ATOM   524  C CA  . TYR A 1 65  ? -8.463  -4.516  5.097   1.00 26.55 ? 1043 TYR A CA  1 
ATOM   525  C C   . TYR A 1 65  ? -9.742  -4.101  5.818   1.00 30.84 ? 1043 TYR A C   1 
ATOM   526  O O   . TYR A 1 65  ? -10.737 -3.753  5.169   1.00 31.13 ? 1043 TYR A O   1 
ATOM   527  C CB  . TYR A 1 65  ? -7.961  -3.373  4.212   1.00 26.08 ? 1043 TYR A CB  1 
ATOM   528  C CG  . TYR A 1 65  ? -6.722  -3.674  3.399   1.00 27.59 ? 1043 TYR A CG  1 
ATOM   529  C CD1 . TYR A 1 65  ? -5.522  -4.061  4.012   1.00 27.90 ? 1043 TYR A CD1 1 
ATOM   530  C CD2 . TYR A 1 65  ? -6.757  -3.602  2.012   1.00 23.66 ? 1043 TYR A CD2 1 
ATOM   531  C CE1 . TYR A 1 65  ? -4.385  -4.328  3.247   1.00 28.13 ? 1043 TYR A CE1 1 
ATOM   532  C CE2 . TYR A 1 65  ? -5.629  -3.869  1.240   1.00 22.28 ? 1043 TYR A CE2 1 
ATOM   533  C CZ  . TYR A 1 65  ? -4.446  -4.229  1.865   1.00 26.31 ? 1043 TYR A CZ  1 
ATOM   534  O OH  . TYR A 1 65  ? -3.331  -4.494  1.104   1.00 26.54 ? 1043 TYR A OH  1 
ATOM   535  N N   . LEU A 1 66  ? -9.711  -4.113  7.152   1.00 28.18 ? 1044 LEU A N   1 
ATOM   536  C CA  . LEU A 1 66  ? -10.836 -3.651  7.955   1.00 32.45 ? 1044 LEU A CA  1 
ATOM   537  C C   . LEU A 1 66  ? -10.611 -2.266  8.538   1.00 30.77 ? 1044 LEU A C   1 
ATOM   538  O O   . LEU A 1 66  ? -11.553 -1.678  9.081   1.00 30.13 ? 1044 LEU A O   1 
ATOM   539  C CB  . LEU A 1 66  ? -11.128 -4.631  9.101   1.00 33.13 ? 1044 LEU A CB  1 
ATOM   540  C CG  . LEU A 1 66  ? -11.586 -6.056  8.779   1.00 38.54 ? 1044 LEU A CG  1 
ATOM   541  C CD1 . LEU A 1 66  ? -12.361 -6.622  9.970   1.00 41.97 ? 1044 LEU A CD1 1 
ATOM   542  C CD2 . LEU A 1 66  ? -12.416 -6.131  7.508   1.00 34.41 ? 1044 LEU A CD2 1 
ATOM   543  N N   . THR A 1 67  ? -9.391  -1.743  8.459   1.00 26.87 ? 1045 THR A N   1 
ATOM   544  C CA  . THR A 1 67  ? -9.055  -0.419  8.955   1.00 29.83 ? 1045 THR A CA  1 
ATOM   545  C C   . THR A 1 67  ? -8.042  0.213   8.010   1.00 28.83 ? 1045 THR A C   1 
ATOM   546  O O   . THR A 1 67  ? -7.375  -0.475  7.235   1.00 26.31 ? 1045 THR A O   1 
ATOM   547  C CB  . THR A 1 67  ? -8.446  -0.442  10.368  1.00 32.18 ? 1045 THR A CB  1 
ATOM   548  O OG1 . THR A 1 67  ? -7.138  -1.020  10.304  1.00 34.26 ? 1045 THR A OG1 1 
ATOM   549  C CG2 . THR A 1 67  ? -9.313  -1.237  11.350  1.00 32.47 ? 1045 THR A CG2 1 
ATOM   550  N N   . VAL A 1 68  ? -7.912  1.540   8.100   1.00 27.87 ? 1046 VAL A N   1 
ATOM   551  C CA  . VAL A 1 68  ? -6.889  2.200   7.306   1.00 28.28 ? 1046 VAL A CA  1 
ATOM   552  C C   . VAL A 1 68  ? -5.505  1.811   7.795   1.00 30.45 ? 1046 VAL A C   1 
ATOM   553  O O   . VAL A 1 68  ? -4.554  1.840   7.010   1.00 29.62 ? 1046 VAL A O   1 
ATOM   554  C CB  . VAL A 1 68  ? -7.053  3.733   7.298   1.00 32.55 ? 1046 VAL A CB  1 
ATOM   555  C CG1 . VAL A 1 68  ? -6.404  4.366   8.515   1.00 32.59 ? 1046 VAL A CG1 1 
ATOM   556  C CG2 . VAL A 1 68  ? -6.459  4.324   6.015   1.00 34.19 ? 1046 VAL A CG2 1 
ATOM   557  N N   . LYS A 1 69  ? -5.375  1.410   9.065   1.00 30.04 ? 1047 LYS A N   1 
ATOM   558  C CA  . LYS A 1 69  ? -4.070  0.995   9.576   1.00 34.25 ? 1047 LYS A CA  1 
ATOM   559  C C   . LYS A 1 69  ? -3.592  -0.294  8.917   1.00 31.09 ? 1047 LYS A C   1 
ATOM   560  O O   . LYS A 1 69  ? -2.396  -0.439  8.641   1.00 29.96 ? 1047 LYS A O   1 
ATOM   561  C CB  . LYS A 1 69  ? -4.122  0.828   11.095  1.00 37.03 ? 1047 LYS A CB  1 
ATOM   562  C CG  . LYS A 1 69  ? -3.898  2.117   11.874  1.00 43.02 ? 1047 LYS A CG  1 
ATOM   563  C CD  . LYS A 1 69  ? -4.380  1.969   13.314  1.00 50.74 ? 1047 LYS A CD  1 
ATOM   564  C CE  . LYS A 1 69  ? -3.863  0.674   13.943  1.00 54.25 ? 1047 LYS A CE  1 
ATOM   565  N NZ  . LYS A 1 69  ? -4.825  0.112   14.943  1.00 57.16 ? 1047 LYS A NZ  1 
ATOM   566  N N   . ASP A 1 70  ? -4.500  -1.253  8.685   1.00 29.35 ? 1048 ASP A N   1 
ATOM   567  C CA  . ASP A 1 70  ? -4.136  -2.460  7.947   1.00 30.49 ? 1048 ASP A CA  1 
ATOM   568  C C   . ASP A 1 70  ? -3.672  -2.117  6.535   1.00 30.52 ? 1048 ASP A C   1 
ATOM   569  O O   . ASP A 1 70  ? -2.715  -2.707  6.022   1.00 26.42 ? 1048 ASP A O   1 
ATOM   570  C CB  . ASP A 1 70  ? -5.319  -3.427  7.872   1.00 32.13 ? 1048 ASP A CB  1 
ATOM   571  C CG  . ASP A 1 70  ? -5.812  -3.878  9.237   1.00 38.66 ? 1048 ASP A CG  1 
ATOM   572  O OD1 . ASP A 1 70  ? -5.069  -3.751  10.233  1.00 40.77 ? 1048 ASP A OD1 1 
ATOM   573  O OD2 . ASP A 1 70  ? -6.964  -4.359  9.304   1.00 42.83 ? 1048 ASP A OD2 1 
ATOM   574  N N   . TYR A 1 71  ? -4.367  -1.191  5.873   1.00 25.82 ? 1049 TYR A N   1 
ATOM   575  C CA  . TYR A 1 71  ? -3.957  -0.758  4.542   1.00 27.35 ? 1049 TYR A CA  1 
ATOM   576  C C   . TYR A 1 71  ? -2.587  -0.085  4.575   1.00 27.81 ? 1049 TYR A C   1 
ATOM   577  O O   . TYR A 1 71  ? -1.723  -0.361  3.732   1.00 26.80 ? 1049 TYR A O   1 
ATOM   578  C CB  . TYR A 1 71  ? -5.020  0.196   3.989   1.00 26.41 ? 1049 TYR A CB  1 
ATOM   579  C CG  . TYR A 1 71  ? -4.702  0.881   2.681   1.00 24.44 ? 1049 TYR A CG  1 
ATOM   580  C CD1 . TYR A 1 71  ? -4.954  0.261   1.467   1.00 24.10 ? 1049 TYR A CD1 1 
ATOM   581  C CD2 . TYR A 1 71  ? -4.169  2.174   2.666   1.00 27.78 ? 1049 TYR A CD2 1 
ATOM   582  C CE1 . TYR A 1 71  ? -4.701  0.916   0.260   1.00 25.30 ? 1049 TYR A CE1 1 
ATOM   583  C CE2 . TYR A 1 71  ? -3.895  2.828   1.472   1.00 25.94 ? 1049 TYR A CE2 1 
ATOM   584  C CZ  . TYR A 1 71  ? -4.168  2.202   0.276   1.00 24.32 ? 1049 TYR A CZ  1 
ATOM   585  O OH  . TYR A 1 71  ? -3.901  2.852   -0.912  1.00 24.67 ? 1049 TYR A OH  1 
ATOM   586  N N   . LEU A 1 72  ? -2.377  0.819   5.539   1.00 26.41 ? 1050 LEU A N   1 
ATOM   587  C CA  . LEU A 1 72  ? -1.123  1.559   5.585   1.00 29.29 ? 1050 LEU A CA  1 
ATOM   588  C C   . LEU A 1 72  ? 0.050   0.643   5.890   1.00 30.35 ? 1050 LEU A C   1 
ATOM   589  O O   . LEU A 1 72  ? 1.186   0.934   5.492   1.00 29.66 ? 1050 LEU A O   1 
ATOM   590  C CB  . LEU A 1 72  ? -1.208  2.683   6.618   1.00 28.63 ? 1050 LEU A CB  1 
ATOM   591  C CG  . LEU A 1 72  ? -2.030  3.871   6.112   1.00 31.55 ? 1050 LEU A CG  1 
ATOM   592  C CD1 . LEU A 1 72  ? -2.113  4.972   7.150   1.00 33.88 ? 1050 LEU A CD1 1 
ATOM   593  C CD2 . LEU A 1 72  ? -1.419  4.382   4.805   1.00 33.66 ? 1050 LEU A CD2 1 
ATOM   594  N N   . ARG A 1 73  ? -0.201  -0.466  6.584   1.00 28.26 ? 1051 ARG A N   1 
ATOM   595  C CA  . ARG A 1 73  ? 0.874   -1.425  6.820   1.00 30.05 ? 1051 ARG A CA  1 
ATOM   596  C C   . ARG A 1 73  ? 1.384   -2.022  5.512   1.00 28.22 ? 1051 ARG A C   1 
ATOM   597  O O   . ARG A 1 73  ? 2.583   -2.289  5.380   1.00 27.82 ? 1051 ARG A O   1 
ATOM   598  C CB  . ARG A 1 73  ? 0.397   -2.523  7.771   1.00 35.62 ? 1051 ARG A CB  1 
ATOM   599  N N   . ASP A 1 74  ? 0.505   -2.213  4.523   1.00 26.66 ? 1052 ASP A N   1 
ATOM   600  C CA  . ASP A 1 74  ? 0.967   -2.737  3.240   1.00 25.28 ? 1052 ASP A CA  1 
ATOM   601  C C   . ASP A 1 74  ? 1.621   -1.657  2.381   1.00 27.62 ? 1052 ASP A C   1 
ATOM   602  O O   . ASP A 1 74  ? 2.572   -1.950  1.644   1.00 24.54 ? 1052 ASP A O   1 
ATOM   603  C CB  . ASP A 1 74  ? -0.185  -3.412  2.499   1.00 25.34 ? 1052 ASP A CB  1 
ATOM   604  C CG  . ASP A 1 74  ? -0.326  -4.879  2.882   1.00 34.54 ? 1052 ASP A CG  1 
ATOM   605  O OD1 . ASP A 1 74  ? 0.569   -5.382  3.607   1.00 32.83 ? 1052 ASP A OD1 1 
ATOM   606  O OD2 . ASP A 1 74  ? -1.316  -5.521  2.469   1.00 30.90 ? 1052 ASP A OD2 1 
ATOM   607  N N   . ILE A 1 75  ? 1.130   -0.411  2.442   1.00 24.28 ? 1053 ILE A N   1 
ATOM   608  C CA  . ILE A 1 75  ? 1.853   0.685   1.799   1.00 24.69 ? 1053 ILE A CA  1 
ATOM   609  C C   . ILE A 1 75  ? 3.253   0.810   2.399   1.00 28.08 ? 1053 ILE A C   1 
ATOM   610  O O   . ILE A 1 75  ? 4.252   0.930   1.681   1.00 27.12 ? 1053 ILE A O   1 
ATOM   611  C CB  . ILE A 1 75  ? 1.070   2.006   1.931   1.00 30.04 ? 1053 ILE A CB  1 
ATOM   612  C CG1 . ILE A 1 75  ? -0.304  1.907   1.240   1.00 28.48 ? 1053 ILE A CG1 1 
ATOM   613  C CG2 . ILE A 1 75  ? 1.900   3.168   1.381   1.00 27.99 ? 1053 ILE A CG2 1 
ATOM   614  C CD1 . ILE A 1 75  ? -0.249  1.582   -0.245  1.00 28.51 ? 1053 ILE A CD1 1 
ATOM   615  N N   . ASP A 1 76  ? 3.347   0.761   3.729   1.00 25.07 ? 1054 ASP A N   1 
ATOM   616  C CA  . ASP A 1 76  ? 4.658   0.844   4.365   1.00 26.30 ? 1054 ASP A CA  1 
ATOM   617  C C   . ASP A 1 76  ? 5.546   -0.324  3.959   1.00 27.49 ? 1054 ASP A C   1 
ATOM   618  O O   . ASP A 1 76  ? 6.769   -0.169  3.890   1.00 29.42 ? 1054 ASP A O   1 
ATOM   619  C CB  . ASP A 1 76  ? 4.520   0.888   5.889   1.00 28.72 ? 1054 ASP A CB  1 
ATOM   620  C CG  . ASP A 1 76  ? 4.095   2.253   6.403   1.00 35.84 ? 1054 ASP A CG  1 
ATOM   621  O OD1 . ASP A 1 76  ? 4.467   3.278   5.789   1.00 41.84 ? 1054 ASP A OD1 1 
ATOM   622  O OD2 . ASP A 1 76  ? 3.405   2.303   7.437   1.00 37.66 ? 1054 ASP A OD2 1 
ATOM   623  N N   . LEU A 1 77  ? 4.953   -1.497  3.702   1.00 25.73 ? 1055 LEU A N   1 
ATOM   624  C CA  . LEU A 1 77  ? 5.735   -2.655  3.271   1.00 27.73 ? 1055 LEU A CA  1 
ATOM   625  C C   . LEU A 1 77  ? 6.275   -2.460  1.859   1.00 28.25 ? 1055 LEU A C   1 
ATOM   626  O O   . LEU A 1 77  ? 7.427   -2.806  1.576   1.00 25.10 ? 1055 LEU A O   1 
ATOM   627  C CB  . LEU A 1 77  ? 4.879   -3.918  3.351   1.00 27.61 ? 1055 LEU A CB  1 
ATOM   628  C CG  . LEU A 1 77  ? 5.489   -5.239  2.893   1.00 29.18 ? 1055 LEU A CG  1 
ATOM   629  C CD1 . LEU A 1 77  ? 6.713   -5.562  3.746   1.00 29.42 ? 1055 LEU A CD1 1 
ATOM   630  C CD2 . LEU A 1 77  ? 4.450   -6.347  2.992   1.00 28.70 ? 1055 LEU A CD2 1 
ATOM   631  N N   . ILE A 1 78  ? 5.458   -1.917  0.949   1.00 24.10 ? 1056 ILE A N   1 
ATOM   632  C CA  . ILE A 1 78  ? 5.975   -1.558  -0.370  1.00 23.93 ? 1056 ILE A CA  1 
ATOM   633  C C   . ILE A 1 78  ? 7.200   -0.665  -0.219  1.00 23.68 ? 1056 ILE A C   1 
ATOM   634  O O   . ILE A 1 78  ? 8.237   -0.876  -0.866  1.00 26.08 ? 1056 ILE A O   1 
ATOM   635  C CB  . ILE A 1 78  ? 4.885   -0.862  -1.210  1.00 24.30 ? 1056 ILE A CB  1 
ATOM   636  C CG1 . ILE A 1 78  ? 3.695   -1.803  -1.439  1.00 22.89 ? 1056 ILE A CG1 1 
ATOM   637  C CG2 . ILE A 1 78  ? 5.488   -0.386  -2.536  1.00 24.01 ? 1056 ILE A CG2 1 
ATOM   638  C CD1 . ILE A 1 78  ? 2.522   -1.196  -2.318  1.00 22.73 ? 1056 ILE A CD1 1 
ATOM   639  N N   . CYS A 1 79  ? 7.104   0.331   0.663   1.00 22.98 ? 1057 CYS A N   1 
ATOM   640  C CA  . CYS A 1 79  ? 8.194   1.285   0.831   1.00 25.25 ? 1057 CYS A CA  1 
ATOM   641  C C   . CYS A 1 79  ? 9.412   0.622   1.459   1.00 28.58 ? 1057 CYS A C   1 
ATOM   642  O O   . CYS A 1 79  ? 10.538  0.791   0.980   1.00 26.31 ? 1057 CYS A O   1 
ATOM   643  C CB  . CYS A 1 79  ? 7.746   2.460   1.694   1.00 25.64 ? 1057 CYS A CB  1 
ATOM   644  S SG  . CYS A 1 79  ? 9.024   3.731   1.919   1.00 37.13 ? 1057 CYS A SG  1 
ATOM   645  N N   . SER A 1 80  ? 9.209   -0.114  2.552   1.00 26.85 ? 1058 SER A N   1 
ATOM   646  C CA  . SER A 1 80  ? 10.356  -0.697  3.238   1.00 28.71 ? 1058 SER A CA  1 
ATOM   647  C C   . SER A 1 80  ? 11.036  -1.756  2.373   1.00 29.07 ? 1058 SER A C   1 
ATOM   648  O O   . SER A 1 80  ? 12.264  -1.881  2.400   1.00 29.38 ? 1058 SER A O   1 
ATOM   649  C CB  . SER A 1 80  ? 9.934   -1.283  4.594   1.00 30.76 ? 1058 SER A CB  1 
ATOM   650  O OG  . SER A 1 80  ? 9.024   -2.353  4.431   1.00 33.55 ? 1058 SER A OG  1 
ATOM   651  N N   . ASN A 1 81  ? 10.266  -2.529  1.604   1.00 24.98 ? 1059 ASN A N   1 
ATOM   652  C CA  . ASN A 1 81  ? 10.877  -3.481  0.675   1.00 25.41 ? 1059 ASN A CA  1 
ATOM   653  C C   . ASN A 1 81  ? 11.774  -2.757  -0.326  1.00 29.02 ? 1059 ASN A C   1 
ATOM   654  O O   . ASN A 1 81  ? 12.883  -3.207  -0.632  1.00 25.94 ? 1059 ASN A O   1 
ATOM   655  C CB  . ASN A 1 81  ? 9.796   -4.276  -0.076  1.00 25.80 ? 1059 ASN A CB  1 
ATOM   656  C CG  . ASN A 1 81  ? 9.158   -5.373  0.769   1.00 27.88 ? 1059 ASN A CG  1 
ATOM   657  O OD1 . ASN A 1 81  ? 9.628   -5.691  1.869   1.00 26.82 ? 1059 ASN A OD1 1 
ATOM   658  N ND2 . ASN A 1 81  ? 8.082   -5.966  0.245   1.00 24.01 ? 1059 ASN A ND2 1 
ATOM   659  N N   . ALA A 1 82  ? 11.284  -1.648  -0.887  1.00 25.79 ? 1060 ALA A N   1 
ATOM   660  C CA  . ALA A 1 82  ? 12.064  -0.940  -1.892  1.00 25.49 ? 1060 ALA A CA  1 
ATOM   661  C C   . ALA A 1 82  ? 13.352  -0.387  -1.290  1.00 25.80 ? 1060 ALA A C   1 
ATOM   662  O O   . ALA A 1 82  ? 14.407  -0.438  -1.927  1.00 27.13 ? 1060 ALA A O   1 
ATOM   663  C CB  . ALA A 1 82  ? 11.228  0.184   -2.514  1.00 24.29 ? 1060 ALA A CB  1 
ATOM   664  N N   . LEU A 1 83  ? 13.287  0.114   -0.054  1.00 25.07 ? 1061 LEU A N   1 
ATOM   665  C CA  . LEU A 1 83  ? 14.495  0.598   0.606   1.00 28.35 ? 1061 LEU A CA  1 
ATOM   666  C C   . LEU A 1 83  ? 15.501  -0.528  0.817   1.00 29.31 ? 1061 LEU A C   1 
ATOM   667  O O   . LEU A 1 83  ? 16.709  -0.324  0.643   1.00 27.72 ? 1061 LEU A O   1 
ATOM   668  C CB  . LEU A 1 83  ? 14.153  1.259   1.941   1.00 28.67 ? 1061 LEU A CB  1 
ATOM   669  C CG  . LEU A 1 83  ? 13.275  2.514   1.870   1.00 32.94 ? 1061 LEU A CG  1 
ATOM   670  C CD1 . LEU A 1 83  ? 13.348  3.311   3.169   1.00 36.26 ? 1061 LEU A CD1 1 
ATOM   671  C CD2 . LEU A 1 83  ? 13.660  3.367   0.701   1.00 32.24 ? 1061 LEU A CD2 1 
ATOM   672  N N   . GLU A 1 84  ? 15.021  -1.725  1.179   1.00 28.83 ? 1062 GLU A N   1 
ATOM   673  C CA  . GLU A 1 84  ? 15.928  -2.838  1.461   1.00 30.13 ? 1062 GLU A CA  1 
ATOM   674  C C   . GLU A 1 84  ? 16.576  -3.371  0.192   1.00 28.89 ? 1062 GLU A C   1 
ATOM   675  O O   . GLU A 1 84  ? 17.752  -3.753  0.200   1.00 24.39 ? 1062 GLU A O   1 
ATOM   676  C CB  . GLU A 1 84  ? 15.184  -3.969  2.173   1.00 30.86 ? 1062 GLU A CB  1 
ATOM   677  C CG  . GLU A 1 84  ? 14.660  -3.627  3.552   1.00 36.84 ? 1062 GLU A CG  1 
ATOM   678  C CD  . GLU A 1 84  ? 13.817  -4.751  4.141   1.00 45.51 ? 1062 GLU A CD  1 
ATOM   679  O OE1 . GLU A 1 84  ? 14.019  -5.920  3.738   1.00 45.69 ? 1062 GLU A OE1 1 
ATOM   680  O OE2 . GLU A 1 84  ? 12.962  -4.472  5.014   1.00 48.52 ? 1062 GLU A OE2 1 
ATOM   681  N N   . TYR A 1 85  ? 15.826  -3.428  -0.905  1.00 25.33 ? 1063 TYR A N   1 
ATOM   682  C CA  . TYR A 1 85  ? 16.383  -3.916  -2.158  1.00 27.34 ? 1063 TYR A CA  1 
ATOM   683  C C   . TYR A 1 85  ? 17.216  -2.861  -2.881  1.00 27.58 ? 1063 TYR A C   1 
ATOM   684  O O   . TYR A 1 85  ? 17.969  -3.207  -3.800  1.00 25.88 ? 1063 TYR A O   1 
ATOM   685  C CB  . TYR A 1 85  ? 15.257  -4.419  -3.073  1.00 25.56 ? 1063 TYR A CB  1 
ATOM   686  C CG  . TYR A 1 85  ? 15.743  -5.099  -4.329  1.00 28.30 ? 1063 TYR A CG  1 
ATOM   687  C CD1 . TYR A 1 85  ? 16.467  -6.291  -4.274  1.00 25.81 ? 1063 TYR A CD1 1 
ATOM   688  C CD2 . TYR A 1 85  ? 15.510  -4.538  -5.574  1.00 26.56 ? 1063 TYR A CD2 1 
ATOM   689  C CE1 . TYR A 1 85  ? 16.921  -6.905  -5.436  1.00 28.24 ? 1063 TYR A CE1 1 
ATOM   690  C CE2 . TYR A 1 85  ? 15.954  -5.147  -6.731  1.00 28.29 ? 1063 TYR A CE2 1 
ATOM   691  C CZ  . TYR A 1 85  ? 16.665  -6.327  -6.661  1.00 32.27 ? 1063 TYR A CZ  1 
ATOM   692  O OH  . TYR A 1 85  ? 17.105  -6.922  -7.828  1.00 29.44 ? 1063 TYR A OH  1 
ATOM   693  N N   . ASN A 1 86  ? 17.108  -1.586  -2.489  1.00 25.43 ? 1064 ASN A N   1 
ATOM   694  C CA  . ASN A 1 86  ? 17.857  -0.493  -3.112  1.00 24.29 ? 1064 ASN A CA  1 
ATOM   695  C C   . ASN A 1 86  ? 18.653  0.272   -2.057  1.00 25.93 ? 1064 ASN A C   1 
ATOM   696  O O   . ASN A 1 86  ? 18.436  1.471   -1.845  1.00 27.17 ? 1064 ASN A O   1 
ATOM   697  C CB  . ASN A 1 86  ? 16.907  0.437   -3.868  1.00 25.94 ? 1064 ASN A CB  1 
ATOM   698  C CG  . ASN A 1 86  ? 16.244  -0.262  -5.023  1.00 25.29 ? 1064 ASN A CG  1 
ATOM   699  O OD1 . ASN A 1 86  ? 16.828  -0.379  -6.094  1.00 27.08 ? 1064 ASN A OD1 1 
ATOM   700  N ND2 . ASN A 1 86  ? 15.028  -0.762  -4.807  1.00 22.84 ? 1064 ASN A ND2 1 
ATOM   701  N N   . PRO A 1 87  ? 19.596  -0.386  -1.380  1.00 27.65 ? 1065 PRO A N   1 
ATOM   702  C CA  . PRO A 1 87  ? 20.294  0.261   -0.265  1.00 32.32 ? 1065 PRO A CA  1 
ATOM   703  C C   . PRO A 1 87  ? 21.578  0.991   -0.635  1.00 35.36 ? 1065 PRO A C   1 
ATOM   704  O O   . PRO A 1 87  ? 22.169  1.625   0.250   1.00 35.73 ? 1065 PRO A O   1 
ATOM   705  C CB  . PRO A 1 87  ? 20.622  -0.936  0.644   1.00 32.55 ? 1065 PRO A CB  1 
ATOM   706  C CG  . PRO A 1 87  ? 20.948  -2.024  -0.348  1.00 32.08 ? 1065 PRO A CG  1 
ATOM   707  C CD  . PRO A 1 87  ? 20.078  -1.762  -1.590  1.00 29.60 ? 1065 PRO A CD  1 
ATOM   708  N N   . ASP A 1 88  ? 22.037  0.900   -1.884  1.00 30.53 ? 1066 ASP A N   1 
ATOM   709  C CA  . ASP A 1 88  ? 23.371  1.350   -2.267  1.00 34.96 ? 1066 ASP A CA  1 
ATOM   710  C C   . ASP A 1 88  ? 23.335  2.782   -2.795  1.00 36.51 ? 1066 ASP A C   1 
ATOM   711  O O   . ASP A 1 88  ? 22.270  3.357   -3.036  1.00 32.36 ? 1066 ASP A O   1 
ATOM   712  C CB  . ASP A 1 88  ? 23.968  0.424   -3.324  1.00 38.69 ? 1066 ASP A CB  1 
ATOM   713  C CG  . ASP A 1 88  ? 23.801  -1.043  -2.975  1.00 48.64 ? 1066 ASP A CG  1 
ATOM   714  O OD1 . ASP A 1 88  ? 24.138  -1.411  -1.825  1.00 43.05 ? 1066 ASP A OD1 1 
ATOM   715  O OD2 . ASP A 1 88  ? 23.341  -1.819  -3.849  1.00 54.70 ? 1066 ASP A OD2 1 
ATOM   716  N N   . ARG A 1 89  ? 24.526  3.355   -2.998  1.00 33.57 ? 1067 ARG A N   1 
ATOM   717  C CA  . ARG A 1 89  ? 24.606  4.747   -3.431  1.00 33.24 ? 1067 ARG A CA  1 
ATOM   718  C C   . ARG A 1 89  ? 24.370  4.936   -4.924  1.00 32.96 ? 1067 ARG A C   1 
ATOM   719  O O   . ARG A 1 89  ? 24.281  6.086   -5.372  1.00 32.48 ? 1067 ARG A O   1 
ATOM   720  C CB  . ARG A 1 89  ? 25.962  5.363   -3.053  1.00 36.26 ? 1067 ARG A CB  1 
ATOM   721  C CG  . ARG A 1 89  ? 27.225  4.643   -3.576  1.00 35.57 ? 1067 ARG A CG  1 
ATOM   722  C CD  . ARG A 1 89  ? 27.735  5.232   -4.922  1.00 40.39 ? 1067 ARG A CD  1 
ATOM   723  N NE  . ARG A 1 89  ? 27.720  6.701   -4.946  1.00 35.52 ? 1067 ARG A NE  1 
ATOM   724  C CZ  . ARG A 1 89  ? 27.548  7.430   -6.054  1.00 42.35 ? 1067 ARG A CZ  1 
ATOM   725  N NH1 . ARG A 1 89  ? 27.422  6.826   -7.232  1.00 44.51 ? 1067 ARG A NH1 1 
ATOM   726  N NH2 . ARG A 1 89  ? 27.517  8.765   -5.996  1.00 43.02 ? 1067 ARG A NH2 1 
ATOM   727  N N   . ASP A 1 90  ? 24.266  3.864   -5.704  1.00 29.52 ? 1068 ASP A N   1 
ATOM   728  C CA  . ASP A 1 90  ? 24.176  4.054   -7.143  1.00 34.88 ? 1068 ASP A CA  1 
ATOM   729  C C   . ASP A 1 90  ? 22.842  4.721   -7.515  1.00 32.47 ? 1068 ASP A C   1 
ATOM   730  O O   . ASP A 1 90  ? 21.848  4.590   -6.799  1.00 28.80 ? 1068 ASP A O   1 
ATOM   731  C CB  . ASP A 1 90  ? 24.358  2.732   -7.877  1.00 41.46 ? 1068 ASP A CB  1 
ATOM   732  C CG  . ASP A 1 90  ? 23.085  1.950   -8.018  1.00 44.13 ? 1068 ASP A CG  1 
ATOM   733  O OD1 . ASP A 1 90  ? 22.384  2.102   -9.051  1.00 44.61 ? 1068 ASP A OD1 1 
ATOM   734  O OD2 . ASP A 1 90  ? 22.802  1.157   -7.098  1.00 50.55 ? 1068 ASP A OD2 1 
ATOM   735  N N   . PRO A 1 91  ? 22.823  5.477   -8.617  1.00 31.43 ? 1069 PRO A N   1 
ATOM   736  C CA  . PRO A 1 91  ? 21.651  6.336   -8.891  1.00 32.29 ? 1069 PRO A CA  1 
ATOM   737  C C   . PRO A 1 91  ? 20.358  5.575   -9.134  1.00 29.21 ? 1069 PRO A C   1 
ATOM   738  O O   . PRO A 1 91  ? 19.280  6.127   -8.866  1.00 26.60 ? 1069 PRO A O   1 
ATOM   739  C CB  . PRO A 1 91  ? 22.077  7.130   -10.137 1.00 32.08 ? 1069 PRO A CB  1 
ATOM   740  C CG  . PRO A 1 91  ? 23.260  6.381   -10.701 1.00 38.50 ? 1069 PRO A CG  1 
ATOM   741  C CD  . PRO A 1 91  ? 23.941  5.750   -9.532  1.00 34.75 ? 1069 PRO A CD  1 
ATOM   742  N N   . GLY A 1 92  ? 20.423  4.354   -9.667  1.00 29.16 ? 1070 GLY A N   1 
ATOM   743  C CA  . GLY A 1 92  ? 19.211  3.553   -9.792  1.00 31.10 ? 1070 GLY A CA  1 
ATOM   744  C C   . GLY A 1 92  ? 18.576  3.279   -8.447  1.00 30.57 ? 1070 GLY A C   1 
ATOM   745  O O   . GLY A 1 92  ? 17.363  3.441   -8.267  1.00 27.36 ? 1070 GLY A O   1 
ATOM   746  N N   . ASP A 1 93  ? 19.391  2.871   -7.467  1.00 25.24 ? 1071 ASP A N   1 
ATOM   747  C CA  . ASP A 1 93  ? 18.903  2.682   -6.107  1.00 26.96 ? 1071 ASP A CA  1 
ATOM   748  C C   . ASP A 1 93  ? 18.335  3.973   -5.534  1.00 28.81 ? 1071 ASP A C   1 
ATOM   749  O O   . ASP A 1 93  ? 17.274  3.967   -4.899  1.00 26.84 ? 1071 ASP A O   1 
ATOM   750  C CB  . ASP A 1 93  ? 20.032  2.177   -5.199  1.00 28.33 ? 1071 ASP A CB  1 
ATOM   751  C CG  . ASP A 1 93  ? 20.398  0.734   -5.458  1.00 32.35 ? 1071 ASP A CG  1 
ATOM   752  O OD1 . ASP A 1 93  ? 20.258  0.274   -6.607  1.00 31.13 ? 1071 ASP A OD1 1 
ATOM   753  O OD2 . ASP A 1 93  ? 20.809  0.053   -4.495  1.00 30.97 ? 1071 ASP A OD2 1 
ATOM   754  N N   . ARG A 1 94  ? 19.061  5.087   -5.700  1.00 26.81 ? 1072 ARG A N   1 
ATOM   755  C CA  . ARG A 1 94  ? 18.629  6.333   -5.075  1.00 29.29 ? 1072 ARG A CA  1 
ATOM   756  C C   . ARG A 1 94  ? 17.325  6.822   -5.678  1.00 26.59 ? 1072 ARG A C   1 
ATOM   757  O O   . ARG A 1 94  ? 16.494  7.400   -4.971  1.00 26.28 ? 1072 ARG A O   1 
ATOM   758  C CB  . ARG A 1 94  ? 19.712  7.408   -5.202  1.00 31.12 ? 1072 ARG A CB  1 
ATOM   759  C CG  . ARG A 1 94  ? 20.950  7.142   -4.346  1.00 38.13 ? 1072 ARG A CG  1 
ATOM   760  C CD  . ARG A 1 94  ? 21.901  8.337   -4.337  1.00 46.09 ? 1072 ARG A CD  1 
ATOM   761  N NE  . ARG A 1 94  ? 21.187  9.602   -4.122  1.00 53.98 ? 1072 ARG A NE  1 
ATOM   762  C CZ  . ARG A 1 94  ? 21.033  10.186  -2.934  1.00 53.96 ? 1072 ARG A CZ  1 
ATOM   763  N NH1 . ARG A 1 94  ? 21.542  9.627   -1.840  1.00 52.47 ? 1072 ARG A NH1 1 
ATOM   764  N NH2 . ARG A 1 94  ? 20.373  11.330  -2.836  1.00 47.52 ? 1072 ARG A NH2 1 
ATOM   765  N N   . LEU A 1 95  ? 17.133  6.585   -6.975  1.00 26.25 ? 1073 LEU A N   1 
ATOM   766  C CA  . LEU A 1 95  ? 15.889  6.967   -7.631  1.00 28.76 ? 1073 LEU A CA  1 
ATOM   767  C C   . LEU A 1 95  ? 14.706  6.183   -7.071  1.00 28.77 ? 1073 LEU A C   1 
ATOM   768  O O   . LEU A 1 95  ? 13.650  6.758   -6.774  1.00 25.60 ? 1073 LEU A O   1 
ATOM   769  C CB  . LEU A 1 95  ? 16.018  6.753   -9.140  1.00 24.65 ? 1073 LEU A CB  1 
ATOM   770  C CG  . LEU A 1 95  ? 14.760  6.957   -9.987  1.00 27.36 ? 1073 LEU A CG  1 
ATOM   771  C CD1 . LEU A 1 95  ? 14.152  8.344   -9.754  1.00 27.87 ? 1073 LEU A CD1 1 
ATOM   772  C CD2 . LEU A 1 95  ? 15.095  6.764   -11.467 1.00 31.24 ? 1073 LEU A CD2 1 
ATOM   773  N N   . ILE A 1 96  ? 14.853  4.860   -6.947  1.00 25.76 ? 1074 ILE A N   1 
ATOM   774  C CA  . ILE A 1 96  ? 13.761  4.040   -6.416  1.00 29.42 ? 1074 ILE A CA  1 
ATOM   775  C C   . ILE A 1 96  ? 13.452  4.426   -4.973  1.00 26.28 ? 1074 ILE A C   1 
ATOM   776  O O   . ILE A 1 96  ? 12.280  4.532   -4.591  1.00 23.86 ? 1074 ILE A O   1 
ATOM   777  C CB  . ILE A 1 96  ? 14.089  2.535   -6.532  1.00 26.66 ? 1074 ILE A CB  1 
ATOM   778  C CG1 . ILE A 1 96  ? 14.365  2.118   -7.980  1.00 29.40 ? 1074 ILE A CG1 1 
ATOM   779  C CG2 . ILE A 1 96  ? 12.951  1.686   -5.926  1.00 25.85 ? 1074 ILE A CG2 1 
ATOM   780  C CD1 . ILE A 1 96  ? 13.211  2.286   -8.919  1.00 38.62 ? 1074 ILE A CD1 1 
ATOM   781  N N   . ARG A 1 97  ? 14.493  4.639   -4.147  1.00 25.81 ? 1075 ARG A N   1 
ATOM   782  C CA  . ARG A 1 97  ? 14.270  5.050   -2.757  1.00 25.90 ? 1075 ARG A CA  1 
ATOM   783  C C   . ARG A 1 97  ? 13.486  6.353   -2.689  1.00 28.76 ? 1075 ARG A C   1 
ATOM   784  O O   . ARG A 1 97  ? 12.583  6.499   -1.854  1.00 26.07 ? 1075 ARG A O   1 
ATOM   785  C CB  . ARG A 1 97  ? 15.598  5.228   -2.008  1.00 29.75 ? 1075 ARG A CB  1 
ATOM   786  C CG  . ARG A 1 97  ? 16.359  3.944   -1.716  1.00 28.81 ? 1075 ARG A CG  1 
ATOM   787  C CD  . ARG A 1 97  ? 17.254  4.093   -0.486  1.00 32.63 ? 1075 ARG A CD  1 
ATOM   788  N NE  . ARG A 1 97  ? 18.275  5.142   -0.583  1.00 35.62 ? 1075 ARG A NE  1 
ATOM   789  C CZ  . ARG A 1 97  ? 19.476  4.979   -1.146  1.00 38.12 ? 1075 ARG A CZ  1 
ATOM   790  N NH1 . ARG A 1 97  ? 19.808  3.815   -1.695  1.00 31.96 ? 1075 ARG A NH1 1 
ATOM   791  N NH2 . ARG A 1 97  ? 20.349  5.983   -1.168  1.00 37.66 ? 1075 ARG A NH2 1 
ATOM   792  N N   . HIS A 1 98  ? 13.843  7.327   -3.535  1.00 24.71 ? 1076 HIS A N   1 
ATOM   793  C CA  . HIS A 1 98  ? 13.122  8.597   -3.535  1.00 27.37 ? 1076 HIS A CA  1 
ATOM   794  C C   . HIS A 1 98  ? 11.653  8.383   -3.868  1.00 27.88 ? 1076 HIS A C   1 
ATOM   795  O O   . HIS A 1 98  ? 10.771  8.976   -3.231  1.00 26.69 ? 1076 HIS A O   1 
ATOM   796  C CB  . HIS A 1 98  ? 13.757  9.573   -4.529  1.00 27.21 ? 1076 HIS A CB  1 
ATOM   797  C CG  . HIS A 1 98  ? 13.257  10.977  -4.398  1.00 31.13 ? 1076 HIS A CG  1 
ATOM   798  N ND1 . HIS A 1 98  ? 12.247  11.487  -5.190  1.00 32.05 ? 1076 HIS A ND1 1 
ATOM   799  C CD2 . HIS A 1 98  ? 13.631  11.986  -3.573  1.00 35.66 ? 1076 HIS A CD2 1 
ATOM   800  C CE1 . HIS A 1 98  ? 12.019  12.744  -4.852  1.00 33.35 ? 1076 HIS A CE1 1 
ATOM   801  N NE2 . HIS A 1 98  ? 12.843  13.071  -3.870  1.00 35.19 ? 1076 HIS A NE2 1 
ATOM   802  N N   . ARG A 1 99  ? 11.378  7.538   -4.869  1.00 25.92 ? 1077 ARG A N   1 
ATOM   803  C CA  . ARG A 1 99  ? 9.999   7.250   -5.265  1.00 27.07 ? 1077 ARG A CA  1 
ATOM   804  C C   . ARG A 1 99  ? 9.268   6.479   -4.177  1.00 28.43 ? 1077 ARG A C   1 
ATOM   805  O O   . ARG A 1 99  ? 8.085   6.728   -3.920  1.00 25.93 ? 1077 ARG A O   1 
ATOM   806  C CB  . ARG A 1 99  ? 9.977   6.447   -6.565  1.00 26.18 ? 1077 ARG A CB  1 
ATOM   807  C CG  . ARG A 1 99  ? 10.439  7.222   -7.805  1.00 28.43 ? 1077 ARG A CG  1 
ATOM   808  C CD  . ARG A 1 99  ? 10.588  6.316   -9.014  1.00 27.14 ? 1077 ARG A CD  1 
ATOM   809  N NE  . ARG A 1 99  ? 10.814  7.091   -10.234 1.00 29.34 ? 1077 ARG A NE  1 
ATOM   810  C CZ  . ARG A 1 99  ? 11.198  6.578   -11.400 1.00 32.98 ? 1077 ARG A CZ  1 
ATOM   811  N NH1 . ARG A 1 99  ? 11.417  5.274   -11.527 1.00 33.98 ? 1077 ARG A NH1 1 
ATOM   812  N NH2 . ARG A 1 99  ? 11.379  7.381   -12.442 1.00 33.62 ? 1077 ARG A NH2 1 
ATOM   813  N N   . ALA A 1 100 ? 9.964   5.541   -3.530  1.00 25.62 ? 1078 ALA A N   1 
ATOM   814  C CA  . ALA A 1 100 ? 9.370   4.780   -2.436  1.00 27.48 ? 1078 ALA A CA  1 
ATOM   815  C C   . ALA A 1 100 ? 8.945   5.694   -1.294  1.00 28.67 ? 1078 ALA A C   1 
ATOM   816  O O   . ALA A 1 100 ? 7.853   5.537   -0.732  1.00 29.77 ? 1078 ALA A O   1 
ATOM   817  C CB  . ALA A 1 100 ? 10.363  3.722   -1.939  1.00 24.87 ? 1078 ALA A CB  1 
ATOM   818  N N   . CYS A 1 101 ? 9.804   6.652   -0.923  1.00 24.46 ? 1079 CYS A N   1 
ATOM   819  C CA  . CYS A 1 101 ? 9.447   7.570   0.148   1.00 26.62 ? 1079 CYS A CA  1 
ATOM   820  C C   . CYS A 1 101 ? 8.334   8.505   -0.300  1.00 29.56 ? 1079 CYS A C   1 
ATOM   821  O O   . CYS A 1 101 ? 7.457   8.866   0.492   1.00 29.23 ? 1079 CYS A O   1 
ATOM   822  C CB  . CYS A 1 101 ? 10.672  8.367   0.598   1.00 32.57 ? 1079 CYS A CB  1 
ATOM   823  S SG  . CYS A 1 101 ? 11.883  7.354   1.511   1.00 39.35 ? 1079 CYS A SG  1 
ATOM   824  N N   . ALA A 1 102 ? 8.357   8.906   -1.568  1.00 26.88 ? 1080 ALA A N   1 
ATOM   825  C CA  . ALA A 1 102 ? 7.272   9.731   -2.093  1.00 28.20 ? 1080 ALA A CA  1 
ATOM   826  C C   . ALA A 1 102 ? 5.943   8.979   -2.062  1.00 27.07 ? 1080 ALA A C   1 
ATOM   827  O O   . ALA A 1 102 ? 4.891   9.571   -1.780  1.00 27.85 ? 1080 ALA A O   1 
ATOM   828  C CB  . ALA A 1 102 ? 7.602   10.188  -3.512  1.00 27.44 ? 1080 ALA A CB  1 
ATOM   829  N N   . LEU A 1 103 ? 5.966   7.680   -2.371  1.00 26.39 ? 1081 LEU A N   1 
ATOM   830  C CA  . LEU A 1 103 ? 4.739   6.884   -2.325  1.00 30.08 ? 1081 LEU A CA  1 
ATOM   831  C C   . LEU A 1 103 ? 4.153   6.859   -0.919  1.00 30.83 ? 1081 LEU A C   1 
ATOM   832  O O   . LEU A 1 103 ? 2.952   7.094   -0.727  1.00 26.14 ? 1081 LEU A O   1 
ATOM   833  C CB  . LEU A 1 103 ? 5.006   5.459   -2.815  1.00 26.73 ? 1081 LEU A CB  1 
ATOM   834  C CG  . LEU A 1 103 ? 3.837   4.473   -2.626  1.00 28.80 ? 1081 LEU A CG  1 
ATOM   835  C CD1 . LEU A 1 103 ? 2.708   4.803   -3.554  1.00 32.64 ? 1081 LEU A CD1 1 
ATOM   836  C CD2 . LEU A 1 103 ? 4.286   3.037   -2.839  1.00 31.43 ? 1081 LEU A CD2 1 
ATOM   837  N N   . ARG A 1 104 ? 4.992   6.556   0.071   1.00 28.48 ? 1082 ARG A N   1 
ATOM   838  C CA  . ARG A 1 104 ? 4.563   6.534   1.467   1.00 29.88 ? 1082 ARG A CA  1 
ATOM   839  C C   . ARG A 1 104 ? 4.036   7.898   1.906   1.00 31.20 ? 1082 ARG A C   1 
ATOM   840  O O   . ARG A 1 104 ? 2.933   8.004   2.461   1.00 28.89 ? 1082 ARG A O   1 
ATOM   841  C CB  . ARG A 1 104 ? 5.740   6.082   2.344   1.00 30.71 ? 1082 ARG A CB  1 
ATOM   842  C CG  . ARG A 1 104 ? 5.442   5.859   3.828   1.00 36.09 ? 1082 ARG A CG  1 
ATOM   843  C CD  . ARG A 1 104 ? 6.739   6.013   4.641   1.00 45.07 ? 1082 ARG A CD  1 
ATOM   844  N NE  . ARG A 1 104 ? 7.403   7.276   4.300   1.00 47.39 ? 1082 ARG A NE  1 
ATOM   845  C CZ  . ARG A 1 104 ? 8.720   7.467   4.268   1.00 50.81 ? 1082 ARG A CZ  1 
ATOM   846  N NH1 . ARG A 1 104 ? 9.197   8.662   3.940   1.00 48.97 ? 1082 ARG A NH1 1 
ATOM   847  N NH2 . ARG A 1 104 ? 9.557   6.474   4.554   1.00 53.34 ? 1082 ARG A NH2 1 
ATOM   848  N N   . ASP A 1 105 ? 4.808   8.960   1.652   1.00 29.41 ? 1083 ASP A N   1 
ATOM   849  C CA  . ASP A 1 105 ? 4.380   10.294  2.061   1.00 29.98 ? 1083 ASP A CA  1 
ATOM   850  C C   . ASP A 1 105 ? 3.066   10.683  1.392   1.00 29.88 ? 1083 ASP A C   1 
ATOM   851  O O   . ASP A 1 105 ? 2.203   11.299  2.026   1.00 28.85 ? 1083 ASP A O   1 
ATOM   852  C CB  . ASP A 1 105 ? 5.456   11.325  1.729   1.00 33.20 ? 1083 ASP A CB  1 
ATOM   853  C CG  . ASP A 1 105 ? 6.736   11.121  2.526   1.00 39.79 ? 1083 ASP A CG  1 
ATOM   854  O OD1 . ASP A 1 105 ? 6.752   10.290  3.460   1.00 38.03 ? 1083 ASP A OD1 1 
ATOM   855  O OD2 . ASP A 1 105 ? 7.728   11.807  2.208   1.00 41.81 ? 1083 ASP A OD2 1 
ATOM   856  N N   . THR A 1 106 ? 2.899   10.331  0.118   1.00 26.79 ? 1084 THR A N   1 
ATOM   857  C CA  . THR A 1 106 ? 1.682   10.713  -0.595  1.00 29.74 ? 1084 THR A CA  1 
ATOM   858  C C   . THR A 1 106 ? 0.466   9.986   -0.030  1.00 29.00 ? 1084 THR A C   1 
ATOM   859  O O   . THR A 1 106 ? -0.584  10.598  0.198   1.00 27.76 ? 1084 THR A O   1 
ATOM   860  C CB  . THR A 1 106 ? 1.835   10.438  -2.093  1.00 29.12 ? 1084 THR A CB  1 
ATOM   861  O OG1 . THR A 1 106 ? 2.889   11.260  -2.628  1.00 29.25 ? 1084 THR A OG1 1 
ATOM   862  C CG2 . THR A 1 106 ? 0.527   10.782  -2.830  1.00 27.93 ? 1084 THR A CG2 1 
ATOM   863  N N   . ALA A 1 107 ? 0.593   8.679   0.223   1.00 26.00 ? 1085 ALA A N   1 
ATOM   864  C CA  . ALA A 1 107 ? -0.521  7.927   0.791   1.00 28.51 ? 1085 ALA A CA  1 
ATOM   865  C C   . ALA A 1 107 ? -0.916  8.480   2.156   1.00 27.80 ? 1085 ALA A C   1 
ATOM   866  O O   . ALA A 1 107 ? -2.099  8.694   2.432   1.00 25.02 ? 1085 ALA A O   1 
ATOM   867  C CB  . ALA A 1 107 ? -0.162  6.435   0.887   1.00 24.93 ? 1085 ALA A CB  1 
ATOM   868  N N   . TYR A 1 108 ? 0.066   8.736   3.026   1.00 25.23 ? 1086 TYR A N   1 
ATOM   869  C CA  . TYR A 1 108 ? -0.256  9.257   4.351   1.00 30.57 ? 1086 TYR A CA  1 
ATOM   870  C C   . TYR A 1 108 ? -0.909  10.634  4.260   1.00 30.14 ? 1086 TYR A C   1 
ATOM   871  O O   . TYR A 1 108 ? -1.839  10.934  5.016   1.00 28.83 ? 1086 TYR A O   1 
ATOM   872  C CB  . TYR A 1 108 ? 0.998   9.315   5.229   1.00 28.84 ? 1086 TYR A CB  1 
ATOM   873  C CG  . TYR A 1 108 ? 1.286   8.028   5.977   1.00 32.47 ? 1086 TYR A CG  1 
ATOM   874  C CD1 . TYR A 1 108 ? 2.003   6.996   5.380   1.00 32.73 ? 1086 TYR A CD1 1 
ATOM   875  C CD2 . TYR A 1 108 ? 0.838   7.840   7.287   1.00 37.07 ? 1086 TYR A CD2 1 
ATOM   876  C CE1 . TYR A 1 108 ? 2.282   5.808   6.072   1.00 34.04 ? 1086 TYR A CE1 1 
ATOM   877  C CE2 . TYR A 1 108 ? 1.107   6.650   7.983   1.00 34.64 ? 1086 TYR A CE2 1 
ATOM   878  C CZ  . TYR A 1 108 ? 1.825   5.641   7.365   1.00 35.97 ? 1086 TYR A CZ  1 
ATOM   879  O OH  . TYR A 1 108 ? 2.101   4.456   8.039   1.00 34.82 ? 1086 TYR A OH  1 
ATOM   880  N N   . ALA A 1 109 ? -0.463  11.469  3.316   1.00 28.28 ? 1087 ALA A N   1 
ATOM   881  C CA  . ALA A 1 109 ? -1.004  12.825  3.226   1.00 31.83 ? 1087 ALA A CA  1 
ATOM   882  C C   . ALA A 1 109 ? -2.450  12.818  2.734   1.00 30.94 ? 1087 ALA A C   1 
ATOM   883  O O   . ALA A 1 109 ? -3.275  13.599  3.222   1.00 30.41 ? 1087 ALA A O   1 
ATOM   884  C CB  . ALA A 1 109 ? -0.137  13.686  2.312   1.00 33.08 ? 1087 ALA A CB  1 
ATOM   885  N N   . ILE A 1 110 ? -2.764  11.959  1.756   1.00 28.42 ? 1088 ILE A N   1 
ATOM   886  C CA  . ILE A 1 110 ? -4.143  11.815  1.286   1.00 27.68 ? 1088 ILE A CA  1 
ATOM   887  C C   . ILE A 1 110 ? -5.043  11.374  2.426   1.00 29.05 ? 1088 ILE A C   1 
ATOM   888  O O   . ILE A 1 110 ? -6.114  11.946  2.652   1.00 26.72 ? 1088 ILE A O   1 
ATOM   889  C CB  . ILE A 1 110 ? -4.205  10.814  0.117   1.00 26.61 ? 1088 ILE A CB  1 
ATOM   890  C CG1 . ILE A 1 110 ? -3.611  11.422  -1.154  1.00 30.00 ? 1088 ILE A CG1 1 
ATOM   891  C CG2 . ILE A 1 110 ? -5.637  10.321  -0.086  1.00 26.19 ? 1088 ILE A CG2 1 
ATOM   892  C CD1 . ILE A 1 110 ? -3.351  10.409  -2.240  1.00 25.90 ? 1088 ILE A CD1 1 
ATOM   893  N N   . ILE A 1 111 ? -4.612  10.358  3.173   1.00 26.56 ? 1089 ILE A N   1 
ATOM   894  C CA  . ILE A 1 111 ? -5.416  9.840   4.270   1.00 28.57 ? 1089 ILE A CA  1 
ATOM   895  C C   . ILE A 1 111 ? -5.602  10.903  5.356   1.00 31.23 ? 1089 ILE A C   1 
ATOM   896  O O   . ILE A 1 111 ? -6.714  11.108  5.859   1.00 29.30 ? 1089 ILE A O   1 
ATOM   897  C CB  . ILE A 1 111 ? -4.781  8.538   4.802   1.00 29.51 ? 1089 ILE A CB  1 
ATOM   898  C CG1 . ILE A 1 111 ? -5.121  7.394   3.833   1.00 29.25 ? 1089 ILE A CG1 1 
ATOM   899  C CG2 . ILE A 1 111 ? -5.228  8.240   6.232   1.00 35.37 ? 1089 ILE A CG2 1 
ATOM   900  C CD1 . ILE A 1 111 ? -4.207  6.200   3.898   1.00 35.23 ? 1089 ILE A CD1 1 
ATOM   901  N N   . LYS A 1 112 ? -4.531  11.621  5.711   1.00 31.55 ? 1090 LYS A N   1 
ATOM   902  C CA  . LYS A 1 112 ? -4.650  12.643  6.749   1.00 32.86 ? 1090 LYS A CA  1 
ATOM   903  C C   . LYS A 1 112 ? -5.630  13.730  6.337   1.00 33.99 ? 1090 LYS A C   1 
ATOM   904  O O   . LYS A 1 112 ? -6.353  14.283  7.171   1.00 34.05 ? 1090 LYS A O   1 
ATOM   905  C CB  . LYS A 1 112 ? -3.288  13.265  7.053   1.00 37.83 ? 1090 LYS A CB  1 
ATOM   906  C CG  . LYS A 1 112 ? -3.352  14.371  8.113   1.00 40.96 ? 1090 LYS A CG  1 
ATOM   907  C CD  . LYS A 1 112 ? -1.969  14.890  8.481   1.00 45.20 ? 1090 LYS A CD  1 
ATOM   908  C CE  . LYS A 1 112 ? -2.044  15.921  9.607   1.00 51.92 ? 1090 LYS A CE  1 
ATOM   909  N NZ  . LYS A 1 112 ? -0.684  16.342  10.061  1.00 53.42 ? 1090 LYS A NZ  1 
ATOM   910  N N   . GLU A 1 113 ? -5.671  14.036  5.050   1.00 30.78 ? 1091 GLU A N   1 
ATOM   911  C CA  . GLU A 1 113 ? -6.502  15.113  4.543   1.00 33.70 ? 1091 GLU A CA  1 
ATOM   912  C C   . GLU A 1 113 ? -7.938  14.671  4.297   1.00 36.50 ? 1091 GLU A C   1 
ATOM   913  O O   . GLU A 1 113 ? -8.864  15.478  4.448   1.00 35.38 ? 1091 GLU A O   1 
ATOM   914  C CB  . GLU A 1 113 ? -5.880  15.638  3.251   1.00 37.12 ? 1091 GLU A CB  1 
ATOM   915  C CG  . GLU A 1 113 ? -6.414  16.939  2.763   1.00 44.19 ? 1091 GLU A CG  1 
ATOM   916  C CD  . GLU A 1 113 ? -5.460  17.600  1.781   1.00 59.41 ? 1091 GLU A CD  1 
ATOM   917  O OE1 . GLU A 1 113 ? -4.446  18.175  2.239   1.00 68.47 ? 1091 GLU A OE1 1 
ATOM   918  O OE2 . GLU A 1 113 ? -5.719  17.537  0.555   1.00 62.94 ? 1091 GLU A OE2 1 
ATOM   919  N N   . GLU A 1 114 ? -8.156  13.409  3.914   1.00 28.05 ? 1092 GLU A N   1 
ATOM   920  C CA  . GLU A 1 114 ? -9.450  13.015  3.374   1.00 30.04 ? 1092 GLU A CA  1 
ATOM   921  C C   . GLU A 1 114 ? -10.189 11.956  4.187   1.00 32.07 ? 1092 GLU A C   1 
ATOM   922  O O   . GLU A 1 114 ? -11.395 11.782  3.975   1.00 31.07 ? 1092 GLU A O   1 
ATOM   923  C CB  . GLU A 1 114 ? -9.289  12.519  1.925   1.00 31.79 ? 1092 GLU A CB  1 
ATOM   924  C CG  . GLU A 1 114 ? -8.534  13.513  1.010   1.00 29.71 ? 1092 GLU A CG  1 
ATOM   925  C CD  . GLU A 1 114 ? -8.421  13.027  -0.433  1.00 28.48 ? 1092 GLU A CD  1 
ATOM   926  O OE1 . GLU A 1 114 ? -9.164  12.101  -0.829  1.00 28.18 ? 1092 GLU A OE1 1 
ATOM   927  O OE2 . GLU A 1 114 ? -7.561  13.549  -1.173  1.00 29.59 ? 1092 GLU A OE2 1 
ATOM   928  N N   . LEU A 1 115 ? -9.528  11.247  5.101   1.00 29.11 ? 1093 LEU A N   1 
ATOM   929  C CA  . LEU A 1 115 ? -10.212 10.246  5.910   1.00 31.36 ? 1093 LEU A CA  1 
ATOM   930  C C   . LEU A 1 115 ? -10.619 10.871  7.239   1.00 31.08 ? 1093 LEU A C   1 
ATOM   931  O O   . LEU A 1 115 ? -9.769  11.377  7.982   1.00 31.89 ? 1093 LEU A O   1 
ATOM   932  C CB  . LEU A 1 115 ? -9.338  9.014   6.138   1.00 32.51 ? 1093 LEU A CB  1 
ATOM   933  C CG  . LEU A 1 115 ? -10.051 7.856   6.849   1.00 30.55 ? 1093 LEU A CG  1 
ATOM   934  C CD1 . LEU A 1 115 ? -11.282 7.432   6.081   1.00 35.79 ? 1093 LEU A CD1 1 
ATOM   935  C CD2 . LEU A 1 115 ? -9.092  6.685   6.990   1.00 36.68 ? 1093 LEU A CD2 1 
ATOM   936  N N   . ASP A 1 116 ? -11.913 10.838  7.540   1.00 31.20 ? 1094 ASP A N   1 
ATOM   937  C CA  . ASP A 1 116 ? -12.365 11.364  8.823   1.00 31.30 ? 1094 ASP A CA  1 
ATOM   938  C C   . ASP A 1 116 ? -11.865 10.489  9.967   1.00 30.88 ? 1094 ASP A C   1 
ATOM   939  O O   . ASP A 1 116 ? -11.953 9.259   9.902   1.00 28.28 ? 1094 ASP A O   1 
ATOM   940  C CB  . ASP A 1 116 ? -13.886 11.460  8.858   1.00 34.37 ? 1094 ASP A CB  1 
ATOM   941  C CG  . ASP A 1 116 ? -14.379 12.165  10.100  1.00 37.52 ? 1094 ASP A CG  1 
ATOM   942  O OD1 . ASP A 1 116 ? -14.364 11.549  11.186  1.00 37.30 ? 1094 ASP A OD1 1 
ATOM   943  O OD2 . ASP A 1 116 ? -14.761 13.347  9.993   1.00 40.33 ? 1094 ASP A OD2 1 
ATOM   944  N N   . GLU A 1 117 ? -11.338 11.136  11.014  1.00 30.17 ? 1095 GLU A N   1 
ATOM   945  C CA  . GLU A 1 117 ? -10.756 10.411  12.144  1.00 35.19 ? 1095 GLU A CA  1 
ATOM   946  C C   . GLU A 1 117 ? -11.791 9.545   12.855  1.00 31.63 ? 1095 GLU A C   1 
ATOM   947  O O   . GLU A 1 117 ? -11.473 8.447   13.328  1.00 30.54 ? 1095 GLU A O   1 
ATOM   948  C CB  . GLU A 1 117 ? -10.137 11.397  13.139  1.00 39.35 ? 1095 GLU A CB  1 
ATOM   949  C CG  . GLU A 1 117 ? -8.795  11.978  12.737  1.00 52.54 ? 1095 GLU A CG  1 
ATOM   950  C CD  . GLU A 1 117 ? -8.176  12.822  13.842  1.00 64.83 ? 1095 GLU A CD  1 
ATOM   951  O OE1 . GLU A 1 117 ? -8.884  13.125  14.829  1.00 63.94 ? 1095 GLU A OE1 1 
ATOM   952  O OE2 . GLU A 1 117 ? -6.982  13.179  13.727  1.00 69.84 ? 1095 GLU A OE2 1 
ATOM   953  N N   . ASP A 1 118 ? -13.031 10.028  12.954  1.00 30.58 ? 1096 ASP A N   1 
ATOM   954  C CA  . ASP A 1 118 ? -14.077 9.245   13.598  1.00 33.33 ? 1096 ASP A CA  1 
ATOM   955  C C   . ASP A 1 118 ? -14.480 8.042   12.756  1.00 28.55 ? 1096 ASP A C   1 
ATOM   956  O O   . ASP A 1 118 ? -14.851 7.003   13.313  1.00 27.71 ? 1096 ASP A O   1 
ATOM   957  C CB  . ASP A 1 118 ? -15.303 10.124  13.892  1.00 30.96 ? 1096 ASP A CB  1 
ATOM   958  C CG  . ASP A 1 118 ? -15.022 11.201  14.936  1.00 37.37 ? 1096 ASP A CG  1 
ATOM   959  O OD1 . ASP A 1 118 ? -14.257 10.938  15.881  1.00 37.54 ? 1096 ASP A OD1 1 
ATOM   960  O OD2 . ASP A 1 118 ? -15.579 12.314  14.823  1.00 41.12 ? 1096 ASP A OD2 1 
ATOM   961  N N   . PHE A 1 119 ? -14.424 8.150   11.424  1.00 27.10 ? 1097 PHE A N   1 
ATOM   962  C CA  . PHE A 1 119 ? -14.702 6.980   10.592  1.00 26.80 ? 1097 PHE A CA  1 
ATOM   963  C C   . PHE A 1 119 ? -13.660 5.890   10.830  1.00 26.39 ? 1097 PHE A C   1 
ATOM   964  O O   . PHE A 1 119 ? -13.996 4.707   10.972  1.00 26.45 ? 1097 PHE A O   1 
ATOM   965  C CB  . PHE A 1 119 ? -14.753 7.363   9.110   1.00 29.10 ? 1097 PHE A CB  1 
ATOM   966  C CG  . PHE A 1 119 ? -15.051 6.198   8.201   1.00 31.32 ? 1097 PHE A CG  1 
ATOM   967  C CD1 . PHE A 1 119 ? -16.361 5.825   7.944   1.00 29.37 ? 1097 PHE A CD1 1 
ATOM   968  C CD2 . PHE A 1 119 ? -14.024 5.465   7.621   1.00 29.54 ? 1097 PHE A CD2 1 
ATOM   969  C CE1 . PHE A 1 119 ? -16.643 4.735   7.122   1.00 30.92 ? 1097 PHE A CE1 1 
ATOM   970  C CE2 . PHE A 1 119 ? -14.300 4.381   6.799   1.00 30.14 ? 1097 PHE A CE2 1 
ATOM   971  C CZ  . PHE A 1 119 ? -15.605 4.013   6.550   1.00 29.97 ? 1097 PHE A CZ  1 
ATOM   972  N N   . GLU A 1 120 ? -12.388 6.273   10.893  1.00 29.05 ? 1098 GLU A N   1 
ATOM   973  C CA  . GLU A 1 120 ? -11.342 5.283   11.141  1.00 26.76 ? 1098 GLU A CA  1 
ATOM   974  C C   . GLU A 1 120 ? -11.474 4.675   12.532  1.00 29.72 ? 1098 GLU A C   1 
ATOM   975  O O   . GLU A 1 120 ? -11.276 3.469   12.707  1.00 27.73 ? 1098 GLU A O   1 
ATOM   976  C CB  . GLU A 1 120 ? -9.963  5.911   10.951  1.00 29.42 ? 1098 GLU A CB  1 
ATOM   977  C CG  . GLU A 1 120 ? -8.782  5.044   11.453  1.00 28.44 ? 1098 GLU A CG  1 
ATOM   978  C CD  . GLU A 1 120 ? -8.665  3.677   10.766  1.00 32.95 ? 1098 GLU A CD  1 
ATOM   979  O OE1 . GLU A 1 120 ? -9.312  3.443   9.719   1.00 31.67 ? 1098 GLU A OE1 1 
ATOM   980  O OE2 . GLU A 1 120 ? -7.909  2.820   11.282  1.00 34.82 ? 1098 GLU A OE2 1 
ATOM   981  N N   . GLN A 1 121 ? -11.813 5.497   13.531  1.00 28.87 ? 1099 GLN A N   1 
ATOM   982  C CA  . GLN A 1 121 ? -12.040 4.975   14.876  1.00 30.30 ? 1099 GLN A CA  1 
ATOM   983  C C   . GLN A 1 121 ? -13.165 3.943   14.885  1.00 27.90 ? 1099 GLN A C   1 
ATOM   984  O O   . GLN A 1 121 ? -13.044 2.884   15.513  1.00 29.20 ? 1099 GLN A O   1 
ATOM   985  C CB  . GLN A 1 121 ? -12.361 6.121   15.837  1.00 32.17 ? 1099 GLN A CB  1 
ATOM   986  C CG  . GLN A 1 121 ? -12.510 5.690   17.303  1.00 32.52 ? 1099 GLN A CG  1 
ATOM   987  C CD  . GLN A 1 121 ? -11.246 5.059   17.845  1.00 37.81 ? 1099 GLN A CD  1 
ATOM   988  O OE1 . GLN A 1 121 ? -10.138 5.480   17.504  1.00 38.57 ? 1099 GLN A OE1 1 
ATOM   989  N NE2 . GLN A 1 121 ? -11.401 4.050   18.696  1.00 36.08 ? 1099 GLN A NE2 1 
ATOM   990  N N   . LEU A 1 122 ? -14.272 4.236   14.199  1.00 25.64 ? 1100 LEU A N   1 
ATOM   991  C CA  . LEU A 1 122 ? -15.360 3.266   14.083  1.00 26.35 ? 1100 LEU A CA  1 
ATOM   992  C C   . LEU A 1 122 ? -14.867 1.944   13.494  1.00 30.72 ? 1100 LEU A C   1 
ATOM   993  O O   . LEU A 1 122 ? -15.155 0.863   14.033  1.00 29.59 ? 1100 LEU A O   1 
ATOM   994  C CB  . LEU A 1 122 ? -16.494 3.850   13.233  1.00 25.97 ? 1100 LEU A CB  1 
ATOM   995  C CG  . LEU A 1 122 ? -17.677 2.921   12.951  1.00 29.42 ? 1100 LEU A CG  1 
ATOM   996  C CD1 . LEU A 1 122 ? -18.285 2.345   14.240  1.00 28.84 ? 1100 LEU A CD1 1 
ATOM   997  C CD2 . LEU A 1 122 ? -18.741 3.638   12.121  1.00 32.65 ? 1100 LEU A CD2 1 
ATOM   998  N N   . CYS A 1 123 ? -14.116 2.014   12.387  1.00 26.55 ? 1101 CYS A N   1 
ATOM   999  C CA  . CYS A 1 123 ? -13.588 0.798   11.772  1.00 28.39 ? 1101 CYS A CA  1 
ATOM   1000 C C   . CYS A 1 123 ? -12.780 -0.004  12.778  1.00 28.05 ? 1101 CYS A C   1 
ATOM   1001 O O   . CYS A 1 123 ? -12.928 -1.228  12.880  1.00 28.22 ? 1101 CYS A O   1 
ATOM   1002 C CB  . CYS A 1 123 ? -12.729 1.146   10.551  1.00 27.05 ? 1101 CYS A CB  1 
ATOM   1003 S SG  . CYS A 1 123 ? -13.658 1.737   9.113   1.00 30.81 ? 1101 CYS A SG  1 
ATOM   1004 N N   . GLU A 1 124 ? -11.941 0.684   13.551  1.00 29.86 ? 1102 GLU A N   1 
ATOM   1005 C CA  . GLU A 1 124 ? -11.090 -0.003  14.521  1.00 34.74 ? 1102 GLU A CA  1 
ATOM   1006 C C   . GLU A 1 124 ? -11.915 -0.645  15.630  1.00 35.99 ? 1102 GLU A C   1 
ATOM   1007 O O   . GLU A 1 124 ? -11.616 -1.768  16.060  1.00 32.02 ? 1102 GLU A O   1 
ATOM   1008 C CB  . GLU A 1 124 ? -10.071 0.976   15.107  1.00 33.08 ? 1102 GLU A CB  1 
ATOM   1009 C CG  . GLU A 1 124 ? -9.007  1.420   14.109  1.00 36.25 ? 1102 GLU A CG  1 
ATOM   1010 C CD  . GLU A 1 124 ? -8.022  2.412   14.693  1.00 45.15 ? 1102 GLU A CD  1 
ATOM   1011 O OE1 . GLU A 1 124 ? -7.915  2.487   15.935  1.00 52.47 ? 1102 GLU A OE1 1 
ATOM   1012 O OE2 . GLU A 1 124 ? -7.349  3.119   13.909  1.00 44.78 ? 1102 GLU A OE2 1 
ATOM   1013 N N   . GLU A 1 125 ? -12.962 0.043   16.098  1.00 31.32 ? 1103 GLU A N   1 
ATOM   1014 C CA  . GLU A 1 125 ? -13.778 -0.509  17.178  1.00 34.84 ? 1103 GLU A CA  1 
ATOM   1015 C C   . GLU A 1 125 ? -14.591 -1.706  16.704  1.00 36.24 ? 1103 GLU A C   1 
ATOM   1016 O O   . GLU A 1 125 ? -14.764 -2.671  17.456  1.00 40.13 ? 1103 GLU A O   1 
ATOM   1017 C CB  . GLU A 1 125 ? -14.656 0.587   17.806  1.00 34.12 ? 1103 GLU A CB  1 
ATOM   1018 C CG  . GLU A 1 125 ? -13.831 1.494   18.729  1.00 34.42 ? 1103 GLU A CG  1 
ATOM   1019 C CD  . GLU A 1 125 ? -14.593 2.656   19.357  1.00 35.09 ? 1103 GLU A CD  1 
ATOM   1020 O OE1 . GLU A 1 125 ? -15.842 2.612   19.431  1.00 33.72 ? 1103 GLU A OE1 1 
ATOM   1021 O OE2 . GLU A 1 125 ? -13.922 3.616   19.802  1.00 34.40 ? 1103 GLU A OE2 1 
ATOM   1022 N N   . ILE A 1 126 ? -15.049 -1.703  15.449  1.00 31.00 ? 1104 ILE A N   1 
ATOM   1023 C CA  . ILE A 1 126 ? -15.672 -2.911  14.914  1.00 33.66 ? 1104 ILE A CA  1 
ATOM   1024 C C   . ILE A 1 126 ? -14.652 -4.045  14.863  1.00 41.51 ? 1104 ILE A C   1 
ATOM   1025 O O   . ILE A 1 126 ? -14.943 -5.181  15.257  1.00 41.55 ? 1104 ILE A O   1 
ATOM   1026 C CB  . ILE A 1 126 ? -16.288 -2.652  13.529  1.00 36.66 ? 1104 ILE A CB  1 
ATOM   1027 C CG1 . ILE A 1 126 ? -17.287 -1.492  13.584  1.00 32.46 ? 1104 ILE A CG1 1 
ATOM   1028 C CG2 . ILE A 1 126 ? -16.995 -3.902  13.037  1.00 38.56 ? 1104 ILE A CG2 1 
ATOM   1029 C CD1 . ILE A 1 126 ? -17.875 -1.118  12.222  1.00 34.29 ? 1104 ILE A CD1 1 
ATOM   1030 N N   . GLN A 1 127 ? -13.432 -3.749  14.393  1.00 37.75 ? 1105 GLN A N   1 
ATOM   1031 C CA  . GLN A 1 127 ? -12.409 -4.787  14.264  1.00 41.64 ? 1105 GLN A CA  1 
ATOM   1032 C C   . GLN A 1 127 ? -12.066 -5.393  15.619  1.00 44.13 ? 1105 GLN A C   1 
ATOM   1033 O O   . GLN A 1 127 ? -11.956 -6.617  15.748  1.00 46.28 ? 1105 GLN A O   1 
ATOM   1034 C CB  . GLN A 1 127 ? -11.154 -4.214  13.593  1.00 37.10 ? 1105 GLN A CB  1 
ATOM   1035 C CG  . GLN A 1 127 ? -10.041 -5.244  13.312  1.00 41.68 ? 1105 GLN A CG  1 
ATOM   1036 C CD  . GLN A 1 127 ? -8.729  -4.607  12.863  1.00 41.68 ? 1105 GLN A CD  1 
ATOM   1037 O OE1 . GLN A 1 127 ? -8.214  -3.683  13.501  1.00 43.55 ? 1105 GLN A OE1 1 
ATOM   1038 N NE2 . GLN A 1 127 ? -8.182  -5.104  11.756  1.00 40.99 ? 1105 GLN A NE2 1 
ATOM   1039 N N   . GLU A 1 128 ? -11.900 -4.549  16.642  1.00 44.52 ? 1106 GLU A N   1 
ATOM   1040 C CA  . GLU A 1 128 ? -11.563 -5.016  17.983  1.00 46.22 ? 1106 GLU A CA  1 
ATOM   1041 C C   . GLU A 1 128 ? -12.665 -5.864  18.606  1.00 51.13 ? 1106 GLU A C   1 
ATOM   1042 O O   . GLU A 1 128 ? -12.388 -6.628  19.537  1.00 51.59 ? 1106 GLU A O   1 
ATOM   1043 C CB  . GLU A 1 128 ? -11.270 -3.825  18.894  1.00 46.03 ? 1106 GLU A CB  1 
ATOM   1044 C CG  . GLU A 1 128 ? -9.881  -3.236  18.754  1.00 50.24 ? 1106 GLU A CG  1 
ATOM   1045 C CD  . GLU A 1 128 ? -9.854  -1.743  19.041  1.00 54.51 ? 1106 GLU A CD  1 
ATOM   1046 O OE1 . GLU A 1 128 ? -8.906  -1.061  18.590  1.00 58.07 ? 1106 GLU A OE1 1 
ATOM   1047 O OE2 . GLU A 1 128 ? -10.788 -1.246  19.711  1.00 54.65 ? 1106 GLU A OE2 1 
ATOM   1048 N N   . SER A 1 129 ? -13.902 -5.737  18.133  1.00 49.23 ? 1107 SER A N   1 
ATOM   1049 C CA  . SER A 1 129 ? -15.017 -6.517  18.655  1.00 54.43 ? 1107 SER A CA  1 
ATOM   1050 C C   . SER A 1 129 ? -15.150 -7.884  17.994  1.00 57.47 ? 1107 SER A C   1 
ATOM   1051 O O   . SER A 1 129 ? -16.065 -8.637  18.346  1.00 58.92 ? 1107 SER A O   1 
ATOM   1052 C CB  . SER A 1 129 ? -16.331 -5.749  18.483  1.00 48.58 ? 1107 SER A CB  1 
ATOM   1053 O OG  . SER A 1 129 ? -16.836 -5.907  17.166  1.00 49.72 ? 1107 SER A OG  1 
ATOM   1054 N N   . ARG A 1 130 ? -14.282 -8.218  17.046  1.00 55.07 ? 1108 ARG A N   1 
ATOM   1055 C CA  . ARG A 1 130 ? -14.389 -9.498  16.354  1.00 60.02 ? 1108 ARG A CA  1 
ATOM   1056 C C   . ARG A 1 130 ? -13.220 -10.417 16.707  1.00 64.73 ? 1108 ARG A C   1 
ATOM   1057 O O   . ARG A 1 130 ? -12.231 -9.995  17.313  1.00 63.19 ? 1108 ARG A O   1 
ATOM   1058 C CB  . ARG A 1 130 ? -14.470 -9.279  14.842  1.00 54.97 ? 1108 ARG A CB  1 
ATOM   1059 C CG  . ARG A 1 130 ? -15.588 -8.324  14.444  1.00 56.32 ? 1108 ARG A CG  1 
ATOM   1060 C CD  . ARG A 1 130 ? -15.888 -8.351  12.953  1.00 53.63 ? 1108 ARG A CD  1 
ATOM   1061 N NE  . ARG A 1 130 ? -17.222 -7.820  12.679  1.00 55.93 ? 1108 ARG A NE  1 
ATOM   1062 C CZ  . ARG A 1 130 ? -17.739 -7.679  11.463  1.00 54.78 ? 1108 ARG A CZ  1 
ATOM   1063 N NH1 . ARG A 1 130 ? -18.963 -7.187  11.314  1.00 55.01 ? 1108 ARG A NH1 1 
ATOM   1064 N NH2 . ARG A 1 130 ? -17.033 -8.029  10.397  1.00 56.06 ? 1108 ARG A NH2 1 
ATOM   1065 O OXT . ARG A 1 130 ? -13.246 -11.610 16.403  1.00 69.04 ? 1108 ARG A OXT 1 
HETATM 1066 N N   . G7H B 2 .   ? 19.497  -1.822  -9.693  1.00 36.26 ? 1201 G7H A N   1 
HETATM 1067 C CA  . G7H B 2 .   ? 18.506  -1.652  -8.622  1.00 33.08 ? 1201 G7H A CA  1 
HETATM 1068 C C   . G7H B 2 .   ? 17.124  -2.053  -9.136  1.00 33.49 ? 1201 G7H A C   1 
HETATM 1069 O O   . G7H B 2 .   ? 17.016  -2.622  -10.224 1.00 33.92 ? 1201 G7H A O   1 
HETATM 1070 C CB  . G7H B 2 .   ? 18.836  -2.587  -7.448  1.00 31.59 ? 1201 G7H A CB  1 
HETATM 1071 C CAA . G7H B 2 .   ? 10.430  -3.270  -6.892  1.00 34.42 ? 1201 G7H A CAA 1 
HETATM 1072 C CAE . G7H B 2 .   ? 10.360  -3.176  -10.051 1.00 36.31 ? 1201 G7H A CAE 1 
HETATM 1073 C CAF . G7H B 2 .   ? 12.000  -4.830  -10.570 1.00 36.54 ? 1201 G7H A CAF 1 
HETATM 1074 C CAG . G7H B 2 .   ? 9.445   -3.838  -10.865 1.00 33.66 ? 1201 G7H A CAG 1 
HETATM 1075 C CAH . G7H B 2 .   ? 11.097  -5.491  -11.394 1.00 40.91 ? 1201 G7H A CAH 1 
HETATM 1076 C CAI . G7H B 2 .   ? 6.773   -5.992  -13.190 1.00 44.70 ? 1201 G7H A CAI 1 
HETATM 1077 C CAJ . G7H B 2 .   ? 21.163  -2.497  -8.014  1.00 36.82 ? 1201 G7H A CAJ 1 
HETATM 1078 C CAK . G7H B 2 .   ? 20.853  -1.552  -9.169  1.00 33.67 ? 1201 G7H A CAK 1 
HETATM 1079 C CAL . G7H B 2 .   ? 7.752   -7.050  -13.676 1.00 42.92 ? 1201 G7H A CAL 1 
HETATM 1080 C CAM . G7H B 2 .   ? 7.722   -4.861  -12.874 1.00 41.31 ? 1201 G7H A CAM 1 
HETATM 1081 C CAT . G7H B 2 .   ? 11.817  -2.618  -6.794  1.00 32.32 ? 1201 G7H A CAT 1 
HETATM 1082 C CAU . G7H B 2 .   ? 8.864   -6.842  -12.848 1.00 40.70 ? 1201 G7H A CAU 1 
HETATM 1083 C CAW . G7H B 2 .   ? 11.657  -3.678  -9.872  1.00 36.70 ? 1201 G7H A CAW 1 
HETATM 1084 C CAX . G7H B 2 .   ? 9.800   -5.000  -11.544 1.00 40.58 ? 1201 G7H A CAX 1 
HETATM 1085 C CAY . G7H B 2 .   ? 14.855  -2.184  -8.491  1.00 29.93 ? 1201 G7H A CAY 1 
HETATM 1086 C CAZ . G7H B 2 .   ? 12.698  -2.653  -7.828  1.00 29.55 ? 1201 G7H A CAZ 1 
HETATM 1087 C CBA . G7H B 2 .   ? 12.624  -3.107  -9.119  1.00 33.39 ? 1201 G7H A CBA 1 
HETATM 1088 N NAO . G7H B 2 .   ? 13.928  -2.169  -7.525  1.00 28.95 ? 1201 G7H A NAO 1 
HETATM 1089 N NAP . G7H B 2 .   ? 20.187  -2.327  -6.921  1.00 30.77 ? 1201 G7H A NAP 1 
HETATM 1090 N NAR . G7H B 2 .   ? 16.114  -1.768  -8.275  1.00 30.69 ? 1201 G7H A NAR 1 
HETATM 1091 N NBC . G7H B 2 .   ? 8.902   -5.598  -12.341 1.00 40.19 ? 1201 G7H A NBC 1 
HETATM 1092 O OAB . G7H B 2 .   ? 12.164  -2.145  -5.703  1.00 29.85 ? 1201 G7H A OAB 1 
HETATM 1093 O OAC . G7H B 2 .   ? 9.698   -7.717  -12.631 1.00 37.60 ? 1201 G7H A OAC 1 
HETATM 1094 S SAS . G7H B 2 .   ? 14.206  -2.872  -9.840  1.00 31.84 ? 1201 G7H A SAS 1 
HETATM 1095 C CA  . G7H C 2 .   ? 6.770   -5.834  -18.321 1.00 69.66 ? 1202 G7H A CA  1 
HETATM 1096 C C   . G7H C 2 .   ? 7.721   -4.945  -17.519 1.00 75.54 ? 1202 G7H A C   1 
HETATM 1097 O O   . G7H C 2 .   ? 7.502   -3.736  -17.433 1.00 74.13 ? 1202 G7H A O   1 
HETATM 1098 C CAA . G7H C 2 .   ? 12.893  -7.142  -15.242 1.00 57.29 ? 1202 G7H A CAA 1 
HETATM 1099 C CAE . G7H C 2 .   ? 11.422  -1.746  -13.589 1.00 60.19 ? 1202 G7H A CAE 1 
HETATM 1100 C CAF . G7H C 2 .   ? 13.447  -2.625  -14.461 1.00 66.79 ? 1202 G7H A CAF 1 
HETATM 1101 C CAG . G7H C 2 .   ? 12.134  -0.688  -13.010 1.00 58.49 ? 1202 G7H A CAG 1 
HETATM 1102 C CAH . G7H C 2 .   ? 14.160  -1.583  -13.879 1.00 63.66 ? 1202 G7H A CAH 1 
HETATM 1103 C CAI . G7H C 2 .   ? 15.850  1.409   -11.282 1.00 51.15 ? 1202 G7H A CAI 1 
HETATM 1104 C CAL . G7H C 2 .   ? 15.073  2.444   -12.052 1.00 52.86 ? 1202 G7H A CAL 1 
HETATM 1105 C CAM . G7H C 2 .   ? 15.680  0.228   -12.206 1.00 52.27 ? 1202 G7H A CAM 1 
HETATM 1106 C CAT . G7H C 2 .   ? 12.736  -5.748  -14.631 1.00 59.95 ? 1202 G7H A CAT 1 
HETATM 1107 C CAU . G7H C 2 .   ? 13.996  1.707   -12.549 1.00 56.84 ? 1202 G7H A CAU 1 
HETATM 1108 C CAW . G7H C 2 .   ? 12.067  -2.753  -14.304 1.00 63.49 ? 1202 G7H A CAW 1 
HETATM 1109 C CAX . G7H C 2 .   ? 13.518  -0.598  -13.146 1.00 58.97 ? 1202 G7H A CAX 1 
HETATM 1110 C CAY . G7H C 2 .   ? 9.715   -5.050  -16.230 1.00 69.36 ? 1202 G7H A CAY 1 
HETATM 1111 C CAZ . G7H C 2 .   ? 11.680  -5.060  -15.082 1.00 61.44 ? 1202 G7H A CAZ 1 
HETATM 1112 C CBA . G7H C 2 .   ? 11.381  -3.750  -14.906 1.00 64.14 ? 1202 G7H A CBA 1 
HETATM 1113 N NAO . G7H C 2 .   ? 10.762  -5.752  -15.792 1.00 64.69 ? 1202 G7H A NAO 1 
HETATM 1114 N NAR . G7H C 2 .   ? 8.745   -5.627  -16.956 1.00 71.47 ? 1202 G7H A NAR 1 
HETATM 1115 N NBC . G7H C 2 .   ? 14.273  0.394   -12.648 1.00 56.24 ? 1202 G7H A NBC 1 
HETATM 1116 O OAB . G7H C 2 .   ? 13.524  -5.345  -13.780 1.00 57.11 ? 1202 G7H A OAB 1 
HETATM 1117 O OAC . G7H C 2 .   ? 12.923  2.223   -12.854 1.00 55.77 ? 1202 G7H A OAC 1 
HETATM 1118 S SAS . G7H C 2 .   ? 9.911   -3.471  -15.722 1.00 97.79 ? 1202 G7H A SAS 1 
HETATM 1119 S S   . SO4 D 3 .   ? -17.746 -3.337  -2.713  1.00 38.82 ? 1203 SO4 A S   1 
HETATM 1120 O O1  . SO4 D 3 .   ? -18.521 -2.188  -3.195  1.00 43.86 ? 1203 SO4 A O1  1 
HETATM 1121 O O2  . SO4 D 3 .   ? -18.582 -4.088  -1.788  1.00 35.65 ? 1203 SO4 A O2  1 
HETATM 1122 O O3  . SO4 D 3 .   ? -17.353 -4.172  -3.838  1.00 35.89 ? 1203 SO4 A O3  1 
HETATM 1123 O O4  . SO4 D 3 .   ? -16.545 -2.856  -2.040  1.00 37.72 ? 1203 SO4 A O4  1 
HETATM 1124 O O   . HOH E 4 .   ? 2.165   -10.596 3.124   1.00 45.32 ? 1301 HOH A O   1 
HETATM 1125 O O   . HOH E 4 .   ? 27.623  4.979   -8.241  1.00 31.96 ? 1302 HOH A O   1 
HETATM 1126 O O   . HOH E 4 .   ? 13.367  -2.821  6.510   1.00 48.50 ? 1303 HOH A O   1 
HETATM 1127 O O   . HOH E 4 .   ? 19.124  8.414   -8.994  1.00 43.17 ? 1304 HOH A O   1 
HETATM 1128 O O   . HOH E 4 .   ? 18.893  -0.023  -11.135 1.00 44.87 ? 1305 HOH A O   1 
HETATM 1129 O O   . HOH E 4 .   ? -19.151 -4.592  16.631  1.00 44.01 ? 1306 HOH A O   1 
HETATM 1130 O O   . HOH E 4 .   ? 16.556  -16.730 0.379   1.00 41.81 ? 1307 HOH A O   1 
HETATM 1131 O O   . HOH E 4 .   ? 15.844  -5.421  -13.030 1.00 54.87 ? 1308 HOH A O   1 
HETATM 1132 O O   . HOH E 4 .   ? 2.262   0.703   8.973   1.00 39.52 ? 1309 HOH A O   1 
HETATM 1133 O O   . HOH E 4 .   ? 8.283   -15.639 1.668   1.00 41.55 ? 1310 HOH A O   1 
HETATM 1134 O O   . HOH E 4 .   ? -9.857  -7.665  -7.358  1.00 37.14 ? 1311 HOH A O   1 
HETATM 1135 O O   . HOH E 4 .   ? -5.671  15.294  -0.657  1.00 41.98 ? 1312 HOH A O   1 
HETATM 1136 O O   . HOH E 4 .   ? 10.388  -4.739  4.127   1.00 32.91 ? 1313 HOH A O   1 
HETATM 1137 O O   . HOH E 4 .   ? -21.961 -8.608  10.007  1.00 57.33 ? 1314 HOH A O   1 
HETATM 1138 O O   . HOH E 4 .   ? 10.875  -3.583  -3.486  1.00 26.46 ? 1315 HOH A O   1 
HETATM 1139 O O   . HOH E 4 .   ? -15.996 13.507  12.553  1.00 43.27 ? 1316 HOH A O   1 
HETATM 1140 O O   . HOH E 4 .   ? -2.010  17.191  2.380   1.00 49.75 ? 1317 HOH A O   1 
HETATM 1141 O O   . HOH E 4 .   ? -2.723  10.460  -9.196  1.00 37.91 ? 1318 HOH A O   1 
HETATM 1142 O O   . HOH E 4 .   ? 7.726   -5.816  -2.934  1.00 30.98 ? 1319 HOH A O   1 
HETATM 1143 O O   . HOH E 4 .   ? 6.346   -2.996  -5.042  1.00 27.97 ? 1320 HOH A O   1 
HETATM 1144 O O   . HOH E 4 .   ? -18.070 8.880   6.262   1.00 38.56 ? 1321 HOH A O   1 
HETATM 1145 O O   . HOH E 4 .   ? 2.679   13.563  -4.235  1.00 41.92 ? 1322 HOH A O   1 
HETATM 1146 O O   . HOH E 4 .   ? 9.831   -11.992 -2.817  1.00 41.61 ? 1323 HOH A O   1 
HETATM 1147 O O   . HOH E 4 .   ? 0.733   -7.970  4.227   1.00 39.35 ? 1324 HOH A O   1 
HETATM 1148 O O   . HOH E 4 .   ? 4.619   -2.782  7.031   1.00 32.88 ? 1325 HOH A O   1 
HETATM 1149 O O   . HOH E 4 .   ? -12.498 3.143   22.011  1.00 43.30 ? 1326 HOH A O   1 
HETATM 1150 O O   . HOH E 4 .   ? 17.942  1.490   2.177   1.00 49.53 ? 1327 HOH A O   1 
HETATM 1151 O O   . HOH E 4 .   ? -16.153 -6.238  -2.602  1.00 46.83 ? 1328 HOH A O   1 
HETATM 1152 O O   . HOH E 4 .   ? 2.104   4.500   -12.316 1.00 35.22 ? 1329 HOH A O   1 
HETATM 1153 O O   . HOH E 4 .   ? -1.252  2.263   -13.514 1.00 46.02 ? 1330 HOH A O   1 
HETATM 1154 O O   . HOH E 4 .   ? 18.572  -14.108 2.130   1.00 34.99 ? 1331 HOH A O   1 
HETATM 1155 O O   . HOH E 4 .   ? 4.064   -7.917  -4.883  1.00 36.34 ? 1332 HOH A O   1 
HETATM 1156 O O   . HOH E 4 .   ? 3.733   -11.004 0.463   1.00 40.74 ? 1333 HOH A O   1 
HETATM 1157 O O   . HOH E 4 .   ? -20.527 5.397   7.012   1.00 52.69 ? 1334 HOH A O   1 
HETATM 1158 O O   . HOH E 4 .   ? 4.740   -9.201  -12.524 1.00 42.24 ? 1335 HOH A O   1 
HETATM 1159 O O   . HOH E 4 .   ? -13.584 3.691   -5.178  1.00 26.60 ? 1336 HOH A O   1 
HETATM 1160 O O   . HOH E 4 .   ? -0.621  -8.869  -7.794  1.00 49.47 ? 1337 HOH A O   1 
HETATM 1161 O O   . HOH E 4 .   ? -18.734 -4.998  3.936   1.00 40.76 ? 1338 HOH A O   1 
HETATM 1162 O O   . HOH E 4 .   ? -9.110  14.024  7.924   1.00 45.55 ? 1339 HOH A O   1 
HETATM 1163 O O   . HOH E 4 .   ? -3.266  -7.704  5.499   1.00 46.99 ? 1340 HOH A O   1 
HETATM 1164 O O   . HOH E 4 .   ? 10.766  11.310  -1.801  1.00 35.68 ? 1341 HOH A O   1 
HETATM 1165 O O   . HOH E 4 .   ? -5.004  -7.052  6.575   1.00 52.89 ? 1342 HOH A O   1 
HETATM 1166 O O   . HOH E 4 .   ? -12.542 9.343   17.320  1.00 48.43 ? 1343 HOH A O   1 
HETATM 1167 O O   . HOH E 4 .   ? -10.891 -2.988  -7.408  1.00 43.36 ? 1344 HOH A O   1 
HETATM 1168 O O   . HOH E 4 .   ? 24.676  -3.586  -0.215  1.00 43.72 ? 1345 HOH A O   1 
HETATM 1169 O O   . HOH E 4 .   ? -1.377  -1.587  -9.901  1.00 44.78 ? 1346 HOH A O   1 
HETATM 1170 O O   . HOH E 4 .   ? 20.094  -4.528  -5.011  1.00 35.89 ? 1347 HOH A O   1 
HETATM 1171 O O   . HOH E 4 .   ? 20.284  -6.068  -7.131  1.00 35.12 ? 1348 HOH A O   1 
HETATM 1172 O O   . HOH E 4 .   ? -15.007 -7.987  -4.222  1.00 40.44 ? 1349 HOH A O   1 
HETATM 1173 O O   . HOH E 4 .   ? -19.350 -7.406  14.721  1.00 54.19 ? 1350 HOH A O   1 
HETATM 1174 O O   . HOH E 4 .   ? 13.542  -13.242 -6.955  1.00 42.89 ? 1351 HOH A O   1 
HETATM 1175 O O   . HOH E 4 .   ? 10.190  10.594  -6.862  1.00 33.37 ? 1352 HOH A O   1 
HETATM 1176 O O   . HOH E 4 .   ? -6.050  -1.968  12.703  1.00 40.04 ? 1353 HOH A O   1 
HETATM 1177 O O   . HOH E 4 .   ? -8.327  5.374   15.257  1.00 46.94 ? 1354 HOH A O   1 
HETATM 1178 O O   . HOH E 4 .   ? -0.016  6.630   -15.576 1.00 57.68 ? 1355 HOH A O   1 
HETATM 1179 O O   . HOH E 4 .   ? 9.834   -8.278  2.970   1.00 29.44 ? 1356 HOH A O   1 
HETATM 1180 O O   . HOH E 4 .   ? 16.771  -9.671  3.692   1.00 49.94 ? 1357 HOH A O   1 
HETATM 1181 O O   . HOH E 4 .   ? -2.231  15.944  4.403   1.00 42.53 ? 1358 HOH A O   1 
HETATM 1182 O O   . HOH E 4 .   ? -14.807 7.558   3.962   1.00 38.85 ? 1359 HOH A O   1 
HETATM 1183 O O   . HOH E 4 .   ? -13.018 10.985  1.801   1.00 37.96 ? 1360 HOH A O   1 
HETATM 1184 O O   . HOH E 4 .   ? 23.804  8.392   -6.941  1.00 38.53 ? 1361 HOH A O   1 
HETATM 1185 O O   . HOH E 4 .   ? 6.984   -3.653  -7.618  1.00 31.88 ? 1362 HOH A O   1 
HETATM 1186 O O   . HOH E 4 .   ? 8.296   4.439   -11.178 1.00 31.68 ? 1363 HOH A O   1 
HETATM 1187 O O   . HOH E 4 .   ? -1.920  -5.418  6.275   1.00 39.06 ? 1364 HOH A O   1 
HETATM 1188 O O   . HOH E 4 .   ? -23.012 0.463   0.799   0.50 48.93 ? 1365 HOH A O   1 
HETATM 1189 O O   . HOH E 4 .   ? -12.906 13.396  2.197   1.00 59.20 ? 1366 HOH A O   1 
HETATM 1190 O O   . HOH E 4 .   ? 8.481   -2.494  -3.195  1.00 28.88 ? 1367 HOH A O   1 
HETATM 1191 O O   . HOH E 4 .   ? 19.711  -5.443  -0.999  1.00 33.85 ? 1368 HOH A O   1 
HETATM 1192 O O   . HOH E 4 .   ? 7.331   6.087   -15.019 1.00 47.83 ? 1369 HOH A O   1 
HETATM 1193 O O   . HOH E 4 .   ? 8.592   12.929  -6.242  1.00 34.46 ? 1370 HOH A O   1 
HETATM 1194 O O   . HOH E 4 .   ? 5.946   -2.611  -10.962 1.00 37.87 ? 1371 HOH A O   1 
HETATM 1195 O O   . HOH E 4 .   ? -0.237  0.964   9.902   1.00 38.25 ? 1372 HOH A O   1 
HETATM 1196 O O   . HOH E 4 .   ? 2.010   -9.894  -2.379  1.00 42.84 ? 1373 HOH A O   1 
HETATM 1197 O O   . HOH E 4 .   ? 1.332   -0.563  -14.496 1.00 50.64 ? 1374 HOH A O   1 
HETATM 1198 O O   . HOH E 4 .   ? -0.758  -10.370 2.064   1.00 37.57 ? 1375 HOH A O   1 
HETATM 1199 O O   . HOH E 4 .   ? 7.859   2.073   5.320   1.00 38.38 ? 1376 HOH A O   1 
HETATM 1200 O O   . HOH E 4 .   ? -10.889 13.975  10.908  1.00 42.74 ? 1377 HOH A O   1 
HETATM 1201 O O   . HOH E 4 .   ? 26.863  2.062   -1.914  1.00 40.84 ? 1378 HOH A O   1 
HETATM 1202 O O   . HOH E 4 .   ? 17.014  9.247   -2.809  1.00 34.93 ? 1379 HOH A O   1 
HETATM 1203 O O   . HOH E 4 .   ? 2.947   12.481  4.566   1.00 36.56 ? 1380 HOH A O   1 
HETATM 1204 O O   . HOH E 4 .   ? 7.182   -2.179  6.663   1.00 35.39 ? 1381 HOH A O   1 
HETATM 1205 O O   . HOH E 4 .   ? 1.703   11.158  -13.175 1.00 37.40 ? 1382 HOH A O   1 
HETATM 1206 O O   . HOH E 4 .   ? 23.170  6.426   -0.621  1.00 45.07 ? 1383 HOH A O   1 
HETATM 1207 O O   . HOH E 4 .   ? -8.696  8.057   14.105  1.00 43.01 ? 1384 HOH A O   1 
HETATM 1208 O O   . HOH E 4 .   ? 13.606  -0.861  4.773   1.00 41.04 ? 1385 HOH A O   1 
HETATM 1209 O O   . HOH E 4 .   ? -10.639 -4.814  2.298   1.00 27.51 ? 1386 HOH A O   1 
HETATM 1210 O O   . HOH E 4 .   ? -18.702 9.409   2.626   1.00 30.60 ? 1387 HOH A O   1 
HETATM 1211 O O   . HOH E 4 .   ? 17.535  -5.859  -10.506 1.00 45.66 ? 1388 HOH A O   1 
HETATM 1212 O O   . HOH E 4 .   ? -1.901  9.955   7.759   1.00 36.91 ? 1389 HOH A O   1 
HETATM 1213 O O   . HOH E 4 .   ? -5.091  -6.165  -9.098  1.00 38.70 ? 1390 HOH A O   1 
HETATM 1214 O O   . HOH E 4 .   ? -8.940  7.607   -7.839  1.00 43.56 ? 1391 HOH A O   1 
HETATM 1215 O O   . HOH E 4 .   ? -0.392  10.065  -6.522  1.00 34.04 ? 1392 HOH A O   1 
HETATM 1216 O O   . HOH E 4 .   ? -21.257 0.785   11.933  1.00 31.93 ? 1393 HOH A O   1 
HETATM 1217 O O   . HOH E 4 .   ? 7.384   -10.402 -6.247  1.00 42.05 ? 1394 HOH A O   1 
HETATM 1218 O O   . HOH E 4 .   ? -13.453 -5.008  3.988   1.00 32.90 ? 1395 HOH A O   1 
HETATM 1219 O O   . HOH E 4 .   ? -10.710 8.191   -1.288  1.00 46.73 ? 1396 HOH A O   1 
HETATM 1220 O O   . HOH E 4 .   ? -4.490  12.297  -6.356  1.00 43.99 ? 1397 HOH A O   1 
HETATM 1221 O O   . HOH E 4 .   ? -9.313  -9.610  -5.603  1.00 38.76 ? 1398 HOH A O   1 
HETATM 1222 O O   . HOH E 4 .   ? -8.917  18.284  5.604   1.00 45.72 ? 1399 HOH A O   1 
HETATM 1223 O O   . HOH E 4 .   ? -14.048 9.799   5.649   1.00 35.72 ? 1400 HOH A O   1 
HETATM 1224 O O   . HOH E 4 .   ? 6.741   -7.717  -5.638  1.00 37.29 ? 1401 HOH A O   1 
HETATM 1225 O O   . HOH E 4 .   ? 12.199  5.442   -14.747 1.00 46.33 ? 1402 HOH A O   1 
HETATM 1226 O O   . HOH E 4 .   ? 27.303  7.769   -10.223 1.00 52.18 ? 1403 HOH A O   1 
HETATM 1227 O O   . HOH E 4 .   ? -0.041  3.625   10.227  1.00 44.39 ? 1404 HOH A O   1 
HETATM 1228 O O   . HOH E 4 .   ? 19.301  -4.970  -10.085 1.00 50.70 ? 1405 HOH A O   1 
HETATM 1229 O O   . HOH E 4 .   ? -14.575 -11.338 -2.282  1.00 50.81 ? 1406 HOH A O   1 
HETATM 1230 O O   . HOH E 4 .   ? -7.092  10.553  9.568   1.00 54.07 ? 1407 HOH A O   1 
HETATM 1231 O O   . HOH E 4 .   ? -2.492  -9.840  -2.746  1.00 44.70 ? 1408 HOH A O   1 
HETATM 1232 O O   . HOH E 4 .   ? 21.538  9.649   -7.369  1.00 41.36 ? 1409 HOH A O   1 
HETATM 1233 O O   . HOH E 4 .   ? -0.836  13.556  -1.224  1.00 45.40 ? 1410 HOH A O   1 
HETATM 1234 O O   . HOH E 4 .   ? 9.925   3.241   5.116   1.00 52.62 ? 1411 HOH A O   1 
HETATM 1235 O O   . HOH E 4 .   ? 5.455   5.837   7.668   1.00 54.19 ? 1412 HOH A O   1 
HETATM 1236 O O   . HOH E 4 .   ? 4.860   10.967  6.117   1.00 58.56 ? 1413 HOH A O   1 
HETATM 1237 O O   . HOH E 4 .   ? 9.139   4.511   -13.959 1.00 45.87 ? 1414 HOH A O   1 
HETATM 1238 O O   . HOH E 4 .   ? -11.713 0.416   22.672  1.00 54.15 ? 1415 HOH A O   1 
HETATM 1239 O O   . HOH E 4 .   ? -4.863  -4.004  -10.417 1.00 47.98 ? 1416 HOH A O   1 
HETATM 1240 O O   . HOH E 4 .   ? 8.752   -8.552  5.449   1.00 44.96 ? 1417 HOH A O   1 
HETATM 1241 O O   . HOH E 4 .   ? 2.933   -10.422 -4.807  1.00 47.42 ? 1418 HOH A O   1 
HETATM 1242 O O   . HOH E 4 .   ? -1.773  -5.095  9.660   1.00 47.64 ? 1419 HOH A O   1 
HETATM 1243 O O   . HOH E 4 .   ? -11.677 14.676  6.574   1.00 50.05 ? 1420 HOH A O   1 
HETATM 1244 O O   . HOH E 4 .   ? -7.532  -7.065  -9.167  1.00 44.74 ? 1421 HOH A O   1 
HETATM 1245 O O   . HOH E 4 .   ? -15.256 -6.822  5.433   1.00 37.76 ? 1422 HOH A O   1 
HETATM 1246 O O   . HOH E 4 .   ? -11.801 3.795   -7.459  1.00 34.29 ? 1423 HOH A O   1 
HETATM 1247 O O   . HOH E 4 .   ? -1.571  -3.098  11.265  1.00 51.18 ? 1424 HOH A O   1 
HETATM 1248 O O   . HOH E 4 .   ? -12.112 -10.591 -5.565  1.00 43.94 ? 1425 HOH A O   1 
HETATM 1249 O O   . HOH E 4 .   ? 15.148  9.208   -0.557  1.00 43.48 ? 1426 HOH A O   1 
HETATM 1250 O O   . HOH E 4 .   ? 3.669   14.294  0.266   1.00 53.12 ? 1427 HOH A O   1 
HETATM 1251 O O   . HOH E 4 .   ? -11.191 4.928   22.360  1.00 52.21 ? 1428 HOH A O   1 
HETATM 1252 O O   . HOH E 4 .   ? 1.029   13.337  6.253   1.00 41.28 ? 1429 HOH A O   1 
HETATM 1253 O O   . HOH E 4 .   ? -14.372 7.956   -3.747  1.00 28.91 ? 1430 HOH A O   1 
HETATM 1254 O O   . HOH E 4 .   ? -4.282  10.520  9.491   1.00 46.23 ? 1431 HOH A O   1 
HETATM 1255 O O   . HOH E 4 .   ? -16.981 -10.839 -1.885  1.00 59.89 ? 1432 HOH A O   1 
HETATM 1256 O O   . HOH E 4 .   ? -4.739  -11.030 -2.763  1.00 35.02 ? 1433 HOH A O   1 
HETATM 1257 O O   . HOH E 4 .   ? 16.502  -0.290  4.669   1.00 45.87 ? 1434 HOH A O   1 
HETATM 1258 O O   . HOH E 4 .   ? 3.904   14.751  3.245   1.00 50.68 ? 1435 HOH A O   1 
HETATM 1259 O O   . HOH E 4 .   ? 9.505   -6.047  6.422   1.00 48.90 ? 1436 HOH A O   1 
HETATM 1260 O O   . HOH E 4 .   ? 27.730  -0.092  -3.215  1.00 52.74 ? 1437 HOH A O   1 
HETATM 1261 O O   . HOH E 4 .   ? 8.932   -11.984 -5.433  1.00 53.61 ? 1438 HOH A O   1 
HETATM 1262 O O   . HOH E 4 .   ? 0.259   11.641  8.486   1.00 42.67 ? 1439 HOH A O   1 
HETATM 1263 O O   . HOH E 4 .   ? 4.268   -1.187  9.469   1.00 42.23 ? 1440 HOH A O   1 
HETATM 1264 O O   . HOH E 4 .   ? 8.676   -14.448 -2.271  1.00 46.03 ? 1441 HOH A O   1 
HETATM 1265 O O   . HOH E 4 .   ? -0.461  -10.465 -1.888  1.00 52.80 ? 1442 HOH A O   1 
HETATM 1266 O O   . HOH E 4 .   ? 13.163  11.193  -0.155  1.00 51.72 ? 1443 HOH A O   1 
HETATM 1267 O O   . HOH E 4 .   ? 8.030   0.612   7.853   1.00 50.43 ? 1444 HOH A O   1 
HETATM 1268 O O   . HOH E 4 .   ? -14.772 5.976   -5.871  1.00 34.46 ? 1445 HOH A O   1 
HETATM 1269 O O   . HOH E 4 .   ? -1.681  -0.105  -12.733 1.00 57.01 ? 1446 HOH A O   1 
HETATM 1270 O O   . HOH E 4 .   ? 4.423   -5.378  7.873   1.00 46.88 ? 1447 HOH A O   1 
HETATM 1271 O O   . HOH E 4 .   ? -3.244  -12.397 -6.850  1.00 48.95 ? 1448 HOH A O   1 
HETATM 1272 O O   . HOH E 4 .   ? 2.128   4.686   -15.058 1.00 49.70 ? 1449 HOH A O   1 
HETATM 1273 O O   . HOH E 4 .   ? 1.468   15.044  -0.630  1.00 46.35 ? 1450 HOH A O   1 
HETATM 1274 O O   . HOH E 4 .   ? 4.980   -11.605 -5.878  1.00 48.64 ? 1451 HOH A O   1 
HETATM 1275 O O   . HOH E 4 .   ? 0.203   15.654  5.653   1.00 45.06 ? 1452 HOH A O   1 
HETATM 1276 O O   . HOH E 4 .   ? 12.482  0.851   6.036   1.00 45.65 ? 1453 HOH A O   1 
HETATM 1277 O O   . HOH E 4 .   ? -13.736 -12.515 -4.735  1.00 45.60 ? 1454 HOH A O   1 
HETATM 1278 O O   . HOH E 4 .   ? 1.447   -13.833 2.891   1.00 43.04 ? 1455 HOH A O   1 
HETATM 1279 O O   . HOH E 4 .   ? 3.880   7.813   10.944  1.00 68.05 ? 1456 HOH A O   1 
HETATM 1280 O O   . HOH E 4 .   ? -1.876  12.220  -5.524  1.00 47.31 ? 1457 HOH A O   1 
HETATM 1281 O O   . HOH E 4 .   ? -0.049  -4.579  9.723   1.00 58.49 ? 1458 HOH A O   1 
HETATM 1282 O O   . HOH E 4 .   ? -1.665  13.888  -3.334  1.00 43.85 ? 1459 HOH A O   1 
HETATM 1283 O O   . HOH E 4 .   ? 4.806   8.598   8.407   1.00 61.39 ? 1460 HOH A O   1 
HETATM 1284 O O   . HOH E 4 .   ? 17.215  -10.119 6.265   1.00 52.85 ? 1461 HOH A O   1 
HETATM 1285 O O   . HOH E 4 .   ? 0.859   17.315  0.998   1.00 52.81 ? 1462 HOH A O   1 
HETATM 1286 O O   . HOH E 4 .   ? 2.090   16.641  3.612   1.00 48.96 ? 1463 HOH A O   1 
HETATM 1287 O O   . HOH E 4 .   ? -6.578  -2.591  -11.145 1.00 57.21 ? 1464 HOH A O   1 
HETATM 1288 O O   . HOH E 4 .   ? 20.380  -17.084 -10.333 1.00 53.81 ? 1465 HOH A O   1 
HETATM 1289 O O   . HOH E 4 .   ? 8.480   -14.777 -5.177  1.00 52.92 ? 1466 HOH A O   1 
HETATM 1290 O O   . HOH E 4 .   ? 21.062  -15.700 -12.135 0.50 53.93 ? 1467 HOH A O   1 
HETATM 1291 O O   . HOH E 4 .   ? 5.051   -14.027 -4.652  1.00 51.33 ? 1468 HOH A O   1 
# 
